data_3CDM
# 
_entry.id   3CDM 
# 
_audit_conform.dict_name       mmcif_pdbx.dic 
_audit_conform.dict_version    5.380 
_audit_conform.dict_location   http://mmcif.pdb.org/dictionaries/ascii/mmcif_pdbx.dic 
# 
loop_
_database_2.database_id 
_database_2.database_code 
_database_2.pdbx_database_accession 
_database_2.pdbx_DOI 
PDB   3CDM         pdb_00003cdm 10.2210/pdb3cdm/pdb 
NDB   DD0092       ?            ?                   
RCSB  RCSB046646   ?            ?                   
WWPDB D_1000046646 ?            ?                   
# 
_pdbx_database_related.db_name        PDB 
_pdbx_database_related.db_id          3CCO 
_pdbx_database_related.details        'Human Telomeric Sequence bound to same ligand' 
_pdbx_database_related.content_type   unspecified 
# 
_pdbx_database_status.status_code                     REL 
_pdbx_database_status.entry_id                        3CDM 
_pdbx_database_status.recvd_initial_deposition_date   2008-02-27 
_pdbx_database_status.deposit_site                    RCSB 
_pdbx_database_status.process_site                    PDBJ 
_pdbx_database_status.status_code_sf                  REL 
_pdbx_database_status.status_code_mr                  ? 
_pdbx_database_status.SG_entry                        ? 
_pdbx_database_status.pdb_format_compatible           Y 
_pdbx_database_status.status_code_cs                  ? 
_pdbx_database_status.status_code_nmr_data            ? 
_pdbx_database_status.methods_development_category    ? 
# 
loop_
_audit_author.name 
_audit_author.pdbx_ordinal 
_audit_author.identifier_ORCID 
'Parkinson, G.N.' 1 ? 
'Neidle, S.'      2 ? 
# 
_citation.id                        primary 
_citation.title                     
;Topology conservation and loop flexibility in quadruplex-drug recognition: crystal structures of inter- and intramolecular telomeric DNA quadruplex-drug complexes
;
_citation.journal_abbrev            J.Mol.Biol. 
_citation.journal_volume            381 
_citation.page_first                1145 
_citation.page_last                 1156 
_citation.year                      2008 
_citation.journal_id_ASTM           JMOBAK 
_citation.country                   UK 
_citation.journal_id_ISSN           0022-2836 
_citation.journal_id_CSD            0070 
_citation.book_publisher            ? 
_citation.pdbx_database_id_PubMed   18619463 
_citation.pdbx_database_id_DOI      10.1016/j.jmb.2008.06.022 
# 
loop_
_citation_author.citation_id 
_citation_author.name 
_citation_author.ordinal 
_citation_author.identifier_ORCID 
primary 'Parkinson, G.N.' 1 ? 
primary 'Cuenca, F.'      2 ? 
primary 'Neidle, S.'      3 ? 
# 
_cell.entry_id           3CDM 
_cell.length_a           39.575 
_cell.length_b           43.084 
_cell.length_c           56.937 
_cell.angle_alpha        90.00 
_cell.angle_beta         103.58 
_cell.angle_gamma        90.00 
_cell.Z_PDB              4 
_cell.pdbx_unique_axis   ? 
_cell.length_a_esd       ? 
_cell.length_b_esd       ? 
_cell.length_c_esd       ? 
_cell.angle_alpha_esd    ? 
_cell.angle_beta_esd     ? 
_cell.angle_gamma_esd    ? 
# 
_symmetry.entry_id                         3CDM 
_symmetry.space_group_name_H-M             'P 1 21 1' 
_symmetry.pdbx_full_space_group_name_H-M   ? 
_symmetry.cell_setting                     ? 
_symmetry.Int_Tables_number                4 
_symmetry.space_group_name_Hall            ? 
# 
loop_
_entity.id 
_entity.type 
_entity.src_method 
_entity.pdbx_description 
_entity.formula_weight 
_entity.pdbx_number_of_molecules 
_entity.pdbx_ec 
_entity.pdbx_mutation 
_entity.pdbx_fragment 
_entity.details 
1 polymer     syn 
;DNA (5'-D(*DT*DAP*DGP*DGP*DGP*DTP*DTP*DAP*DGP*DGP*DGP*DTP*DTP*DAP*DGP*DGP*DGP*DTP*DTP*DAP*DGP*DGP*DG)-3')
;
7287.690 2   ? ? ? ? 
2 non-polymer syn 
'2,7-bis[3-(dimethylamino)propyl]-4,9-bis[(3-hydroxypropyl)amino]benzo[lmn][3,8]phenanthroline-1,3,6,8(2H,7H)-tetrone' 582.691  6 
? ? ? ? 
3 non-polymer syn 'POTASSIUM ION' 39.098   4   ? ? ? ? 
4 water       nat water 18.015   158 ? ? ? ? 
# 
_entity_name_com.entity_id   1 
_entity_name_com.name        TELOMERE 
# 
_entity_poly.entity_id                      1 
_entity_poly.type                           polydeoxyribonucleotide 
_entity_poly.nstd_linkage                   no 
_entity_poly.nstd_monomer                   no 
_entity_poly.pdbx_seq_one_letter_code       
;(DT)(DA)(DG)(DG)(DG)(DT)(DT)(DA)(DG)(DG)(DG)(DT)(DT)(DA)(DG)(DG)(DG)(DT)(DT)(DA)
(DG)(DG)(DG)
;
_entity_poly.pdbx_seq_one_letter_code_can   TAGGGTTAGGGTTAGGGTTAGGG 
_entity_poly.pdbx_strand_id                 A,B 
_entity_poly.pdbx_target_identifier         ? 
# 
loop_
_entity_poly_seq.entity_id 
_entity_poly_seq.num 
_entity_poly_seq.mon_id 
_entity_poly_seq.hetero 
1 1  DT n 
1 2  DA n 
1 3  DG n 
1 4  DG n 
1 5  DG n 
1 6  DT n 
1 7  DT n 
1 8  DA n 
1 9  DG n 
1 10 DG n 
1 11 DG n 
1 12 DT n 
1 13 DT n 
1 14 DA n 
1 15 DG n 
1 16 DG n 
1 17 DG n 
1 18 DT n 
1 19 DT n 
1 20 DA n 
1 21 DG n 
1 22 DG n 
1 23 DG n 
# 
_pdbx_entity_src_syn.entity_id              1 
_pdbx_entity_src_syn.pdbx_src_id            1 
_pdbx_entity_src_syn.pdbx_alt_source_flag   sample 
_pdbx_entity_src_syn.pdbx_beg_seq_num       ? 
_pdbx_entity_src_syn.pdbx_end_seq_num       ? 
_pdbx_entity_src_syn.organism_scientific    ? 
_pdbx_entity_src_syn.organism_common_name   ? 
_pdbx_entity_src_syn.ncbi_taxonomy_id       ? 
_pdbx_entity_src_syn.details                'This sequence occurs naturally in humans' 
# 
_struct_ref.id                         1 
_struct_ref.db_name                    PDB 
_struct_ref.db_code                    3CDM 
_struct_ref.pdbx_db_accession          3CDM 
_struct_ref.entity_id                  1 
_struct_ref.pdbx_seq_one_letter_code   TAGGGTTAGGGTTAGGGTTAGGG 
_struct_ref.pdbx_align_begin           1 
_struct_ref.pdbx_db_isoform            ? 
# 
loop_
_struct_ref_seq.align_id 
_struct_ref_seq.ref_id 
_struct_ref_seq.pdbx_PDB_id_code 
_struct_ref_seq.pdbx_strand_id 
_struct_ref_seq.seq_align_beg 
_struct_ref_seq.pdbx_seq_align_beg_ins_code 
_struct_ref_seq.seq_align_end 
_struct_ref_seq.pdbx_seq_align_end_ins_code 
_struct_ref_seq.pdbx_db_accession 
_struct_ref_seq.db_align_beg 
_struct_ref_seq.pdbx_db_align_beg_ins_code 
_struct_ref_seq.db_align_end 
_struct_ref_seq.pdbx_db_align_end_ins_code 
_struct_ref_seq.pdbx_auth_seq_align_beg 
_struct_ref_seq.pdbx_auth_seq_align_end 
1 1 3CDM A 1 ? 23 ? 3CDM 1 ? 23 ? 1 23 
2 1 3CDM B 1 ? 23 ? 3CDM 1 ? 23 ? 1 23 
# 
loop_
_chem_comp.id 
_chem_comp.type 
_chem_comp.mon_nstd_flag 
_chem_comp.name 
_chem_comp.pdbx_synonyms 
_chem_comp.formula 
_chem_comp.formula_weight 
DA  'DNA linking' y "2'-DEOXYADENOSINE-5'-MONOPHOSPHATE" ? 'C10 H14 N5 O6 P' 331.222 
DG  'DNA linking' y "2'-DEOXYGUANOSINE-5'-MONOPHOSPHATE" ? 'C10 H14 N5 O7 P' 347.221 
DT  'DNA linking' y "THYMIDINE-5'-MONOPHOSPHATE" ? 'C10 H15 N2 O8 P' 322.208 
HOH non-polymer   . WATER ? 'H2 O'            18.015  
K   non-polymer   . 'POTASSIUM ION' ? 'K 1'             39.098  
NII non-polymer   . 
'2,7-bis[3-(dimethylamino)propyl]-4,9-bis[(3-hydroxypropyl)amino]benzo[lmn][3,8]phenanthroline-1,3,6,8(2H,7H)-tetrone' ? 
'C30 H42 N6 O6'   582.691 
# 
_exptl.entry_id          3CDM 
_exptl.method            'X-RAY DIFFRACTION' 
_exptl.crystals_number   1 
# 
_exptl_crystal.id                    1 
_exptl_crystal.density_meas          ? 
_exptl_crystal.density_Matthews      3.24 
_exptl_crystal.density_percent_sol   62.00 
_exptl_crystal.description           ? 
_exptl_crystal.F_000                 ? 
_exptl_crystal.preparation           ? 
# 
_exptl_crystal_grow.crystal_id      1 
_exptl_crystal_grow.method          'VAPOR DIFFUSION, HANGING DROP' 
_exptl_crystal_grow.temp            283 
_exptl_crystal_grow.temp_details    ? 
_exptl_crystal_grow.pH              6.5 
_exptl_crystal_grow.pdbx_details    
;333mM ammonium sulfate, 10mM magnesium chloride, 50mM sodium chloride, 50mM potassium chloride, 50mM potassium cacodylate pH 6.5, VAPOR DIFFUSION, HANGING DROP, temperature 283K
;
_exptl_crystal_grow.pdbx_pH_range   . 
# 
loop_
_exptl_crystal_grow_comp.crystal_id 
_exptl_crystal_grow_comp.id 
_exptl_crystal_grow_comp.sol_id 
_exptl_crystal_grow_comp.name 
_exptl_crystal_grow_comp.volume 
_exptl_crystal_grow_comp.conc 
_exptl_crystal_grow_comp.details 
1 1  1 'ammonium sulphate'    ? ? ? 
1 2  1 'magnesium chloride'   ? ? ? 
1 3  1 'sodium chloride'      ? ? ? 
1 4  1 'potassium chloride'   ? ? ? 
1 5  1 'potassium cacodylate' ? ? ? 
1 6  1 HOH                    ? ? ? 
1 7  2 'ammonium sulphate'    ? ? ? 
1 8  2 'magnesium chloride'   ? ? ? 
1 9  2 'sodium chloride'      ? ? ? 
1 10 2 'potassium chloride'   ? ? ? 
1 11 2 'potassium cacodylate' ? ? ? 
1 12 2 HOH                    ? ? ? 
# 
_diffrn.id                     1 
_diffrn.ambient_temp           100 
_diffrn.ambient_temp_details   ? 
_diffrn.crystal_id             1 
# 
_diffrn_detector.diffrn_id              1 
_diffrn_detector.detector               CCD 
_diffrn_detector.type                   'ADSC QUANTUM 210' 
_diffrn_detector.pdbx_collection_date   2007-10-07 
_diffrn_detector.details                Monochromator 
# 
_diffrn_radiation.diffrn_id                        1 
_diffrn_radiation.wavelength_id                    1 
_diffrn_radiation.pdbx_monochromatic_or_laue_m_l   M 
_diffrn_radiation.monochromator                    'Si 111 CHANNEL' 
_diffrn_radiation.pdbx_diffrn_protocol             'SINGLE WAVELENGTH' 
_diffrn_radiation.pdbx_scattering_type             x-ray 
# 
_diffrn_radiation_wavelength.id           1 
_diffrn_radiation_wavelength.wavelength   0.9785 
_diffrn_radiation_wavelength.wt           1.0 
# 
_diffrn_source.diffrn_id                   1 
_diffrn_source.source                      SYNCHROTRON 
_diffrn_source.type                        'ESRF BEAMLINE ID14-1' 
_diffrn_source.pdbx_synchrotron_site       ESRF 
_diffrn_source.pdbx_synchrotron_beamline   ID14-1 
_diffrn_source.pdbx_wavelength             ? 
_diffrn_source.pdbx_wavelength_list        0.9785 
# 
_reflns.entry_id                     3CDM 
_reflns.observed_criterion_sigma_F   ? 
_reflns.observed_criterion_sigma_I   0 
_reflns.d_resolution_high            2.1 
_reflns.d_resolution_low             28.69 
_reflns.number_all                   10055 
_reflns.number_obs                   10055 
_reflns.percent_possible_obs         91.0 
_reflns.pdbx_Rmerge_I_obs            0.036 
_reflns.pdbx_Rsym_value              ? 
_reflns.pdbx_netI_over_sigmaI        17.9 
_reflns.B_iso_Wilson_estimate        46 
_reflns.pdbx_redundancy              2.86 
_reflns.R_free_details               ? 
_reflns.pdbx_chi_squared             ? 
_reflns.pdbx_scaling_rejects         ? 
_reflns.pdbx_diffrn_id               1 
_reflns.pdbx_ordinal                 1 
# 
_reflns_shell.d_res_high             2.1 
_reflns_shell.d_res_low              2.18 
_reflns_shell.percent_possible_all   95.9 
_reflns_shell.Rmerge_I_obs           0.116 
_reflns_shell.pdbx_Rsym_value        ? 
_reflns_shell.meanI_over_sigI_obs    6.4 
_reflns_shell.pdbx_redundancy        2.94 
_reflns_shell.percent_possible_obs   ? 
_reflns_shell.number_unique_all      1041 
_reflns_shell.number_measured_all    ? 
_reflns_shell.number_measured_obs    ? 
_reflns_shell.number_unique_obs      ? 
_reflns_shell.pdbx_chi_squared       ? 
_reflns_shell.pdbx_diffrn_id         ? 
_reflns_shell.pdbx_ordinal           1 
# 
_refine.entry_id                                 3CDM 
_refine.ls_number_reflns_obs                     9497 
_refine.ls_number_reflns_all                     9497 
_refine.pdbx_ls_sigma_I                          ? 
_refine.pdbx_ls_sigma_F                          0 
_refine.pdbx_data_cutoff_high_absF               ? 
_refine.pdbx_data_cutoff_low_absF                ? 
_refine.pdbx_data_cutoff_high_rms_absF           ? 
_refine.ls_d_res_low                             10.00 
_refine.ls_d_res_high                            2.10 
_refine.ls_percent_reflns_obs                    91.26 
_refine.ls_R_factor_obs                          0.23409 
_refine.ls_R_factor_all                          ? 
_refine.ls_R_factor_R_work                       0.23409 
_refine.ls_R_factor_R_free                       0.29491 
_refine.ls_R_factor_R_free_error                 ? 
_refine.ls_R_factor_R_free_error_details         ? 
_refine.ls_percent_reflns_R_free                 4.8 
_refine.ls_number_reflns_R_free                  478 
_refine.ls_number_parameters                     ? 
_refine.ls_number_restraints                     ? 
_refine.occupancy_min                            ? 
_refine.occupancy_max                            ? 
_refine.correlation_coeff_Fo_to_Fc               0.936 
_refine.correlation_coeff_Fo_to_Fc_free          0.886 
_refine.B_iso_mean                               26.776 
_refine.aniso_B[1][1]                            0.51 
_refine.aniso_B[2][2]                            -1.42 
_refine.aniso_B[3][3]                            1.15 
_refine.aniso_B[1][2]                            0.00 
_refine.aniso_B[1][3]                            0.53 
_refine.aniso_B[2][3]                            0.00 
_refine.solvent_model_details                    ? 
_refine.solvent_model_param_ksol                 ? 
_refine.solvent_model_param_bsol                 ? 
_refine.pdbx_solvent_vdw_probe_radii             ? 
_refine.pdbx_solvent_ion_probe_radii             ? 
_refine.pdbx_solvent_shrinkage_radii             ? 
_refine.pdbx_ls_cross_valid_method               THROUGHOUT 
_refine.details                                  ? 
_refine.pdbx_starting_model                      'PDB ENTRY 1KF1' 
_refine.pdbx_method_to_determine_struct          'MOLECULAR REPLACEMENT' 
_refine.pdbx_isotropic_thermal_model             Overall 
_refine.pdbx_stereochemistry_target_values       'MAXIMUM LIKELIHOOD' 
_refine.pdbx_stereochem_target_val_spec_case     ? 
_refine.pdbx_R_Free_selection_details            RANDOM 
_refine.pdbx_overall_ESU_R                       0.295 
_refine.pdbx_overall_ESU_R_Free                  0.246 
_refine.overall_SU_ML                            0.152 
_refine.overall_SU_B                             5.422 
_refine.ls_redundancy_reflns_obs                 ? 
_refine.overall_SU_R_Cruickshank_DPI             ? 
_refine.overall_SU_R_free                        ? 
_refine.ls_wR_factor_R_free                      ? 
_refine.ls_wR_factor_R_work                      ? 
_refine.overall_FOM_free_R_set                   ? 
_refine.overall_FOM_work_R_set                   ? 
_refine.pdbx_overall_phase_error                 ? 
_refine.pdbx_refine_id                           'X-RAY DIFFRACTION' 
_refine.pdbx_diffrn_id                           1 
_refine.pdbx_TLS_residual_ADP_flag               ? 
_refine.pdbx_overall_SU_R_free_Cruickshank_DPI   ? 
_refine.pdbx_overall_SU_R_Blow_DPI               ? 
_refine.pdbx_overall_SU_R_free_Blow_DPI          ? 
# 
_refine_analyze.entry_id                        3CDM 
_refine_analyze.Luzzati_coordinate_error_obs    0.267 
_refine_analyze.Luzzati_sigma_a_obs             ? 
_refine_analyze.Luzzati_d_res_low_obs           ? 
_refine_analyze.Luzzati_coordinate_error_free   ? 
_refine_analyze.Luzzati_sigma_a_free            ? 
_refine_analyze.Luzzati_d_res_low_free          ? 
_refine_analyze.number_disordered_residues      ? 
_refine_analyze.occupancy_sum_non_hydrogen      ? 
_refine_analyze.occupancy_sum_hydrogen          ? 
_refine_analyze.pdbx_refine_id                  'X-RAY DIFFRACTION' 
# 
_refine_hist.pdbx_refine_id                   'X-RAY DIFFRACTION' 
_refine_hist.cycle_id                         LAST 
_refine_hist.pdbx_number_atoms_protein        0 
_refine_hist.pdbx_number_atoms_nucleic_acid   950 
_refine_hist.pdbx_number_atoms_ligand         256 
_refine_hist.number_atoms_solvent             158 
_refine_hist.number_atoms_total               1364 
_refine_hist.d_res_high                       2.10 
_refine_hist.d_res_low                        10.00 
# 
loop_
_refine_ls_restr.type 
_refine_ls_restr.dev_ideal 
_refine_ls_restr.dev_ideal_target 
_refine_ls_restr.weight 
_refine_ls_restr.number 
_refine_ls_restr.pdbx_refine_id 
_refine_ls_restr.pdbx_restraint_function 
r_bond_refined_d         0.019 0.021 ? 1340 'X-RAY DIFFRACTION' ? 
r_angle_refined_deg      2.804 3.000 ? 2042 'X-RAY DIFFRACTION' ? 
r_chiral_restr           0.125 0.200 ? 190  'X-RAY DIFFRACTION' ? 
r_gen_planes_refined     0.016 0.020 ? 649  'X-RAY DIFFRACTION' ? 
r_nbd_refined            0.342 0.200 ? 510  'X-RAY DIFFRACTION' ? 
r_nbtor_refined          0.331 0.200 ? 774  'X-RAY DIFFRACTION' ? 
r_xyhbond_nbd_refined    0.219 0.200 ? 98   'X-RAY DIFFRACTION' ? 
r_metal_ion_refined      0.107 0.200 ? 13   'X-RAY DIFFRACTION' ? 
r_symmetry_vdw_refined   0.170 0.200 ? 91   'X-RAY DIFFRACTION' ? 
r_symmetry_hbond_refined 0.126 0.200 ? 4    'X-RAY DIFFRACTION' ? 
r_scbond_it              2.779 3.000 ? 1986 'X-RAY DIFFRACTION' ? 
r_scangle_it             4.226 4.500 ? 2042 'X-RAY DIFFRACTION' ? 
# 
_refine_ls_shell.pdbx_total_number_of_bins_used   20 
_refine_ls_shell.d_res_high                       2.100 
_refine_ls_shell.d_res_low                        2.152 
_refine_ls_shell.number_reflns_R_work             693 
_refine_ls_shell.R_factor_R_work                  0.317 
_refine_ls_shell.percent_reflns_obs               95.80 
_refine_ls_shell.R_factor_R_free                  0.374 
_refine_ls_shell.R_factor_R_free_error            ? 
_refine_ls_shell.percent_reflns_R_free            ? 
_refine_ls_shell.number_reflns_R_free             37 
_refine_ls_shell.number_reflns_all                ? 
_refine_ls_shell.R_factor_all                     ? 
_refine_ls_shell.number_reflns_obs                693 
_refine_ls_shell.redundancy_reflns_obs            ? 
_refine_ls_shell.pdbx_refine_id                   'X-RAY DIFFRACTION' 
# 
_struct.entry_id                  3CDM 
_struct.title                     'Structural adaptation and conservation in quadruplex-drug recognition' 
_struct.pdbx_model_details        ? 
_struct.pdbx_CASP_flag            ? 
_struct.pdbx_model_type_details   ? 
# 
_struct_keywords.entry_id        3CDM 
_struct_keywords.pdbx_keywords   DNA 
_struct_keywords.text            'QUADRUPLEX, DNA, PROPELLER, INTRAMOLECULAR, HUMAN TELOMERE PARALLEL STRANDED, LIGAND, COMPLEX' 
# 
loop_
_struct_asym.id 
_struct_asym.pdbx_blank_PDB_chainid_flag 
_struct_asym.pdbx_modified 
_struct_asym.entity_id 
_struct_asym.details 
A N N 1 ? 
B N N 1 ? 
C N N 2 ? 
D N N 2 ? 
E N N 3 ? 
F N N 3 ? 
G N N 2 ? 
H N N 2 ? 
I N N 2 ? 
J N N 2 ? 
K N N 3 ? 
L N N 3 ? 
M N N 4 ? 
N N N 4 ? 
# 
loop_
_struct_conn.id 
_struct_conn.conn_type_id 
_struct_conn.pdbx_leaving_atom_flag 
_struct_conn.pdbx_PDB_id 
_struct_conn.ptnr1_label_asym_id 
_struct_conn.ptnr1_label_comp_id 
_struct_conn.ptnr1_label_seq_id 
_struct_conn.ptnr1_label_atom_id 
_struct_conn.pdbx_ptnr1_label_alt_id 
_struct_conn.pdbx_ptnr1_PDB_ins_code 
_struct_conn.pdbx_ptnr1_standard_comp_id 
_struct_conn.ptnr1_symmetry 
_struct_conn.ptnr2_label_asym_id 
_struct_conn.ptnr2_label_comp_id 
_struct_conn.ptnr2_label_seq_id 
_struct_conn.ptnr2_label_atom_id 
_struct_conn.pdbx_ptnr2_label_alt_id 
_struct_conn.pdbx_ptnr2_PDB_ins_code 
_struct_conn.ptnr1_auth_asym_id 
_struct_conn.ptnr1_auth_comp_id 
_struct_conn.ptnr1_auth_seq_id 
_struct_conn.ptnr2_auth_asym_id 
_struct_conn.ptnr2_auth_comp_id 
_struct_conn.ptnr2_auth_seq_id 
_struct_conn.ptnr2_symmetry 
_struct_conn.pdbx_ptnr3_label_atom_id 
_struct_conn.pdbx_ptnr3_label_seq_id 
_struct_conn.pdbx_ptnr3_label_comp_id 
_struct_conn.pdbx_ptnr3_label_asym_id 
_struct_conn.pdbx_ptnr3_label_alt_id 
_struct_conn.pdbx_ptnr3_PDB_ins_code 
_struct_conn.details 
_struct_conn.pdbx_dist_value 
_struct_conn.pdbx_value_order 
_struct_conn.pdbx_role 
metalc1  metalc ? ? A DG 3  O6 ? ? ? 1_555 F K  .  K  ? ? A DG 3  A K  25 1_555 ? ? ? ? ? ? ?               2.833 ? ? 
metalc2  metalc ? ? A DG 4  O6 ? ? ? 1_555 E K  .  K  ? ? A DG 4  A K  24 1_555 ? ? ? ? ? ? ?               2.920 ? ? 
metalc3  metalc ? ? A DG 4  O6 ? ? ? 1_555 F K  .  K  ? ? A DG 4  A K  25 1_555 ? ? ? ? ? ? ?               3.000 ? ? 
metalc4  metalc ? ? A DG 5  O6 ? ? ? 1_555 E K  .  K  ? ? A DG 5  A K  24 1_555 ? ? ? ? ? ? ?               2.709 ? ? 
metalc5  metalc ? ? A DG 9  O6 ? ? ? 1_555 F K  .  K  ? ? A DG 9  A K  25 1_555 ? ? ? ? ? ? ?               2.754 ? ? 
metalc6  metalc ? ? A DG 10 O6 ? ? ? 1_555 E K  .  K  ? ? A DG 10 A K  24 1_555 ? ? ? ? ? ? ?               2.934 ? ? 
metalc7  metalc ? ? A DG 10 O6 ? ? ? 1_555 F K  .  K  ? ? A DG 10 A K  25 1_555 ? ? ? ? ? ? ?               2.959 ? ? 
metalc8  metalc ? ? A DG 11 O6 ? ? ? 1_555 E K  .  K  ? ? A DG 11 A K  24 1_555 ? ? ? ? ? ? ?               2.762 ? ? 
metalc9  metalc ? ? A DG 15 O6 ? ? ? 1_555 F K  .  K  ? ? A DG 15 A K  25 1_555 ? ? ? ? ? ? ?               2.740 ? ? 
metalc10 metalc ? ? A DG 16 O6 ? ? ? 1_555 E K  .  K  ? ? A DG 16 A K  24 1_555 ? ? ? ? ? ? ?               2.894 ? ? 
metalc11 metalc ? ? A DG 16 O6 ? ? ? 1_555 F K  .  K  ? ? A DG 16 A K  25 1_555 ? ? ? ? ? ? ?               2.985 ? ? 
metalc12 metalc ? ? A DG 17 O6 ? ? ? 1_555 E K  .  K  ? ? A DG 17 A K  24 1_555 ? ? ? ? ? ? ?               2.702 ? ? 
metalc13 metalc ? ? A DG 21 O6 ? ? ? 1_555 F K  .  K  ? ? A DG 21 A K  25 1_555 ? ? ? ? ? ? ?               2.731 ? ? 
metalc14 metalc ? ? A DG 22 O6 ? ? ? 1_555 E K  .  K  ? ? A DG 22 A K  24 1_555 ? ? ? ? ? ? ?               2.968 ? ? 
metalc15 metalc ? ? A DG 22 O6 ? ? ? 1_555 F K  .  K  ? ? A DG 22 A K  25 1_555 ? ? ? ? ? ? ?               2.989 ? ? 
metalc16 metalc ? ? A DG 23 O6 ? ? ? 1_555 E K  .  K  ? ? A DG 23 A K  24 1_555 ? ? ? ? ? ? ?               2.667 ? ? 
metalc17 metalc ? ? B DG 3  O6 ? ? ? 1_555 L K  .  K  ? ? B DG 3  B K  25 1_555 ? ? ? ? ? ? ?               2.790 ? ? 
metalc18 metalc ? ? B DG 4  O6 ? ? ? 1_555 L K  .  K  ? ? B DG 4  B K  25 1_555 ? ? ? ? ? ? ?               2.866 ? ? 
metalc19 metalc ? ? B DG 5  O6 ? ? ? 1_555 K K  .  K  ? ? B DG 5  B K  24 1_555 ? ? ? ? ? ? ?               2.648 ? ? 
metalc20 metalc ? ? B DG 9  O6 ? ? ? 1_555 L K  .  K  ? ? B DG 9  B K  25 1_555 ? ? ? ? ? ? ?               2.675 ? ? 
metalc21 metalc ? ? B DG 10 O6 ? ? ? 1_555 L K  .  K  ? ? B DG 10 B K  25 1_555 ? ? ? ? ? ? ?               2.917 ? ? 
metalc22 metalc ? ? B DG 11 O6 ? ? ? 1_555 K K  .  K  ? ? B DG 11 B K  24 1_555 ? ? ? ? ? ? ?               2.565 ? ? 
metalc23 metalc ? ? B DG 15 O6 ? ? ? 1_555 L K  .  K  ? ? B DG 15 B K  25 1_555 ? ? ? ? ? ? ?               2.886 ? ? 
metalc24 metalc ? ? B DG 16 O6 ? ? ? 1_555 L K  .  K  ? ? B DG 16 B K  25 1_555 ? ? ? ? ? ? ?               2.950 ? ? 
metalc25 metalc ? ? B DG 17 O6 ? ? ? 1_555 K K  .  K  ? ? B DG 17 B K  24 1_555 ? ? ? ? ? ? ?               2.697 ? ? 
metalc26 metalc ? ? B DG 21 O6 ? ? ? 1_555 L K  .  K  ? ? B DG 21 B K  25 1_555 ? ? ? ? ? ? ?               2.888 ? ? 
metalc27 metalc ? ? B DG 23 O6 ? ? ? 1_555 K K  .  K  ? ? B DG 23 B K  24 1_555 ? ? ? ? ? ? ?               2.658 ? ? 
hydrog1  hydrog ? ? A DA 2  N1 ? ? ? 1_555 B DT 13 N3 ? ? A DA 2  B DT 13 1_555 ? ? ? ? ? ? WATSON-CRICK    ?     ? ? 
hydrog2  hydrog ? ? A DA 2  N6 ? ? ? 1_555 B DT 13 O4 ? ? A DA 2  B DT 13 1_555 ? ? ? ? ? ? WATSON-CRICK    ?     ? ? 
hydrog3  hydrog ? ? A DG 3  N1 ? ? ? 1_555 A DG 9  O6 ? ? A DG 3  A DG 9  1_555 ? ? ? ? ? ? TYPE_6_PAIR     ?     ? ? 
hydrog4  hydrog ? ? A DG 3  N2 ? ? ? 1_555 A DG 9  N7 ? ? A DG 3  A DG 9  1_555 ? ? ? ? ? ? TYPE_6_PAIR     ?     ? ? 
hydrog5  hydrog ? ? A DG 3  N7 ? ? ? 1_555 A DG 21 N2 ? ? A DG 3  A DG 21 1_555 ? ? ? ? ? ? TYPE_6_PAIR     ?     ? ? 
hydrog6  hydrog ? ? A DG 3  O6 ? ? ? 1_555 A DG 21 N1 ? ? A DG 3  A DG 21 1_555 ? ? ? ? ? ? TYPE_6_PAIR     ?     ? ? 
hydrog7  hydrog ? ? A DG 4  N2 ? ? ? 1_555 A DT 6  O4 ? ? A DG 4  A DT 6  1_555 ? ? ? ? ? ? 'DG-DT MISPAIR' ?     ? ? 
hydrog8  hydrog ? ? A DG 4  N1 ? ? ? 1_555 A DG 10 O6 ? ? A DG 4  A DG 10 1_555 ? ? ? ? ? ? TYPE_6_PAIR     ?     ? ? 
hydrog9  hydrog ? ? A DG 4  N2 ? ? ? 1_555 A DG 10 N7 ? ? A DG 4  A DG 10 1_555 ? ? ? ? ? ? TYPE_6_PAIR     ?     ? ? 
hydrog10 hydrog ? ? A DG 4  N7 ? ? ? 1_555 A DG 22 N2 ? ? A DG 4  A DG 22 1_555 ? ? ? ? ? ? TYPE_6_PAIR     ?     ? ? 
hydrog11 hydrog ? ? A DG 4  O6 ? ? ? 1_555 A DG 22 N1 ? ? A DG 4  A DG 22 1_555 ? ? ? ? ? ? TYPE_6_PAIR     ?     ? ? 
hydrog12 hydrog ? ? A DG 5  N1 ? ? ? 1_555 A DG 11 O6 ? ? A DG 5  A DG 11 1_555 ? ? ? ? ? ? TYPE_6_PAIR     ?     ? ? 
hydrog13 hydrog ? ? A DG 5  N2 ? ? ? 1_555 A DG 11 N7 ? ? A DG 5  A DG 11 1_555 ? ? ? ? ? ? TYPE_6_PAIR     ?     ? ? 
hydrog14 hydrog ? ? A DG 5  N7 ? ? ? 1_555 A DG 23 N2 ? ? A DG 5  A DG 23 1_555 ? ? ? ? ? ? TYPE_6_PAIR     ?     ? ? 
hydrog15 hydrog ? ? A DG 5  O6 ? ? ? 1_555 A DG 23 N1 ? ? A DG 5  A DG 23 1_555 ? ? ? ? ? ? TYPE_6_PAIR     ?     ? ? 
hydrog16 hydrog ? ? A DG 9  N1 ? ? ? 1_555 A DG 15 O6 ? ? A DG 9  A DG 15 1_555 ? ? ? ? ? ? TYPE_6_PAIR     ?     ? ? 
hydrog17 hydrog ? ? A DG 9  N2 ? ? ? 1_555 A DG 15 N7 ? ? A DG 9  A DG 15 1_555 ? ? ? ? ? ? TYPE_6_PAIR     ?     ? ? 
hydrog18 hydrog ? ? A DG 10 N1 ? ? ? 1_555 A DG 16 O6 ? ? A DG 10 A DG 16 1_555 ? ? ? ? ? ? TYPE_6_PAIR     ?     ? ? 
hydrog19 hydrog ? ? A DG 10 N2 ? ? ? 1_555 A DG 16 N7 ? ? A DG 10 A DG 16 1_555 ? ? ? ? ? ? TYPE_6_PAIR     ?     ? ? 
hydrog20 hydrog ? ? A DG 11 N1 ? ? ? 1_555 A DG 17 O6 ? ? A DG 11 A DG 17 1_555 ? ? ? ? ? ? TYPE_6_PAIR     ?     ? ? 
hydrog21 hydrog ? ? A DG 11 N2 ? ? ? 1_555 A DG 17 N7 ? ? A DG 11 A DG 17 1_555 ? ? ? ? ? ? TYPE_6_PAIR     ?     ? ? 
hydrog22 hydrog ? ? A DT 13 N3 ? ? ? 1_555 B DA 2  N1 ? ? A DT 13 B DA 2  1_555 ? ? ? ? ? ? WATSON-CRICK    ?     ? ? 
hydrog23 hydrog ? ? A DT 13 O4 ? ? ? 1_555 B DA 2  N6 ? ? A DT 13 B DA 2  1_555 ? ? ? ? ? ? WATSON-CRICK    ?     ? ? 
hydrog24 hydrog ? ? A DG 15 N1 ? ? ? 1_555 A DG 21 O6 ? ? A DG 15 A DG 21 1_555 ? ? ? ? ? ? TYPE_6_PAIR     ?     ? ? 
hydrog25 hydrog ? ? A DG 15 N2 ? ? ? 1_555 A DG 21 N7 ? ? A DG 15 A DG 21 1_555 ? ? ? ? ? ? TYPE_6_PAIR     ?     ? ? 
hydrog26 hydrog ? ? A DG 16 N1 ? ? ? 1_555 A DG 22 O6 ? ? A DG 16 A DG 22 1_555 ? ? ? ? ? ? TYPE_6_PAIR     ?     ? ? 
hydrog27 hydrog ? ? A DG 16 N2 ? ? ? 1_555 A DG 22 N7 ? ? A DG 16 A DG 22 1_555 ? ? ? ? ? ? TYPE_6_PAIR     ?     ? ? 
hydrog28 hydrog ? ? A DG 17 N1 ? ? ? 1_555 A DG 23 O6 ? ? A DG 17 A DG 23 1_555 ? ? ? ? ? ? TYPE_6_PAIR     ?     ? ? 
hydrog29 hydrog ? ? A DG 17 N2 ? ? ? 1_555 A DG 23 N7 ? ? A DG 17 A DG 23 1_555 ? ? ? ? ? ? TYPE_6_PAIR     ?     ? ? 
hydrog30 hydrog ? ? A DT 19 O2 ? ? ? 1_555 B DA 20 N6 ? ? A DT 19 B DA 20 1_555 ? ? ? ? ? ? 'DT-DA PAIR'    ?     ? ? 
hydrog31 hydrog ? ? B DT 1  N3 ? ? ? 1_555 B DA 8  N1 ? ? B DT 1  B DA 8  1_555 ? ? ? ? ? ? WATSON-CRICK    ?     ? ? 
hydrog32 hydrog ? ? B DT 1  O4 ? ? ? 1_555 B DA 8  N6 ? ? B DT 1  B DA 8  1_555 ? ? ? ? ? ? WATSON-CRICK    ?     ? ? 
hydrog33 hydrog ? ? B DG 3  N1 ? ? ? 1_555 B DG 9  O6 ? ? B DG 3  B DG 9  1_555 ? ? ? ? ? ? TYPE_6_PAIR     ?     ? ? 
hydrog34 hydrog ? ? B DG 3  N2 ? ? ? 1_555 B DG 9  N7 ? ? B DG 3  B DG 9  1_555 ? ? ? ? ? ? TYPE_6_PAIR     ?     ? ? 
hydrog35 hydrog ? ? B DG 3  N7 ? ? ? 1_555 B DG 21 N2 ? ? B DG 3  B DG 21 1_555 ? ? ? ? ? ? TYPE_6_PAIR     ?     ? ? 
hydrog36 hydrog ? ? B DG 3  O6 ? ? ? 1_555 B DG 21 N1 ? ? B DG 3  B DG 21 1_555 ? ? ? ? ? ? TYPE_6_PAIR     ?     ? ? 
hydrog37 hydrog ? ? B DG 4  N1 ? ? ? 1_555 B DG 10 O6 ? ? B DG 4  B DG 10 1_555 ? ? ? ? ? ? TYPE_6_PAIR     ?     ? ? 
hydrog38 hydrog ? ? B DG 4  N2 ? ? ? 1_555 B DG 10 N7 ? ? B DG 4  B DG 10 1_555 ? ? ? ? ? ? TYPE_6_PAIR     ?     ? ? 
hydrog39 hydrog ? ? B DG 4  N7 ? ? ? 1_555 B DG 22 N2 ? ? B DG 4  B DG 22 1_555 ? ? ? ? ? ? TYPE_6_PAIR     ?     ? ? 
hydrog40 hydrog ? ? B DG 4  O6 ? ? ? 1_555 B DG 22 N1 ? ? B DG 4  B DG 22 1_555 ? ? ? ? ? ? TYPE_6_PAIR     ?     ? ? 
hydrog41 hydrog ? ? B DG 5  N1 ? ? ? 1_555 B DG 11 O6 ? ? B DG 5  B DG 11 1_555 ? ? ? ? ? ? TYPE_6_PAIR     ?     ? ? 
hydrog42 hydrog ? ? B DG 5  N2 ? ? ? 1_555 B DG 11 N7 ? ? B DG 5  B DG 11 1_555 ? ? ? ? ? ? TYPE_6_PAIR     ?     ? ? 
hydrog43 hydrog ? ? B DG 5  N7 ? ? ? 1_555 B DG 23 N2 ? ? B DG 5  B DG 23 1_555 ? ? ? ? ? ? TYPE_6_PAIR     ?     ? ? 
hydrog44 hydrog ? ? B DG 5  O6 ? ? ? 1_555 B DG 23 N1 ? ? B DG 5  B DG 23 1_555 ? ? ? ? ? ? TYPE_6_PAIR     ?     ? ? 
hydrog45 hydrog ? ? B DG 9  N1 ? ? ? 1_555 B DG 15 O6 ? ? B DG 9  B DG 15 1_555 ? ? ? ? ? ? TYPE_6_PAIR     ?     ? ? 
hydrog46 hydrog ? ? B DG 9  N2 ? ? ? 1_555 B DG 15 N7 ? ? B DG 9  B DG 15 1_555 ? ? ? ? ? ? TYPE_6_PAIR     ?     ? ? 
hydrog47 hydrog ? ? B DG 10 N1 ? ? ? 1_555 B DG 16 O6 ? ? B DG 10 B DG 16 1_555 ? ? ? ? ? ? TYPE_6_PAIR     ?     ? ? 
hydrog48 hydrog ? ? B DG 10 N2 ? ? ? 1_555 B DG 16 N7 ? ? B DG 10 B DG 16 1_555 ? ? ? ? ? ? TYPE_6_PAIR     ?     ? ? 
hydrog49 hydrog ? ? B DG 11 N1 ? ? ? 1_555 B DG 17 O6 ? ? B DG 11 B DG 17 1_555 ? ? ? ? ? ? TYPE_6_PAIR     ?     ? ? 
hydrog50 hydrog ? ? B DG 11 N2 ? ? ? 1_555 B DG 17 N7 ? ? B DG 11 B DG 17 1_555 ? ? ? ? ? ? TYPE_6_PAIR     ?     ? ? 
hydrog51 hydrog ? ? B DG 15 N1 ? ? ? 1_555 B DG 21 O6 ? ? B DG 15 B DG 21 1_555 ? ? ? ? ? ? TYPE_6_PAIR     ?     ? ? 
hydrog52 hydrog ? ? B DG 15 N2 ? ? ? 1_555 B DG 21 N7 ? ? B DG 15 B DG 21 1_555 ? ? ? ? ? ? TYPE_6_PAIR     ?     ? ? 
hydrog53 hydrog ? ? B DG 16 N1 ? ? ? 1_555 B DG 22 O6 ? ? B DG 16 B DG 22 1_555 ? ? ? ? ? ? TYPE_6_PAIR     ?     ? ? 
hydrog54 hydrog ? ? B DG 16 N2 ? ? ? 1_555 B DG 22 N7 ? ? B DG 16 B DG 22 1_555 ? ? ? ? ? ? TYPE_6_PAIR     ?     ? ? 
hydrog55 hydrog ? ? B DG 17 N1 ? ? ? 1_555 B DG 23 O6 ? ? B DG 17 B DG 23 1_555 ? ? ? ? ? ? TYPE_6_PAIR     ?     ? ? 
hydrog56 hydrog ? ? B DG 17 N2 ? ? ? 1_555 B DG 23 N7 ? ? B DG 17 B DG 23 1_555 ? ? ? ? ? ? TYPE_6_PAIR     ?     ? ? 
# 
loop_
_struct_conn_type.id 
_struct_conn_type.criteria 
_struct_conn_type.reference 
metalc ? ? 
hydrog ? ? 
# 
loop_
_struct_site.id 
_struct_site.pdbx_evidence_code 
_struct_site.pdbx_auth_asym_id 
_struct_site.pdbx_auth_comp_id 
_struct_site.pdbx_auth_seq_id 
_struct_site.pdbx_auth_ins_code 
_struct_site.pdbx_num_residues 
_struct_site.details 
AC1 Software A K   24 ? 9  'BINDING SITE FOR RESIDUE K A 24'   
AC2 Software A K   25 ? 9  'BINDING SITE FOR RESIDUE K A 25'   
AC3 Software B K   24 ? 9  'BINDING SITE FOR RESIDUE K B 24'   
AC4 Software B K   25 ? 9  'BINDING SITE FOR RESIDUE K B 25'   
AC5 Software A NII 26 ? 8  'BINDING SITE FOR RESIDUE NII A 26' 
AC6 Software A NII 27 ? 13 'BINDING SITE FOR RESIDUE NII A 27' 
AC7 Software B NII 26 ? 5  'BINDING SITE FOR RESIDUE NII B 26' 
AC8 Software B NII 27 ? 6  'BINDING SITE FOR RESIDUE NII B 27' 
AC9 Software B NII 28 ? 5  'BINDING SITE FOR RESIDUE NII B 28' 
BC1 Software B NII 29 ? 8  'BINDING SITE FOR RESIDUE NII B 29' 
1   ?        ? ?   ?  ? ?  ?                                   
# 
loop_
_struct_site_gen.id 
_struct_site_gen.site_id 
_struct_site_gen.pdbx_num_res 
_struct_site_gen.label_comp_id 
_struct_site_gen.label_asym_id 
_struct_site_gen.label_seq_id 
_struct_site_gen.pdbx_auth_ins_code 
_struct_site_gen.auth_comp_id 
_struct_site_gen.auth_asym_id 
_struct_site_gen.auth_seq_id 
_struct_site_gen.label_atom_id 
_struct_site_gen.label_alt_id 
_struct_site_gen.symmetry 
_struct_site_gen.details 
1  AC1 9  DG  A 4  ? DG  A 4  . ? 1_555 ? 
2  AC1 9  DG  A 5  ? DG  A 5  . ? 1_555 ? 
3  AC1 9  DG  A 10 ? DG  A 10 . ? 1_555 ? 
4  AC1 9  DG  A 11 ? DG  A 11 . ? 1_555 ? 
5  AC1 9  DG  A 16 ? DG  A 16 . ? 1_555 ? 
6  AC1 9  DG  A 17 ? DG  A 17 . ? 1_555 ? 
7  AC1 9  DG  A 22 ? DG  A 22 . ? 1_555 ? 
8  AC1 9  DG  A 23 ? DG  A 23 . ? 1_555 ? 
9  AC1 9  K   F .  ? K   A 25 . ? 1_555 ? 
10 AC2 9  DG  A 3  ? DG  A 3  . ? 1_555 ? 
11 AC2 9  DG  A 4  ? DG  A 4  . ? 1_555 ? 
12 AC2 9  DG  A 9  ? DG  A 9  . ? 1_555 ? 
13 AC2 9  DG  A 10 ? DG  A 10 . ? 1_555 ? 
14 AC2 9  DG  A 15 ? DG  A 15 . ? 1_555 ? 
15 AC2 9  DG  A 16 ? DG  A 16 . ? 1_555 ? 
16 AC2 9  DG  A 21 ? DG  A 21 . ? 1_555 ? 
17 AC2 9  DG  A 22 ? DG  A 22 . ? 1_555 ? 
18 AC2 9  K   E .  ? K   A 24 . ? 1_555 ? 
19 AC3 9  DG  B 4  ? DG  B 4  . ? 1_555 ? 
20 AC3 9  DG  B 5  ? DG  B 5  . ? 1_555 ? 
21 AC3 9  DG  B 10 ? DG  B 10 . ? 1_555 ? 
22 AC3 9  DG  B 11 ? DG  B 11 . ? 1_555 ? 
23 AC3 9  DG  B 16 ? DG  B 16 . ? 1_555 ? 
24 AC3 9  DG  B 17 ? DG  B 17 . ? 1_555 ? 
25 AC3 9  DG  B 22 ? DG  B 22 . ? 1_555 ? 
26 AC3 9  DG  B 23 ? DG  B 23 . ? 1_555 ? 
27 AC3 9  K   L .  ? K   B 25 . ? 1_555 ? 
28 AC4 9  DG  B 3  ? DG  B 3  . ? 1_555 ? 
29 AC4 9  DG  B 4  ? DG  B 4  . ? 1_555 ? 
30 AC4 9  DG  B 9  ? DG  B 9  . ? 1_555 ? 
31 AC4 9  DG  B 10 ? DG  B 10 . ? 1_555 ? 
32 AC4 9  DG  B 15 ? DG  B 15 . ? 1_555 ? 
33 AC4 9  DG  B 16 ? DG  B 16 . ? 1_555 ? 
34 AC4 9  DG  B 21 ? DG  B 21 . ? 1_555 ? 
35 AC4 9  DG  B 22 ? DG  B 22 . ? 1_555 ? 
36 AC4 9  K   K .  ? K   B 24 . ? 1_555 ? 
37 AC5 8  DG  A 5  ? DG  A 5  . ? 1_555 ? 
38 AC5 8  DG  A 11 ? DG  A 11 . ? 1_555 ? 
39 AC5 8  DG  A 17 ? DG  A 17 . ? 1_555 ? 
40 AC5 8  DG  A 23 ? DG  A 23 . ? 1_555 ? 
41 AC5 8  HOH M .  ? HOH A 36 . ? 1_555 ? 
42 AC5 8  HOH M .  ? HOH A 53 . ? 1_555 ? 
43 AC5 8  HOH M .  ? HOH A 56 . ? 1_555 ? 
44 AC5 8  HOH M .  ? HOH A 65 . ? 1_555 ? 
45 AC6 13 DG  A 3  ? DG  A 3  . ? 1_555 ? 
46 AC6 13 DG  A 4  ? DG  A 4  . ? 1_555 ? 
47 AC6 13 DG  A 9  ? DG  A 9  . ? 1_555 ? 
48 AC6 13 DG  A 15 ? DG  A 15 . ? 1_555 ? 
49 AC6 13 DG  A 21 ? DG  A 21 . ? 1_555 ? 
50 AC6 13 HOH M .  ? HOH A 39 . ? 1_555 ? 
51 AC6 13 HOH M .  ? HOH A 43 . ? 1_555 ? 
52 AC6 13 HOH M .  ? HOH A 45 . ? 1_555 ? 
53 AC6 13 HOH M .  ? HOH A 55 . ? 1_555 ? 
54 AC6 13 HOH M .  ? HOH A 57 . ? 1_555 ? 
55 AC6 13 DG  B 15 ? DG  B 15 . ? 1_555 ? 
56 AC6 13 DG  B 21 ? DG  B 21 . ? 1_555 ? 
57 AC6 13 NII H .  ? NII B 27 . ? 1_555 ? 
58 AC7 5  DG  B 5  ? DG  B 5  . ? 1_555 ? 
59 AC7 5  DG  B 11 ? DG  B 11 . ? 1_555 ? 
60 AC7 5  DG  B 17 ? DG  B 17 . ? 1_555 ? 
61 AC7 5  DG  B 23 ? DG  B 23 . ? 1_555 ? 
62 AC7 5  HOH N .  ? HOH B 73 . ? 1_555 ? 
63 AC8 6  NII D .  ? NII A 27 . ? 1_555 ? 
64 AC8 6  DG  B 3  ? DG  B 3  . ? 1_555 ? 
65 AC8 6  DG  B 9  ? DG  B 9  . ? 1_555 ? 
66 AC8 6  DG  B 15 ? DG  B 15 . ? 1_555 ? 
67 AC8 6  DG  B 21 ? DG  B 21 . ? 1_555 ? 
68 AC8 6  HOH N .  ? HOH B 60 . ? 1_555 ? 
69 AC9 5  DT  A 7  ? DT  A 7  . ? 1_455 ? 
70 AC9 5  DA  A 8  ? DA  A 8  . ? 1_455 ? 
71 AC9 5  DT  A 19 ? DT  A 19 . ? 1_555 ? 
72 AC9 5  DT  B 19 ? DT  B 19 . ? 1_555 ? 
73 AC9 5  DA  B 20 ? DA  B 20 . ? 1_555 ? 
74 BC1 8  DA  A 8  ? DA  A 8  . ? 1_555 ? 
75 BC1 8  DT  B 1  ? DT  B 1  . ? 1_555 ? 
76 BC1 8  DT  B 7  ? DT  B 7  . ? 1_555 ? 
77 BC1 8  DA  B 8  ? DA  B 8  . ? 1_555 ? 
78 BC1 8  DT  B 18 ? DT  B 18 . ? 1_655 ? 
79 BC1 8  DT  B 19 ? DT  B 19 . ? 1_655 ? 
80 BC1 8  HOH N .  ? HOH B 47 . ? 1_555 ? 
81 BC1 8  HOH N .  ? HOH B 71 . ? 1_555 ? 
# 
_atom_sites.entry_id                    3CDM 
_atom_sites.fract_transf_matrix[1][1]   -0.00776384 
_atom_sites.fract_transf_matrix[1][2]   -0.00594050 
_atom_sites.fract_transf_matrix[1][3]   -0.02408710 
_atom_sites.fract_transf_matrix[2][1]   0.02212196 
_atom_sites.fract_transf_matrix[2][2]   -0.00280455 
_atom_sites.fract_transf_matrix[2][3]   -0.00643875 
_atom_sites.fract_transf_matrix[3][1]   -0.00212063 
_atom_sites.fract_transf_matrix[3][2]   -0.01793640 
_atom_sites.fract_transf_matrix[3][3]   0.00052667 
_atom_sites.fract_transf_vector[1]      -0.017531 
_atom_sites.fract_transf_vector[2]      -0.036151 
_atom_sites.fract_transf_vector[3]      -0.265457 
# 
loop_
_atom_type.symbol 
C 
K 
N 
O 
P 
# 
loop_
_atom_site.group_PDB 
_atom_site.id 
_atom_site.type_symbol 
_atom_site.label_atom_id 
_atom_site.label_alt_id 
_atom_site.label_comp_id 
_atom_site.label_asym_id 
_atom_site.label_entity_id 
_atom_site.label_seq_id 
_atom_site.pdbx_PDB_ins_code 
_atom_site.Cartn_x 
_atom_site.Cartn_y 
_atom_site.Cartn_z 
_atom_site.occupancy 
_atom_site.B_iso_or_equiv 
_atom_site.pdbx_formal_charge 
_atom_site.auth_seq_id 
_atom_site.auth_comp_id 
_atom_site.auth_asym_id 
_atom_site.auth_atom_id 
_atom_site.pdbx_PDB_model_num 
ATOM   1    O "O5'" . DA  A 1 2  ? 5.222   -12.234 -6.665  1.00 50.69 ? 2   DA  A "O5'" 1 
ATOM   2    C "C5'" . DA  A 1 2  ? 6.307   -12.930 -6.033  1.00 48.34 ? 2   DA  A "C5'" 1 
ATOM   3    C "C4'" . DA  A 1 2  ? 6.797   -12.296 -4.724  1.00 46.02 ? 2   DA  A "C4'" 1 
ATOM   4    O "O4'" . DA  A 1 2  ? 6.334   -13.059 -3.571  1.00 45.79 ? 2   DA  A "O4'" 1 
ATOM   5    C "C3'" . DA  A 1 2  ? 8.304   -12.363 -4.500  1.00 45.23 ? 2   DA  A "C3'" 1 
ATOM   6    O "O3'" . DA  A 1 2  ? 8.688   -11.634 -3.313  1.00 45.22 ? 2   DA  A "O3'" 1 
ATOM   7    C "C2'" . DA  A 1 2  ? 8.434   -13.857 -4.221  1.00 43.35 ? 2   DA  A "C2'" 1 
ATOM   8    C "C1'" . DA  A 1 2  ? 7.326   -14.010 -3.170  1.00 40.89 ? 2   DA  A "C1'" 1 
ATOM   9    N N9    . DA  A 1 2  ? 6.754   -15.358 -3.132  1.00 38.53 ? 2   DA  A N9    1 
ATOM   10   C C8    . DA  A 1 2  ? 6.138   -16.000 -4.182  1.00 38.08 ? 2   DA  A C8    1 
ATOM   11   N N7    . DA  A 1 2  ? 5.699   -17.207 -3.897  1.00 36.51 ? 2   DA  A N7    1 
ATOM   12   C C5    . DA  A 1 2  ? 6.079   -17.373 -2.571  1.00 36.21 ? 2   DA  A C5    1 
ATOM   13   C C6    . DA  A 1 2  ? 5.926   -18.456 -1.681  1.00 33.82 ? 2   DA  A C6    1 
ATOM   14   N N6    . DA  A 1 2  ? 5.302   -19.595 -2.015  1.00 33.03 ? 2   DA  A N6    1 
ATOM   15   N N1    . DA  A 1 2  ? 6.374   -18.283 -0.429  1.00 35.00 ? 2   DA  A N1    1 
ATOM   16   C C2    . DA  A 1 2  ? 6.978   -17.155 -0.067  1.00 33.17 ? 2   DA  A C2    1 
ATOM   17   N N3    . DA  A 1 2  ? 7.195   -16.084 -0.819  1.00 36.63 ? 2   DA  A N3    1 
ATOM   18   C C4    . DA  A 1 2  ? 6.720   -16.248 -2.075  1.00 36.88 ? 2   DA  A C4    1 
ATOM   19   P P     . DG  A 1 3  ? 10.045  -10.757 -3.261  1.00 45.66 ? 3   DG  A P     1 
ATOM   20   O OP1   . DG  A 1 3  ? 10.955  -11.343 -4.267  1.00 46.44 ? 3   DG  A OP1   1 
ATOM   21   O OP2   . DG  A 1 3  ? 10.389  -10.440 -1.838  1.00 43.47 ? 3   DG  A OP2   1 
ATOM   22   O "O5'" . DG  A 1 3  ? 9.593   -9.374  -3.899  1.00 42.01 ? 3   DG  A "O5'" 1 
ATOM   23   C "C5'" . DG  A 1 3  ? 8.727   -8.489  -3.230  1.00 33.94 ? 3   DG  A "C5'" 1 
ATOM   24   C "C4'" . DG  A 1 3  ? 8.285   -7.664  -4.395  1.00 30.77 ? 3   DG  A "C4'" 1 
ATOM   25   O "O4'" . DG  A 1 3  ? 7.417   -6.598  -3.977  1.00 26.91 ? 3   DG  A "O4'" 1 
ATOM   26   C "C3'" . DG  A 1 3  ? 9.452   -7.019  -5.134  1.00 29.04 ? 3   DG  A "C3'" 1 
ATOM   27   O "O3'" . DG  A 1 3  ? 9.151   -7.271  -6.490  1.00 31.87 ? 3   DG  A "O3'" 1 
ATOM   28   C "C2'" . DG  A 1 3  ? 9.360   -5.548  -4.800  1.00 23.34 ? 3   DG  A "C2'" 1 
ATOM   29   C "C1'" . DG  A 1 3  ? 7.857   -5.415  -4.601  1.00 22.31 ? 3   DG  A "C1'" 1 
ATOM   30   N N9    . DG  A 1 3  ? 7.558   -4.387  -3.635  1.00 19.95 ? 3   DG  A N9    1 
ATOM   31   C C8    . DG  A 1 3  ? 8.038   -4.361  -2.345  1.00 16.22 ? 3   DG  A C8    1 
ATOM   32   N N7    . DG  A 1 3  ? 7.641   -3.331  -1.682  1.00 17.00 ? 3   DG  A N7    1 
ATOM   33   C C5    . DG  A 1 3  ? 6.833   -2.635  -2.587  1.00 11.94 ? 3   DG  A C5    1 
ATOM   34   C C6    . DG  A 1 3  ? 6.088   -1.458  -2.473  1.00 10.46 ? 3   DG  A C6    1 
ATOM   35   O O6    . DG  A 1 3  ? 5.993   -0.709  -1.501  1.00 14.59 ? 3   DG  A O6    1 
ATOM   36   N N1    . DG  A 1 3  ? 5.407   -1.089  -3.676  1.00 9.84  ? 3   DG  A N1    1 
ATOM   37   C C2    . DG  A 1 3  ? 5.444   -1.888  -4.809  1.00 10.51 ? 3   DG  A C2    1 
ATOM   38   N N2    . DG  A 1 3  ? 4.792   -1.504  -5.936  1.00 10.67 ? 3   DG  A N2    1 
ATOM   39   N N3    . DG  A 1 3  ? 6.112   -3.013  -4.902  1.00 13.19 ? 3   DG  A N3    1 
ATOM   40   C C4    . DG  A 1 3  ? 6.780   -3.302  -3.792  1.00 15.39 ? 3   DG  A C4    1 
ATOM   41   P P     . DG  A 1 4  ? 10.065  -6.819  -7.674  1.00 35.02 ? 4   DG  A P     1 
ATOM   42   O OP1   . DG  A 1 4  ? 9.804   -7.890  -8.678  1.00 37.35 ? 4   DG  A OP1   1 
ATOM   43   O OP2   . DG  A 1 4  ? 11.405  -6.465  -7.175  1.00 37.02 ? 4   DG  A OP2   1 
ATOM   44   O "O5'" . DG  A 1 4  ? 9.419   -5.500  -8.273  1.00 34.75 ? 4   DG  A "O5'" 1 
ATOM   45   C "C5'" . DG  A 1 4  ? 8.092   -5.525  -8.756  1.00 29.88 ? 4   DG  A "C5'" 1 
ATOM   46   C "C4'" . DG  A 1 4  ? 7.843   -4.243  -9.504  1.00 29.11 ? 4   DG  A "C4'" 1 
ATOM   47   O "O4'" . DG  A 1 4  ? 7.383   -3.231  -8.572  1.00 27.71 ? 4   DG  A "O4'" 1 
ATOM   48   C "C3'" . DG  A 1 4  ? 9.040   -3.622  -10.244 1.00 30.79 ? 4   DG  A "C3'" 1 
ATOM   49   O "O3'" . DG  A 1 4  ? 8.541   -3.210  -11.511 1.00 32.07 ? 4   DG  A "O3'" 1 
ATOM   50   C "C2'" . DG  A 1 4  ? 9.438   -2.378  -9.445  1.00 23.28 ? 4   DG  A "C2'" 1 
ATOM   51   C "C1'" . DG  A 1 4  ? 8.098   -2.041  -8.780  1.00 23.61 ? 4   DG  A "C1'" 1 
ATOM   52   N N9    . DG  A 1 4  ? 8.260   -1.480  -7.434  1.00 17.80 ? 4   DG  A N9    1 
ATOM   53   C C8    . DG  A 1 4  ? 9.037   -1.980  -6.420  1.00 14.91 ? 4   DG  A C8    1 
ATOM   54   N N7    . DG  A 1 4  ? 9.027   -1.276  -5.360  1.00 13.21 ? 4   DG  A N7    1 
ATOM   55   C C5    . DG  A 1 4  ? 8.178   -0.204  -5.705  1.00 16.34 ? 4   DG  A C5    1 
ATOM   56   C C6    . DG  A 1 4  ? 7.697   0.890   -5.000  1.00 10.61 ? 4   DG  A C6    1 
ATOM   57   O O6    . DG  A 1 4  ? 7.932   1.222   -3.840  1.00 19.33 ? 4   DG  A O6    1 
ATOM   58   N N1    . DG  A 1 4  ? 6.838   1.720   -5.708  1.00 13.58 ? 4   DG  A N1    1 
ATOM   59   C C2    . DG  A 1 4  ? 6.413   1.529   -6.989  1.00 13.17 ? 4   DG  A C2    1 
ATOM   60   N N2    . DG  A 1 4  ? 5.617   2.457   -7.528  1.00 9.61  ? 4   DG  A N2    1 
ATOM   61   N N3    . DG  A 1 4  ? 6.814   0.485   -7.671  1.00 13.15 ? 4   DG  A N3    1 
ATOM   62   C C4    . DG  A 1 4  ? 7.688   -0.315  -6.993  1.00 16.30 ? 4   DG  A C4    1 
ATOM   63   P P     . DG  A 1 5  ? 9.493   -2.666  -12.674 1.00 32.34 ? 5   DG  A P     1 
ATOM   64   O OP1   . DG  A 1 5  ? 8.884   -3.179  -13.943 1.00 36.05 ? 5   DG  A OP1   1 
ATOM   65   O OP2   . DG  A 1 5  ? 10.904  -2.935  -12.362 1.00 32.31 ? 5   DG  A OP2   1 
ATOM   66   O "O5'" . DG  A 1 5  ? 9.193   -1.105  -12.604 1.00 30.23 ? 5   DG  A "O5'" 1 
ATOM   67   C "C5'" . DG  A 1 5  ? 7.994   -0.629  -13.129 1.00 24.19 ? 5   DG  A "C5'" 1 
ATOM   68   C "C4'" . DG  A 1 5  ? 7.933   0.895   -13.010 1.00 25.47 ? 5   DG  A "C4'" 1 
ATOM   69   O "O4'" . DG  A 1 5  ? 7.861   1.277   -11.617 1.00 20.26 ? 5   DG  A "O4'" 1 
ATOM   70   C "C3'" . DG  A 1 5  ? 9.095   1.695   -13.584 1.00 24.10 ? 5   DG  A "C3'" 1 
ATOM   71   O "O3'" . DG  A 1 5  ? 8.504   2.726   -14.310 1.00 29.85 ? 5   DG  A "O3'" 1 
ATOM   72   C "C2'" . DG  A 1 5  ? 9.836   2.308   -12.394 1.00 21.47 ? 5   DG  A "C2'" 1 
ATOM   73   C "C1'" . DG  A 1 5  ? 8.687   2.429   -11.398 1.00 18.22 ? 5   DG  A "C1'" 1 
ATOM   74   N N9    . DG  A 1 5  ? 9.106   2.409   -9.974  1.00 14.46 ? 5   DG  A N9    1 
ATOM   75   C C8    . DG  A 1 5  ? 9.853   1.440   -9.379  1.00 12.75 ? 5   DG  A C8    1 
ATOM   76   N N7    . DG  A 1 5  ? 10.078  1.676   -8.139  1.00 15.46 ? 5   DG  A N7    1 
ATOM   77   C C5    . DG  A 1 5  ? 9.421   2.861   -7.897  1.00 13.15 ? 5   DG  A C5    1 
ATOM   78   C C6    . DG  A 1 5  ? 9.238   3.551   -6.693  1.00 12.73 ? 5   DG  A C6    1 
ATOM   79   O O6    . DG  A 1 5  ? 9.707   3.259   -5.581  1.00 18.06 ? 5   DG  A O6    1 
ATOM   80   N N1    . DG  A 1 5  ? 8.507   4.701   -6.840  1.00 6.51  ? 5   DG  A N1    1 
ATOM   81   C C2    . DG  A 1 5  ? 7.949   5.119   -8.016  1.00 11.57 ? 5   DG  A C2    1 
ATOM   82   N N2    . DG  A 1 5  ? 7.231   6.277   -7.984  1.00 15.56 ? 5   DG  A N2    1 
ATOM   83   N N3    . DG  A 1 5  ? 8.045   4.434   -9.133  1.00 7.86  ? 5   DG  A N3    1 
ATOM   84   C C4    . DG  A 1 5  ? 8.804   3.323   -9.015  1.00 11.10 ? 5   DG  A C4    1 
ATOM   85   P P     . DT  A 1 6  ? 8.369   2.766   -15.940 1.00 33.59 ? 6   DT  A P     1 
ATOM   86   O OP1   . DT  A 1 6  ? 9.675   2.281   -16.444 1.00 36.97 ? 6   DT  A OP1   1 
ATOM   87   O OP2   . DT  A 1 6  ? 7.806   4.129   -16.143 1.00 30.99 ? 6   DT  A OP2   1 
ATOM   88   O "O5'" . DT  A 1 6  ? 7.231   1.699   -16.336 1.00 33.20 ? 6   DT  A "O5'" 1 
ATOM   89   C "C5'" . DT  A 1 6  ? 7.456   0.370   -16.855 1.00 37.27 ? 6   DT  A "C5'" 1 
ATOM   90   C "C4'" . DT  A 1 6  ? 6.133   -0.412  -16.948 1.00 39.96 ? 6   DT  A "C4'" 1 
ATOM   91   O "O4'" . DT  A 1 6  ? 5.742   -0.963  -15.649 1.00 41.30 ? 6   DT  A "O4'" 1 
ATOM   92   C "C3'" . DT  A 1 6  ? 4.940   0.432   -17.446 1.00 42.10 ? 6   DT  A "C3'" 1 
ATOM   93   O "O3'" . DT  A 1 6  ? 4.481   0.008   -18.752 1.00 47.52 ? 6   DT  A "O3'" 1 
ATOM   94   C "C2'" . DT  A 1 6  ? 3.865   0.365   -16.370 1.00 39.98 ? 6   DT  A "C2'" 1 
ATOM   95   C "C1'" . DT  A 1 6  ? 4.467   -0.444  -15.199 1.00 37.66 ? 6   DT  A "C1'" 1 
ATOM   96   N N1    . DT  A 1 6  ? 4.571   0.380   -13.912 1.00 35.24 ? 6   DT  A N1    1 
ATOM   97   C C2    . DT  A 1 6  ? 4.572   -0.215  -12.628 1.00 35.58 ? 6   DT  A C2    1 
ATOM   98   O O2    . DT  A 1 6  ? 4.525   -1.445  -12.376 1.00 32.32 ? 6   DT  A O2    1 
ATOM   99   N N3    . DT  A 1 6  ? 4.661   0.704   -11.587 1.00 34.81 ? 6   DT  A N3    1 
ATOM   100  C C4    . DT  A 1 6  ? 4.750   2.104   -11.676 1.00 36.42 ? 6   DT  A C4    1 
ATOM   101  O O4    . DT  A 1 6  ? 4.840   2.808   -10.659 1.00 32.45 ? 6   DT  A O4    1 
ATOM   102  C C5    . DT  A 1 6  ? 4.714   2.648   -13.049 1.00 34.11 ? 6   DT  A C5    1 
ATOM   103  C C7    . DT  A 1 6  ? 4.813   4.125   -13.323 1.00 34.32 ? 6   DT  A C7    1 
ATOM   104  C C6    . DT  A 1 6  ? 4.625   1.768   -14.068 1.00 32.84 ? 6   DT  A C6    1 
ATOM   105  P P     . DT  A 1 7  ? 4.917   0.911   -20.026 1.00 49.60 ? 7   DT  A P     1 
ATOM   106  O OP1   . DT  A 1 7  ? 4.532   0.199   -21.280 1.00 48.01 ? 7   DT  A OP1   1 
ATOM   107  O OP2   . DT  A 1 7  ? 6.298   1.451   -19.766 1.00 48.79 ? 7   DT  A OP2   1 
ATOM   108  O "O5'" . DT  A 1 7  ? 4.021   2.220   -19.912 1.00 43.45 ? 7   DT  A "O5'" 1 
ATOM   109  C "C5'" . DT  A 1 7  ? 2.804   2.291   -20.595 1.00 38.98 ? 7   DT  A "C5'" 1 
ATOM   110  C "C4'" . DT  A 1 7  ? 1.989   3.341   -19.902 1.00 34.33 ? 7   DT  A "C4'" 1 
ATOM   111  O "O4'" . DT  A 1 7  ? 0.810   3.436   -20.718 1.00 36.67 ? 7   DT  A "O4'" 1 
ATOM   112  C "C3'" . DT  A 1 7  ? 1.462   2.969   -18.504 1.00 33.63 ? 7   DT  A "C3'" 1 
ATOM   113  O "O3'" . DT  A 1 7  ? 1.346   4.150   -17.786 1.00 31.68 ? 7   DT  A "O3'" 1 
ATOM   114  C "C2'" . DT  A 1 7  ? 0.060   2.398   -18.745 1.00 32.57 ? 7   DT  A "C2'" 1 
ATOM   115  C "C1'" . DT  A 1 7  ? -0.343  3.327   -19.915 1.00 30.49 ? 7   DT  A "C1'" 1 
ATOM   116  N N1    . DT  A 1 7  ? -1.484  2.879   -20.735 1.00 30.20 ? 7   DT  A N1    1 
ATOM   117  C C2    . DT  A 1 7  ? -2.449  3.783   -21.159 1.00 26.54 ? 7   DT  A C2    1 
ATOM   118  O O2    . DT  A 1 7  ? -2.460  4.983   -20.931 1.00 28.44 ? 7   DT  A O2    1 
ATOM   119  N N3    . DT  A 1 7  ? -3.467  3.215   -21.887 1.00 26.48 ? 7   DT  A N3    1 
ATOM   120  C C4    . DT  A 1 7  ? -3.621  1.871   -22.236 1.00 23.93 ? 7   DT  A C4    1 
ATOM   121  O O4    . DT  A 1 7  ? -4.586  1.543   -22.911 1.00 24.38 ? 7   DT  A O4    1 
ATOM   122  C C5    . DT  A 1 7  ? -2.578  0.964   -21.783 1.00 24.54 ? 7   DT  A C5    1 
ATOM   123  C C7    . DT  A 1 7  ? -2.634  -0.529  -21.996 1.00 21.32 ? 7   DT  A C7    1 
ATOM   124  C C6    . DT  A 1 7  ? -1.560  1.524   -21.069 1.00 27.49 ? 7   DT  A C6    1 
ATOM   125  P P     . DA  A 1 8  ? 2.280   4.400   -16.482 1.00 28.02 ? 8   DA  A P     1 
ATOM   126  O OP1   . DA  A 1 8  ? 2.102   5.828   -16.271 1.00 22.89 ? 8   DA  A OP1   1 
ATOM   127  O OP2   . DA  A 1 8  ? 3.570   3.636   -16.623 1.00 29.27 ? 8   DA  A OP2   1 
ATOM   128  O "O5'" . DA  A 1 8  ? 1.471   3.656   -15.317 1.00 30.51 ? 8   DA  A "O5'" 1 
ATOM   129  C "C5'" . DA  A 1 8  ? 0.278   4.227   -14.776 1.00 29.61 ? 8   DA  A "C5'" 1 
ATOM   130  C "C4'" . DA  A 1 8  ? -0.304  3.178   -13.839 1.00 26.72 ? 8   DA  A "C4'" 1 
ATOM   131  O "O4'" . DA  A 1 8  ? -1.603  3.604   -13.348 1.00 25.72 ? 8   DA  A "O4'" 1 
ATOM   132  C "C3'" . DA  A 1 8  ? -0.493  1.832   -14.493 1.00 26.98 ? 8   DA  A "C3'" 1 
ATOM   133  O "O3'" . DA  A 1 8  ? -0.471  0.807   -13.499 1.00 27.13 ? 8   DA  A "O3'" 1 
ATOM   134  C "C2'" . DA  A 1 8  ? -1.921  1.960   -15.048 1.00 28.81 ? 8   DA  A "C2'" 1 
ATOM   135  C "C1'" . DA  A 1 8  ? -2.591  2.714   -13.886 1.00 27.40 ? 8   DA  A "C1'" 1 
ATOM   136  N N9    . DA  A 1 8  ? -3.721  3.504   -14.357 1.00 26.93 ? 8   DA  A N9    1 
ATOM   137  C C8    . DA  A 1 8  ? -3.927  4.870   -14.256 1.00 25.47 ? 8   DA  A C8    1 
ATOM   138  N N7    . DA  A 1 8  ? -5.075  5.264   -14.803 1.00 25.03 ? 8   DA  A N7    1 
ATOM   139  C C5    . DA  A 1 8  ? -5.638  4.076   -15.288 1.00 24.52 ? 8   DA  A C5    1 
ATOM   140  C C6    . DA  A 1 8  ? -6.832  3.772   -15.972 1.00 21.44 ? 8   DA  A C6    1 
ATOM   141  N N6    . DA  A 1 8  ? -7.770  4.665   -16.308 1.00 25.23 ? 8   DA  A N6    1 
ATOM   142  N N1    . DA  A 1 8  ? -7.039  2.483   -16.271 1.00 21.39 ? 8   DA  A N1    1 
ATOM   143  C C2    . DA  A 1 8  ? -6.166  1.551   -15.936 1.00 21.34 ? 8   DA  A C2    1 
ATOM   144  N N3    . DA  A 1 8  ? -4.989  1.711   -15.329 1.00 21.25 ? 8   DA  A N3    1 
ATOM   145  C C4    . DA  A 1 8  ? -4.799  2.992   -15.034 1.00 21.30 ? 8   DA  A C4    1 
ATOM   146  P P     . DG  A 1 9  ? 0.801   -0.071  -13.148 1.00 30.78 ? 9   DG  A P     1 
ATOM   147  O OP1   . DG  A 1 9  ? 1.685   -0.207  -14.298 1.00 31.21 ? 9   DG  A OP1   1 
ATOM   148  O OP2   . DG  A 1 9  ? 0.281   -1.216  -12.376 1.00 27.83 ? 9   DG  A OP2   1 
ATOM   149  O "O5'" . DG  A 1 9  ? 1.592   0.839   -12.070 1.00 31.30 ? 9   DG  A "O5'" 1 
ATOM   150  C "C5'" . DG  A 1 9  ? 1.171   0.741   -10.699 1.00 25.49 ? 9   DG  A "C5'" 1 
ATOM   151  C "C4'" . DG  A 1 9  ? 0.401   1.991   -10.265 1.00 25.34 ? 9   DG  A "C4'" 1 
ATOM   152  O "O4'" . DG  A 1 9  ? 0.092   1.884   -8.820  1.00 22.11 ? 9   DG  A "O4'" 1 
ATOM   153  C "C3'" . DG  A 1 9  ? 1.215   3.291   -10.458 1.00 26.00 ? 9   DG  A "C3'" 1 
ATOM   154  O "O3'" . DG  A 1 9  ? 0.426   4.456   -10.683 1.00 24.29 ? 9   DG  A "O3'" 1 
ATOM   155  C "C2'" . DG  A 1 9  ? 1.896   3.435   -9.095  1.00 20.51 ? 9   DG  A "C2'" 1 
ATOM   156  C "C1'" . DG  A 1 9  ? 0.865   2.875   -8.116  1.00 20.63 ? 9   DG  A "C1'" 1 
ATOM   157  N N9    . DG  A 1 9  ? 1.667   2.264   -7.054  1.00 17.14 ? 9   DG  A N9    1 
ATOM   158  C C8    . DG  A 1 9  ? 2.365   1.087   -7.156  1.00 18.25 ? 9   DG  A C8    1 
ATOM   159  N N7    . DG  A 1 9  ? 3.089   0.786   -6.074  1.00 19.31 ? 9   DG  A N7    1 
ATOM   160  C C5    . DG  A 1 9  ? 2.792   1.823   -5.211  1.00 10.79 ? 9   DG  A C5    1 
ATOM   161  C C6    . DG  A 1 9  ? 3.298   2.043   -3.904  1.00 12.54 ? 9   DG  A C6    1 
ATOM   162  O O6    . DG  A 1 9  ? 4.033   1.227   -3.394  1.00 13.44 ? 9   DG  A O6    1 
ATOM   163  N N1    . DG  A 1 9  ? 2.815   3.197   -3.314  1.00 11.96 ? 9   DG  A N1    1 
ATOM   164  C C2    . DG  A 1 9  ? 1.975   4.085   -3.985  1.00 12.82 ? 9   DG  A C2    1 
ATOM   165  N N2    . DG  A 1 9  ? 1.585   5.238   -3.453  1.00 9.99  ? 9   DG  A N2    1 
ATOM   166  N N3    . DG  A 1 9  ? 1.538   3.878   -5.206  1.00 14.93 ? 9   DG  A N3    1 
ATOM   167  C C4    . DG  A 1 9  ? 1.998   2.764   -5.804  1.00 13.77 ? 9   DG  A C4    1 
ATOM   168  P P     . DG  A 1 10 ? 1.000   5.877   -11.149 1.00 29.59 ? 10  DG  A P     1 
ATOM   169  O OP1   . DG  A 1 10 ? -0.005  6.577   -11.960 1.00 31.77 ? 10  DG  A OP1   1 
ATOM   170  O OP2   . DG  A 1 10 ? 2.326   5.634   -11.672 1.00 30.82 ? 10  DG  A OP2   1 
ATOM   171  O "O5'" . DG  A 1 10 ? 1.176   6.680   -9.751  1.00 26.10 ? 10  DG  A "O5'" 1 
ATOM   172  C "C5'" . DG  A 1 10 ? 0.175   7.427   -9.100  1.00 25.26 ? 10  DG  A "C5'" 1 
ATOM   173  C "C4'" . DG  A 1 10 ? 0.905   8.318   -8.117  1.00 23.05 ? 10  DG  A "C4'" 1 
ATOM   174  O "O4'" . DG  A 1 10 ? 1.589   7.509   -7.072  1.00 21.02 ? 10  DG  A "O4'" 1 
ATOM   175  C "C3'" . DG  A 1 10 ? 2.018   9.163   -8.769  1.00 19.00 ? 10  DG  A "C3'" 1 
ATOM   176  O "O3'" . DG  A 1 10 ? 1.790   10.489  -8.304  1.00 18.19 ? 10  DG  A "O3'" 1 
ATOM   177  C "C2'" . DG  A 1 10 ? 3.348   8.509   -8.320  1.00 12.60 ? 10  DG  A "C2'" 1 
ATOM   178  C "C1'" . DG  A 1 10 ? 2.916   8.045   -6.921  1.00 13.87 ? 10  DG  A "C1'" 1 
ATOM   179  N N9    . DG  A 1 10 ? 3.704   6.895   -6.429  1.00 15.46 ? 10  DG  A N9    1 
ATOM   180  C C8    . DG  A 1 10 ? 3.996   5.718   -7.122  1.00 12.05 ? 10  DG  A C8    1 
ATOM   181  N N7    . DG  A 1 10 ? 4.729   4.874   -6.402  1.00 13.38 ? 10  DG  A N7    1 
ATOM   182  C C5    . DG  A 1 10 ? 4.858   5.524   -5.183  1.00 10.10 ? 10  DG  A C5    1 
ATOM   183  C C6    . DG  A 1 10 ? 5.526   5.089   -4.029  1.00 6.54  ? 10  DG  A C6    1 
ATOM   184  O O6    . DG  A 1 10 ? 6.077   4.065   -3.935  1.00 7.43  ? 10  DG  A O6    1 
ATOM   185  N N1    . DG  A 1 10 ? 5.523   5.963   -3.025  1.00 9.63  ? 10  DG  A N1    1 
ATOM   186  C C2    . DG  A 1 10 ? 4.885   7.167   -3.071  1.00 10.01 ? 10  DG  A C2    1 
ATOM   187  N N2    . DG  A 1 10 ? 5.027   7.881   -1.955  1.00 14.59 ? 10  DG  A N2    1 
ATOM   188  N N3    . DG  A 1 10 ? 4.214   7.638   -4.137  1.00 13.07 ? 10  DG  A N3    1 
ATOM   189  C C4    . DG  A 1 10 ? 4.267   6.757   -5.165  1.00 9.66  ? 10  DG  A C4    1 
ATOM   190  P P     . DG  A 1 11 ? 2.713   11.669  -8.734  1.00 23.21 ? 11  DG  A P     1 
ATOM   191  O OP1   . DG  A 1 11 ? 1.977   12.959  -8.933  1.00 25.06 ? 11  DG  A OP1   1 
ATOM   192  O OP2   . DG  A 1 11 ? 3.529   11.240  -9.867  1.00 25.25 ? 11  DG  A OP2   1 
ATOM   193  O "O5'" . DG  A 1 11 ? 3.585   11.862  -7.435  1.00 20.05 ? 11  DG  A "O5'" 1 
ATOM   194  C "C5'" . DG  A 1 11 ? 3.022   12.301  -6.166  1.00 19.33 ? 11  DG  A "C5'" 1 
ATOM   195  C "C4'" . DG  A 1 11 ? 4.186   12.672  -5.242  1.00 21.79 ? 11  DG  A "C4'" 1 
ATOM   196  O "O4'" . DG  A 1 11 ? 4.877   11.466  -4.807  1.00 20.21 ? 11  DG  A "O4'" 1 
ATOM   197  C "C3'" . DG  A 1 11 ? 5.262   13.523  -5.910  1.00 21.92 ? 11  DG  A "C3'" 1 
ATOM   198  O "O3'" . DG  A 1 11 ? 5.633   14.641  -5.052  1.00 23.88 ? 11  DG  A "O3'" 1 
ATOM   199  C "C2'" . DG  A 1 11 ? 6.383   12.506  -6.240  1.00 20.66 ? 11  DG  A "C2'" 1 
ATOM   200  C "C1'" . DG  A 1 11 ? 6.259   11.623  -5.004  1.00 17.28 ? 11  DG  A "C1'" 1 
ATOM   201  N N9    . DG  A 1 11 ? 6.750   10.250  -5.137  1.00 17.94 ? 11  DG  A N9    1 
ATOM   202  C C8    . DG  A 1 11 ? 6.666   9.496   -6.248  1.00 14.86 ? 11  DG  A C8    1 
ATOM   203  N N7    . DG  A 1 11 ? 7.136   8.313   -6.106  1.00 12.59 ? 11  DG  A N7    1 
ATOM   204  C C5    . DG  A 1 11 ? 7.682   8.332   -4.813  1.00 14.24 ? 11  DG  A C5    1 
ATOM   205  C C6    . DG  A 1 11 ? 8.358   7.324   -4.108  1.00 7.80  ? 11  DG  A C6    1 
ATOM   206  O O6    . DG  A 1 11 ? 8.580   6.198   -4.548  1.00 15.01 ? 11  DG  A O6    1 
ATOM   207  N N1    . DG  A 1 11 ? 8.685   7.685   -2.802  1.00 11.77 ? 11  DG  A N1    1 
ATOM   208  C C2    . DG  A 1 11 ? 8.406   8.934   -2.262  1.00 14.99 ? 11  DG  A C2    1 
ATOM   209  N N2    . DG  A 1 11 ? 8.792   9.203   -1.002  1.00 16.74 ? 11  DG  A N2    1 
ATOM   210  N N3    . DG  A 1 11 ? 7.774   9.899   -2.911  1.00 12.42 ? 11  DG  A N3    1 
ATOM   211  C C4    . DG  A 1 11 ? 7.429   9.512   -4.180  1.00 14.48 ? 11  DG  A C4    1 
ATOM   212  P P     . DT  A 1 12 ? 5.943   16.097  -5.625  1.00 29.44 ? 12  DT  A P     1 
ATOM   213  O OP1   . DT  A 1 12 ? 6.555   16.007  -6.958  1.00 31.60 ? 12  DT  A OP1   1 
ATOM   214  O OP2   . DT  A 1 12 ? 6.559   16.830  -4.509  1.00 32.66 ? 12  DT  A OP2   1 
ATOM   215  O "O5'" . DT  A 1 12 ? 4.525   16.795  -5.847  1.00 32.28 ? 12  DT  A "O5'" 1 
ATOM   216  C "C5'" . DT  A 1 12 ? 3.426   16.580  -4.989  1.00 30.37 ? 12  DT  A "C5'" 1 
ATOM   217  C "C4'" . DT  A 1 12 ? 2.188   17.096  -5.737  1.00 32.69 ? 12  DT  A "C4'" 1 
ATOM   218  O "O4'" . DT  A 1 12 ? 1.636   16.112  -6.641  1.00 30.00 ? 12  DT  A "O4'" 1 
ATOM   219  C "C3'" . DT  A 1 12 ? 1.067   17.571  -4.846  1.00 34.16 ? 12  DT  A "C3'" 1 
ATOM   220  O "O3'" . DT  A 1 12 ? 0.804   18.897  -5.242  1.00 38.35 ? 12  DT  A "O3'" 1 
ATOM   221  C "C2'" . DT  A 1 12 ? -0.116  16.671  -5.136  1.00 32.25 ? 12  DT  A "C2'" 1 
ATOM   222  C "C1'" . DT  A 1 12 ? 0.238   16.071  -6.500  1.00 30.68 ? 12  DT  A "C1'" 1 
ATOM   223  N N1    . DT  A 1 12 ? -0.284  14.659  -6.810  1.00 27.04 ? 12  DT  A N1    1 
ATOM   224  C C2    . DT  A 1 12 ? -0.809  14.461  -8.075  1.00 29.35 ? 12  DT  A C2    1 
ATOM   225  O O2    . DT  A 1 12 ? -0.829  15.407  -8.842  1.00 28.86 ? 12  DT  A O2    1 
ATOM   226  N N3    . DT  A 1 12 ? -1.267  13.186  -8.400  1.00 26.76 ? 12  DT  A N3    1 
ATOM   227  C C4    . DT  A 1 12 ? -1.274  12.112  -7.526  1.00 28.37 ? 12  DT  A C4    1 
ATOM   228  O O4    . DT  A 1 12 ? -1.731  11.008  -7.842  1.00 29.78 ? 12  DT  A O4    1 
ATOM   229  C C5    . DT  A 1 12 ? -0.703  12.398  -6.209  1.00 25.15 ? 12  DT  A C5    1 
ATOM   230  C C7    . DT  A 1 12 ? -0.394  11.321  -5.231  1.00 26.34 ? 12  DT  A C7    1 
ATOM   231  C C6    . DT  A 1 12 ? -0.264  13.636  -5.918  1.00 26.01 ? 12  DT  A C6    1 
ATOM   232  P P     . DT  A 1 13 ? 1.125   20.131  -4.270  1.00 38.53 ? 13  DT  A P     1 
ATOM   233  O OP1   . DT  A 1 13 ? 0.972   21.327  -5.147  1.00 37.79 ? 13  DT  A OP1   1 
ATOM   234  O OP2   . DT  A 1 13 ? 2.396   20.006  -3.524  1.00 41.96 ? 13  DT  A OP2   1 
ATOM   235  O "O5'" . DT  A 1 13 ? -0.079  19.858  -3.261  1.00 31.53 ? 13  DT  A "O5'" 1 
ATOM   236  C "C5'" . DT  A 1 13 ? -0.022  20.153  -1.869  1.00 31.07 ? 13  DT  A "C5'" 1 
ATOM   237  C "C4'" . DT  A 1 13 ? -1.244  19.583  -1.187  1.00 32.25 ? 13  DT  A "C4'" 1 
ATOM   238  O "O4'" . DT  A 1 13 ? -2.505  20.074  -1.795  1.00 31.20 ? 13  DT  A "O4'" 1 
ATOM   239  C "C3'" . DT  A 1 13 ? -1.367  18.070  -1.234  1.00 31.59 ? 13  DT  A "C3'" 1 
ATOM   240  O "O3'" . DT  A 1 13 ? -0.554  17.483  -0.210  1.00 33.76 ? 13  DT  A "O3'" 1 
ATOM   241  C "C2'" . DT  A 1 13 ? -2.855  17.848  -0.959  1.00 29.18 ? 13  DT  A "C2'" 1 
ATOM   242  C "C1'" . DT  A 1 13 ? -3.492  19.050  -1.692  1.00 27.92 ? 13  DT  A "C1'" 1 
ATOM   243  N N1    . DT  A 1 13 ? -3.853  18.760  -3.091  1.00 21.75 ? 13  DT  A N1    1 
ATOM   244  C C2    . DT  A 1 13 ? -4.894  17.922  -3.379  1.00 20.09 ? 13  DT  A C2    1 
ATOM   245  O O2    . DT  A 1 13 ? -5.539  17.376  -2.514  1.00 17.78 ? 13  DT  A O2    1 
ATOM   246  N N3    . DT  A 1 13 ? -5.158  17.773  -4.708  1.00 17.91 ? 13  DT  A N3    1 
ATOM   247  C C4    . DT  A 1 13 ? -4.474  18.321  -5.764  1.00 20.32 ? 13  DT  A C4    1 
ATOM   248  O O4    . DT  A 1 13 ? -4.823  18.077  -6.930  1.00 20.45 ? 13  DT  A O4    1 
ATOM   249  C C5    . DT  A 1 13 ? -3.370  19.186  -5.395  1.00 21.80 ? 13  DT  A C5    1 
ATOM   250  C C7    . DT  A 1 13 ? -2.508  19.951  -6.397  1.00 24.45 ? 13  DT  A C7    1 
ATOM   251  C C6    . DT  A 1 13 ? -3.133  19.373  -4.098  1.00 21.06 ? 13  DT  A C6    1 
ATOM   252  P P     . DA  A 1 14 ? 0.260   16.100  -0.517  1.00 34.59 ? 14  DA  A P     1 
ATOM   253  O OP1   . DA  A 1 14 ? 0.963   15.778  0.753   1.00 35.13 ? 14  DA  A OP1   1 
ATOM   254  O OP2   . DA  A 1 14 ? 1.007   16.279  -1.771  1.00 29.04 ? 14  DA  A OP2   1 
ATOM   255  O "O5'" . DA  A 1 14 ? -0.887  14.970  -0.706  1.00 34.83 ? 14  DA  A "O5'" 1 
ATOM   256  C "C5'" . DA  A 1 14 ? -1.836  14.577  0.296   1.00 30.91 ? 14  DA  A "C5'" 1 
ATOM   257  C "C4'" . DA  A 1 14 ? -2.609  13.328  -0.152  1.00 30.78 ? 14  DA  A "C4'" 1 
ATOM   258  O "O4'" . DA  A 1 14 ? -3.473  13.729  -1.247  1.00 29.24 ? 14  DA  A "O4'" 1 
ATOM   259  C "C3'" . DA  A 1 14 ? -1.773  12.155  -0.690  1.00 30.16 ? 14  DA  A "C3'" 1 
ATOM   260  O "O3'" . DA  A 1 14 ? -2.279  10.848  -0.428  1.00 32.29 ? 14  DA  A "O3'" 1 
ATOM   261  C "C2'" . DA  A 1 14 ? -1.895  12.319  -2.195  1.00 28.81 ? 14  DA  A "C2'" 1 
ATOM   262  C "C1'" . DA  A 1 14 ? -3.319  12.857  -2.335  1.00 27.36 ? 14  DA  A "C1'" 1 
ATOM   263  N N9    . DA  A 1 14 ? -3.402  13.612  -3.585  1.00 22.88 ? 14  DA  A N9    1 
ATOM   264  C C8    . DA  A 1 14 ? -2.971  14.860  -3.845  1.00 20.44 ? 14  DA  A C8    1 
ATOM   265  N N7    . DA  A 1 14 ? -3.170  15.203  -5.072  1.00 22.31 ? 14  DA  A N7    1 
ATOM   266  C C5    . DA  A 1 14 ? -3.791  14.096  -5.632  1.00 22.42 ? 14  DA  A C5    1 
ATOM   267  C C6    . DA  A 1 14 ? -4.268  13.785  -6.900  1.00 23.69 ? 14  DA  A C6    1 
ATOM   268  N N6    . DA  A 1 14 ? -4.203  14.609  -7.922  1.00 28.05 ? 14  DA  A N6    1 
ATOM   269  N N1    . DA  A 1 14 ? -4.816  12.585  -7.112  1.00 26.31 ? 14  DA  A N1    1 
ATOM   270  C C2    . DA  A 1 14 ? -4.905  11.680  -6.149  1.00 23.47 ? 14  DA  A C2    1 
ATOM   271  N N3    . DA  A 1 14 ? -4.475  11.850  -4.910  1.00 26.51 ? 14  DA  A N3    1 
ATOM   272  C C4    . DA  A 1 14 ? -3.938  13.097  -4.735  1.00 22.85 ? 14  DA  A C4    1 
ATOM   273  P P     . DG  A 1 15 ? -1.352  9.490   -0.695  1.00 34.14 ? 15  DG  A P     1 
ATOM   274  O OP1   . DG  A 1 15 ? -0.388  9.586   -1.839  1.00 34.05 ? 15  DG  A OP1   1 
ATOM   275  O OP2   . DG  A 1 15 ? -2.196  8.307   -0.543  1.00 35.99 ? 15  DG  A OP2   1 
ATOM   276  O "O5'" . DG  A 1 15 ? -0.414  9.591   0.606   1.00 35.14 ? 15  DG  A "O5'" 1 
ATOM   277  C "C5'" . DG  A 1 15 ? -0.717  10.106  1.927   1.00 26.70 ? 15  DG  A "C5'" 1 
ATOM   278  C "C4'" . DG  A 1 15 ? 0.601   9.869   2.648   1.00 24.12 ? 15  DG  A "C4'" 1 
ATOM   279  O "O4'" . DG  A 1 15 ? 1.101   8.507   2.474   1.00 21.23 ? 15  DG  A "O4'" 1 
ATOM   280  C "C3'" . DG  A 1 15 ? 1.761   10.749  2.199   1.00 24.80 ? 15  DG  A "C3'" 1 
ATOM   281  O "O3'" . DG  A 1 15 ? 2.314   11.077  3.434   1.00 25.60 ? 15  DG  A "O3'" 1 
ATOM   282  C "C2'" . DG  A 1 15 ? 2.680   9.838   1.344   1.00 19.42 ? 15  DG  A "C2'" 1 
ATOM   283  C "C1'" . DG  A 1 15 ? 2.465   8.505   2.060   1.00 19.39 ? 15  DG  A "C1'" 1 
ATOM   284  N N9    . DG  A 1 15 ? 2.655   7.388   1.140   1.00 19.47 ? 15  DG  A N9    1 
ATOM   285  C C8    . DG  A 1 15 ? 2.096   7.274   -0.137  1.00 19.33 ? 15  DG  A C8    1 
ATOM   286  N N7    . DG  A 1 15 ? 2.380   6.155   -0.722  1.00 16.03 ? 15  DG  A N7    1 
ATOM   287  C C5    . DG  A 1 15 ? 3.195   5.524   0.210   1.00 14.72 ? 15  DG  A C5    1 
ATOM   288  C C6    . DG  A 1 15 ? 3.888   4.325   0.112   1.00 14.29 ? 15  DG  A C6    1 
ATOM   289  O O6    . DG  A 1 15 ? 3.859   3.554   -0.832  1.00 11.32 ? 15  DG  A O6    1 
ATOM   290  N N1    . DG  A 1 15 ? 4.642   3.987   1.265   1.00 10.04 ? 15  DG  A N1    1 
ATOM   291  C C2    . DG  A 1 15 ? 4.724   4.779   2.376   1.00 12.48 ? 15  DG  A C2    1 
ATOM   292  N N2    . DG  A 1 15 ? 5.469   4.276   3.403   1.00 12.28 ? 15  DG  A N2    1 
ATOM   293  N N3    . DG  A 1 15 ? 4.162   5.933   2.473   1.00 14.41 ? 15  DG  A N3    1 
ATOM   294  C C4    . DG  A 1 15 ? 3.395   6.246   1.361   1.00 18.88 ? 15  DG  A C4    1 
ATOM   295  P P     . DG  A 1 16 ? 3.526   12.077  3.594   1.00 29.02 ? 16  DG  A P     1 
ATOM   296  O OP1   . DG  A 1 16 ? 3.255   12.856  4.807   1.00 31.98 ? 16  DG  A OP1   1 
ATOM   297  O OP2   . DG  A 1 16 ? 3.856   12.755  2.321   1.00 25.81 ? 16  DG  A OP2   1 
ATOM   298  O "O5'" . DG  A 1 16 ? 4.695   11.017  3.902   1.00 28.25 ? 16  DG  A "O5'" 1 
ATOM   299  C "C5'" . DG  A 1 16 ? 4.814   10.406  5.174   1.00 26.78 ? 16  DG  A "C5'" 1 
ATOM   300  C "C4'" . DG  A 1 16 ? 6.163   9.766   5.218   1.00 23.12 ? 16  DG  A "C4'" 1 
ATOM   301  O "O4'" . DG  A 1 16 ? 6.150   8.609   4.352   1.00 18.93 ? 16  DG  A "O4'" 1 
ATOM   302  C "C3'" . DG  A 1 16 ? 7.348   10.624  4.745   1.00 23.82 ? 16  DG  A "C3'" 1 
ATOM   303  O "O3'" . DG  A 1 16 ? 8.307   10.527  5.805   1.00 25.18 ? 16  DG  A "O3'" 1 
ATOM   304  C "C2'" . DG  A 1 16 ? 7.974   9.888   3.542   1.00 17.68 ? 16  DG  A "C2'" 1 
ATOM   305  C "C1'" . DG  A 1 16 ? 7.462   8.479   3.738   1.00 18.00 ? 16  DG  A "C1'" 1 
ATOM   306  N N9    . DG  A 1 16 ? 7.293   7.732   2.516   1.00 14.09 ? 16  DG  A N9    1 
ATOM   307  C C8    . DG  A 1 16 ? 6.450   8.147   1.491   1.00 12.13 ? 16  DG  A C8    1 
ATOM   308  N N7    . DG  A 1 16 ? 6.360   7.349   0.503   1.00 10.36 ? 16  DG  A N7    1 
ATOM   309  C C5    . DG  A 1 16 ? 7.208   6.308   0.879   1.00 15.86 ? 16  DG  A C5    1 
ATOM   310  C C6    . DG  A 1 16 ? 7.541   5.136   0.166   1.00 17.28 ? 16  DG  A C6    1 
ATOM   311  O O6    . DG  A 1 16 ? 7.124   4.789   -0.963  1.00 20.85 ? 16  DG  A O6    1 
ATOM   312  N N1    . DG  A 1 16 ? 8.467   4.340   0.835   1.00 16.74 ? 16  DG  A N1    1 
ATOM   313  C C2    . DG  A 1 16 ? 9.009   4.687   2.087   1.00 12.67 ? 16  DG  A C2    1 
ATOM   314  N N2    . DG  A 1 16 ? 9.837   3.856   2.623   1.00 11.64 ? 16  DG  A N2    1 
ATOM   315  N N3    . DG  A 1 16 ? 8.745   5.743   2.766   1.00 10.36 ? 16  DG  A N3    1 
ATOM   316  C C4    . DG  A 1 16 ? 7.817   6.528   2.124   1.00 15.66 ? 16  DG  A C4    1 
ATOM   317  P P     . DG  A 1 17 ? 9.672   11.348  5.833   1.00 27.93 ? 17  DG  A P     1 
ATOM   318  O OP1   . DG  A 1 17 ? 9.773   11.968  7.196   1.00 26.67 ? 17  DG  A OP1   1 
ATOM   319  O OP2   . DG  A 1 17 ? 9.802   12.258  4.692   1.00 29.02 ? 17  DG  A OP2   1 
ATOM   320  O "O5'" . DG  A 1 17 ? 10.728  10.219  5.548   1.00 24.37 ? 17  DG  A "O5'" 1 
ATOM   321  C "C5'" . DG  A 1 17 ? 10.690  8.887   6.065   1.00 22.64 ? 17  DG  A "C5'" 1 
ATOM   322  C "C4'" . DG  A 1 17 ? 11.992  8.206   5.690   1.00 24.16 ? 17  DG  A "C4'" 1 
ATOM   323  O "O4'" . DG  A 1 17 ? 11.818  7.322   4.544   1.00 26.67 ? 17  DG  A "O4'" 1 
ATOM   324  C "C3'" . DG  A 1 17 ? 13.242  9.006   5.306   1.00 27.25 ? 17  DG  A "C3'" 1 
ATOM   325  O "O3'" . DG  A 1 17 ? 14.399  8.240   5.721   1.00 31.03 ? 17  DG  A "O3'" 1 
ATOM   326  C "C2'" . DG  A 1 17 ? 13.203  9.079   3.760   1.00 25.78 ? 17  DG  A "C2'" 1 
ATOM   327  C "C1'" . DG  A 1 17 ? 12.681  7.672   3.485   1.00 24.21 ? 17  DG  A "C1'" 1 
ATOM   328  N N9    . DG  A 1 17 ? 11.857  7.506   2.278   1.00 22.31 ? 17  DG  A N9    1 
ATOM   329  C C8    . DG  A 1 17 ? 10.929  8.360   1.769   1.00 17.32 ? 17  DG  A C8    1 
ATOM   330  N N7    . DG  A 1 17 ? 10.399  7.926   0.690   1.00 17.24 ? 17  DG  A N7    1 
ATOM   331  C C5    . DG  A 1 17 ? 11.003  6.706   0.469   1.00 16.24 ? 17  DG  A C5    1 
ATOM   332  C C6    . DG  A 1 17 ? 10.796  5.737   -0.536  1.00 13.68 ? 17  DG  A C6    1 
ATOM   333  O O6    . DG  A 1 17 ? 10.023  5.756   -1.510  1.00 23.74 ? 17  DG  A O6    1 
ATOM   334  N N1    . DG  A 1 17 ? 11.600  4.622   -0.362  1.00 15.15 ? 17  DG  A N1    1 
ATOM   335  C C2    . DG  A 1 17 ? 12.538  4.455   0.681   1.00 12.53 ? 17  DG  A C2    1 
ATOM   336  N N2    . DG  A 1 17 ? 13.203  3.328   0.660   1.00 15.19 ? 17  DG  A N2    1 
ATOM   337  N N3    . DG  A 1 17 ? 12.720  5.324   1.663   1.00 15.63 ? 17  DG  A N3    1 
ATOM   338  C C4    . DG  A 1 17 ? 11.945  6.445   1.456   1.00 16.45 ? 17  DG  A C4    1 
ATOM   339  P P     . DT  A 1 18 ? 15.659  9.019   6.436   1.00 36.63 ? 18  DT  A P     1 
ATOM   340  O OP1   . DT  A 1 18 ? 16.055  10.216  5.684   1.00 32.31 ? 18  DT  A OP1   1 
ATOM   341  O OP2   . DT  A 1 18 ? 16.620  7.916   6.686   1.00 35.67 ? 18  DT  A OP2   1 
ATOM   342  O "O5'" . DT  A 1 18 ? 14.997  9.588   7.760   1.00 32.88 ? 18  DT  A "O5'" 1 
ATOM   343  C "C5'" . DT  A 1 18 ? 14.518  8.708   8.713   1.00 33.83 ? 18  DT  A "C5'" 1 
ATOM   344  C "C4'" . DT  A 1 18 ? 13.869  9.578   9.765   1.00 38.09 ? 18  DT  A "C4'" 1 
ATOM   345  O "O4'" . DT  A 1 18 ? 12.616  10.164  9.339   1.00 32.97 ? 18  DT  A "O4'" 1 
ATOM   346  C "C3'" . DT  A 1 18 ? 13.551  8.771   11.011  1.00 39.60 ? 18  DT  A "C3'" 1 
ATOM   347  O "O3'" . DT  A 1 18 ? 14.794  8.718   11.758  1.00 48.03 ? 18  DT  A "O3'" 1 
ATOM   348  C "C2'" . DT  A 1 18 ? 12.338  9.454   11.632  1.00 35.95 ? 18  DT  A "C2'" 1 
ATOM   349  C "C1'" . DT  A 1 18 ? 11.755  10.264  10.463  1.00 32.77 ? 18  DT  A "C1'" 1 
ATOM   350  N N1    . DT  A 1 18 ? 10.410  9.884   9.995   1.00 28.98 ? 18  DT  A N1    1 
ATOM   351  C C2    . DT  A 1 18 ? 9.479   10.912  9.922   1.00 30.84 ? 18  DT  A C2    1 
ATOM   352  O O2    . DT  A 1 18 ? 9.681   12.087  10.207  1.00 33.04 ? 18  DT  A O2    1 
ATOM   353  N N3    . DT  A 1 18 ? 8.236   10.548  9.473   1.00 31.20 ? 18  DT  A N3    1 
ATOM   354  C C4    . DT  A 1 18 ? 7.826   9.298   9.094   1.00 29.28 ? 18  DT  A C4    1 
ATOM   355  O O4    . DT  A 1 18 ? 6.686   9.147   8.697   1.00 29.87 ? 18  DT  A O4    1 
ATOM   356  C C5    . DT  A 1 18 ? 8.816   8.250   9.188   1.00 27.45 ? 18  DT  A C5    1 
ATOM   357  C C7    . DT  A 1 18 ? 8.421   6.899   8.687   1.00 30.88 ? 18  DT  A C7    1 
ATOM   358  C C6    . DT  A 1 18 ? 10.063  8.578   9.622   1.00 28.31 ? 18  DT  A C6    1 
ATOM   359  P P     . DT  A 1 19 ? 15.254  9.750   12.888  1.00 46.01 ? 19  DT  A P     1 
ATOM   360  O OP1   . DT  A 1 19 ? 14.600  11.028  12.586  1.00 49.66 ? 19  DT  A OP1   1 
ATOM   361  O OP2   . DT  A 1 19 ? 16.717  9.659   12.929  1.00 48.37 ? 19  DT  A OP2   1 
ATOM   362  O "O5'" . DT  A 1 19 ? 14.656  9.079   14.215  1.00 41.75 ? 19  DT  A "O5'" 1 
ATOM   363  C "C5'" . DT  A 1 19 ? 15.190  7.835   14.743  1.00 37.75 ? 19  DT  A "C5'" 1 
ATOM   364  C "C4'" . DT  A 1 19 ? 14.196  7.371   15.792  1.00 38.48 ? 19  DT  A "C4'" 1 
ATOM   365  O "O4'" . DT  A 1 19 ? 13.599  8.531   16.424  1.00 34.98 ? 19  DT  A "O4'" 1 
ATOM   366  C "C3'" . DT  A 1 19 ? 12.995  6.663   15.170  1.00 36.18 ? 19  DT  A "C3'" 1 
ATOM   367  O "O3'" . DT  A 1 19 ? 13.348  5.306   14.895  1.00 38.11 ? 19  DT  A "O3'" 1 
ATOM   368  C "C2'" . DT  A 1 19 ? 11.828  6.909   16.118  1.00 35.95 ? 19  DT  A "C2'" 1 
ATOM   369  C "C1'" . DT  A 1 19 ? 12.185  8.332   16.584  1.00 38.75 ? 19  DT  A "C1'" 1 
ATOM   370  N N1    . DT  A 1 19 ? 11.340  9.488   15.993  1.00 39.68 ? 19  DT  A N1    1 
ATOM   371  C C2    . DT  A 1 19 ? 10.005  9.543   16.353  1.00 38.62 ? 19  DT  A C2    1 
ATOM   372  O O2    . DT  A 1 19 ? 9.464   8.730   17.078  1.00 34.56 ? 19  DT  A O2    1 
ATOM   373  N N3    . DT  A 1 19 ? 9.308   10.599  15.808  1.00 41.76 ? 19  DT  A N3    1 
ATOM   374  C C4    . DT  A 1 19 ? 9.786   11.591  14.957  1.00 42.75 ? 19  DT  A C4    1 
ATOM   375  O O4    . DT  A 1 19 ? 9.029   12.486  14.535  1.00 42.70 ? 19  DT  A O4    1 
ATOM   376  C C5    . DT  A 1 19 ? 11.204  11.501  14.625  1.00 41.07 ? 19  DT  A C5    1 
ATOM   377  C C7    . DT  A 1 19 ? 11.864  12.606  13.842  1.00 41.64 ? 19  DT  A C7    1 
ATOM   378  C C6    . DT  A 1 19 ? 11.897  10.473  15.152  1.00 40.40 ? 19  DT  A C6    1 
ATOM   379  P P     . DA  A 1 20 ? 13.383  4.847   13.338  1.00 36.00 ? 20  DA  A P     1 
ATOM   380  O OP1   . DA  A 1 20 ? 14.176  3.602   13.126  1.00 31.83 ? 20  DA  A OP1   1 
ATOM   381  O OP2   . DA  A 1 20 ? 13.635  6.051   12.482  1.00 38.10 ? 20  DA  A OP2   1 
ATOM   382  O "O5'" . DA  A 1 20 ? 11.841  4.466   13.144  1.00 33.69 ? 20  DA  A "O5'" 1 
ATOM   383  C "C5'" . DA  A 1 20 ? 11.212  3.440   13.895  1.00 31.18 ? 20  DA  A "C5'" 1 
ATOM   384  C "C4'" . DA  A 1 20 ? 9.801   3.310   13.396  1.00 27.33 ? 20  DA  A "C4'" 1 
ATOM   385  O "O4'" . DA  A 1 20 ? 9.067   4.522   13.696  1.00 28.43 ? 20  DA  A "O4'" 1 
ATOM   386  C "C3'" . DA  A 1 20 ? 9.806   3.138   11.872  1.00 29.63 ? 20  DA  A "C3'" 1 
ATOM   387  O "O3'" . DA  A 1 20 ? 8.809   2.244   11.448  1.00 27.79 ? 20  DA  A "O3'" 1 
ATOM   388  C "C2'" . DA  A 1 20 ? 9.438   4.509   11.381  1.00 29.37 ? 20  DA  A "C2'" 1 
ATOM   389  C "C1'" . DA  A 1 20 ? 8.468   4.979   12.492  1.00 29.22 ? 20  DA  A "C1'" 1 
ATOM   390  N N9    . DA  A 1 20 ? 8.407   6.422   12.586  1.00 27.56 ? 20  DA  A N9    1 
ATOM   391  C C8    . DA  A 1 20 ? 9.437   7.222   13.043  1.00 28.46 ? 20  DA  A C8    1 
ATOM   392  N N7    . DA  A 1 20 ? 9.185   8.505   13.038  1.00 27.06 ? 20  DA  A N7    1 
ATOM   393  C C5    . DA  A 1 20 ? 7.867   8.559   12.571  1.00 28.92 ? 20  DA  A C5    1 
ATOM   394  C C6    . DA  A 1 20 ? 6.996   9.656   12.331  1.00 29.75 ? 20  DA  A C6    1 
ATOM   395  N N6    . DA  A 1 20 ? 7.336   10.930  12.584  1.00 29.90 ? 20  DA  A N6    1 
ATOM   396  N N1    . DA  A 1 20 ? 5.754   9.390   11.823  1.00 30.01 ? 20  DA  A N1    1 
ATOM   397  C C2    . DA  A 1 20 ? 5.414   8.083   11.599  1.00 28.57 ? 20  DA  A C2    1 
ATOM   398  N N3    . DA  A 1 20 ? 6.144   6.960   11.781  1.00 28.10 ? 20  DA  A N3    1 
ATOM   399  C C4    . DA  A 1 20 ? 7.372   7.271   12.275  1.00 29.39 ? 20  DA  A C4    1 
ATOM   400  P P     . DG  A 1 21 ? 8.858   0.678   11.582  1.00 27.23 ? 21  DG  A P     1 
ATOM   401  O OP1   . DG  A 1 21 ? 7.438   0.379   11.696  1.00 24.65 ? 21  DG  A OP1   1 
ATOM   402  O OP2   . DG  A 1 21 ? 9.911   0.318   12.568  1.00 34.17 ? 21  DG  A OP2   1 
ATOM   403  O "O5'" . DG  A 1 21 ? 9.417   0.157   10.142  1.00 32.59 ? 21  DG  A "O5'" 1 
ATOM   404  C "C5'" . DG  A 1 21 ? 8.778   0.512   8.878   1.00 27.38 ? 21  DG  A "C5'" 1 
ATOM   405  C "C4'" . DG  A 1 21 ? 9.516   -0.263  7.810   1.00 23.34 ? 21  DG  A "C4'" 1 
ATOM   406  O "O4'" . DG  A 1 21 ? 8.689   -0.555  6.645   1.00 21.10 ? 21  DG  A "O4'" 1 
ATOM   407  C "C3'" . DG  A 1 21 ? 10.839  0.378   7.366   1.00 21.01 ? 21  DG  A "C3'" 1 
ATOM   408  O "O3'" . DG  A 1 21 ? 11.653  -0.774  7.321   1.00 25.81 ? 21  DG  A "O3'" 1 
ATOM   409  C "C2'" . DG  A 1 21 ? 10.470  0.962   5.974   1.00 20.18 ? 21  DG  A "C2'" 1 
ATOM   410  C "C1'" . DG  A 1 21 ? 9.351   -0.003  5.501   1.00 19.20 ? 21  DG  A "C1'" 1 
ATOM   411  N N9    . DG  A 1 21 ? 8.404   0.679   4.601   1.00 15.74 ? 21  DG  A N9    1 
ATOM   412  C C8    . DG  A 1 21 ? 7.704   1.854   4.740   1.00 12.22 ? 21  DG  A C8    1 
ATOM   413  N N7    . DG  A 1 21 ? 6.986   2.110   3.653   1.00 12.80 ? 21  DG  A N7    1 
ATOM   414  C C5    . DG  A 1 21 ? 7.218   1.056   2.816   1.00 7.52  ? 21  DG  A C5    1 
ATOM   415  C C6    . DG  A 1 21 ? 6.730   0.801   1.516   1.00 10.99 ? 21  DG  A C6    1 
ATOM   416  O O6    . DG  A 1 21 ? 5.954   1.533   0.958   1.00 13.77 ? 21  DG  A O6    1 
ATOM   417  N N1    . DG  A 1 21 ? 7.209   -0.351  0.958   1.00 9.46  ? 21  DG  A N1    1 
ATOM   418  C C2    . DG  A 1 21 ? 8.070   -1.182  1.604   1.00 11.26 ? 21  DG  A C2    1 
ATOM   419  N N2    . DG  A 1 21 ? 8.455   -2.263  0.943   1.00 9.20  ? 21  DG  A N2    1 
ATOM   420  N N3    . DG  A 1 21 ? 8.576   -0.936  2.816   1.00 12.02 ? 21  DG  A N3    1 
ATOM   421  C C4    . DG  A 1 21 ? 8.078   0.173   3.358   1.00 12.53 ? 21  DG  A C4    1 
ATOM   422  P P     . DG  A 1 22 ? 13.153  -0.879  6.855   1.00 27.50 ? 22  DG  A P     1 
ATOM   423  O OP1   . DG  A 1 22 ? 13.659  -2.000  7.672   1.00 32.43 ? 22  DG  A OP1   1 
ATOM   424  O OP2   . DG  A 1 22 ? 13.746  0.455   6.792   1.00 26.90 ? 22  DG  A OP2   1 
ATOM   425  O "O5'" . DG  A 1 22 ? 13.104  -1.419  5.380   1.00 26.62 ? 22  DG  A "O5'" 1 
ATOM   426  C "C5'" . DG  A 1 22 ? 12.736  -2.692  5.014   1.00 25.27 ? 22  DG  A "C5'" 1 
ATOM   427  C "C4'" . DG  A 1 22 ? 13.230  -2.873  3.589   1.00 24.79 ? 22  DG  A "C4'" 1 
ATOM   428  O "O4'" . DG  A 1 22 ? 12.247  -2.359  2.639   1.00 24.38 ? 22  DG  A "O4'" 1 
ATOM   429  C "C3'" . DG  A 1 22 ? 14.558  -2.214  3.189   1.00 28.34 ? 22  DG  A "C3'" 1 
ATOM   430  O "O3'" . DG  A 1 22 ? 15.247  -3.273  2.509   1.00 30.61 ? 22  DG  A "O3'" 1 
ATOM   431  C "C2'" . DG  A 1 22 ? 14.182  -1.076  2.208   1.00 25.03 ? 22  DG  A "C2'" 1 
ATOM   432  C "C1'" . DG  A 1 22 ? 12.850  -1.564  1.629   1.00 21.23 ? 22  DG  A "C1'" 1 
ATOM   433  N N9    . DG  A 1 22 ? 11.884  -0.509  1.291   1.00 15.84 ? 22  DG  A N9    1 
ATOM   434  C C8    . DG  A 1 22 ? 11.539  0.595   2.028   1.00 16.16 ? 22  DG  A C8    1 
ATOM   435  N N7    . DG  A 1 22 ? 10.664  1.357   1.423   1.00 15.07 ? 22  DG  A N7    1 
ATOM   436  C C5    . DG  A 1 22 ? 10.428  0.674   0.253   1.00 14.19 ? 22  DG  A C5    1 
ATOM   437  C C6    . DG  A 1 22 ? 9.585   0.982   -0.824  1.00 12.26 ? 22  DG  A C6    1 
ATOM   438  O O6    . DG  A 1 22 ? 8.873   1.935   -0.834  1.00 14.94 ? 22  DG  A O6    1 
ATOM   439  N N1    . DG  A 1 22 ? 9.573   0.114   -1.883  1.00 14.50 ? 22  DG  A N1    1 
ATOM   440  C C2    . DG  A 1 22 ? 10.388  -0.975  -1.932  1.00 15.13 ? 22  DG  A C2    1 
ATOM   441  N N2    . DG  A 1 22 ? 10.351  -1.735  -3.051  1.00 12.13 ? 22  DG  A N2    1 
ATOM   442  N N3    . DG  A 1 22 ? 11.182  -1.280  -0.929  1.00 16.42 ? 22  DG  A N3    1 
ATOM   443  C C4    . DG  A 1 22 ? 11.176  -0.430  0.124   1.00 15.36 ? 22  DG  A C4    1 
ATOM   444  P P     . DG  A 1 23 ? 16.696  -3.115  1.894   1.00 30.91 ? 23  DG  A P     1 
ATOM   445  O OP1   . DG  A 1 23 ? 17.438  -4.351  2.217   1.00 31.89 ? 23  DG  A OP1   1 
ATOM   446  O OP2   . DG  A 1 23 ? 17.163  -1.746  2.122   1.00 27.33 ? 23  DG  A OP2   1 
ATOM   447  O "O5'" . DG  A 1 23 ? 16.452  -3.156  0.302   1.00 31.97 ? 23  DG  A "O5'" 1 
ATOM   448  C "C5'" . DG  A 1 23 ? 15.897  -4.209  -0.499  1.00 29.97 ? 23  DG  A "C5'" 1 
ATOM   449  C "C4'" . DG  A 1 23 ? 15.924  -3.697  -1.941  1.00 30.11 ? 23  DG  A "C4'" 1 
ATOM   450  O "O4'" . DG  A 1 23 ? 14.816  -2.734  -2.068  1.00 31.35 ? 23  DG  A "O4'" 1 
ATOM   451  C "C3'" . DG  A 1 23 ? 17.179  -2.903  -2.387  1.00 27.23 ? 23  DG  A "C3'" 1 
ATOM   452  O "O3'" . DG  A 1 23 ? 17.528  -3.184  -3.720  1.00 31.36 ? 23  DG  A "O3'" 1 
ATOM   453  C "C2'" . DG  A 1 23 ? 16.784  -1.439  -2.274  1.00 23.67 ? 23  DG  A "C2'" 1 
ATOM   454  C "C1'" . DG  A 1 23 ? 15.325  -1.563  -2.692  1.00 24.99 ? 23  DG  A "C1'" 1 
ATOM   455  N N9    . DG  A 1 23 ? 14.467  -0.400  -2.445  1.00 22.11 ? 23  DG  A N9    1 
ATOM   456  C C8    . DG  A 1 23 ? 14.447  0.388   -1.316  1.00 20.80 ? 23  DG  A C8    1 
ATOM   457  N N7    . DG  A 1 23 ? 13.568  1.345   -1.369  1.00 20.45 ? 23  DG  A N7    1 
ATOM   458  C C5    . DG  A 1 23 ? 12.958  1.184   -2.654  1.00 15.39 ? 23  DG  A C5    1 
ATOM   459  C C6    . DG  A 1 23 ? 11.935  1.918   -3.286  1.00 12.55 ? 23  DG  A C6    1 
ATOM   460  O O6    . DG  A 1 23 ? 11.359  2.935   -2.835  1.00 18.10 ? 23  DG  A O6    1 
ATOM   461  N N1    . DG  A 1 23 ? 11.600  1.462   -4.583  1.00 13.98 ? 23  DG  A N1    1 
ATOM   462  C C2    . DG  A 1 23 ? 12.195  0.358   -5.146  1.00 15.71 ? 23  DG  A C2    1 
ATOM   463  N N2    . DG  A 1 23 ? 11.761  0.027   -6.365  1.00 21.93 ? 23  DG  A N2    1 
ATOM   464  N N3    . DG  A 1 23 ? 13.156  -0.382  -4.565  1.00 19.62 ? 23  DG  A N3    1 
ATOM   465  C C4    . DG  A 1 23 ? 13.527  0.112   -3.329  1.00 18.88 ? 23  DG  A C4    1 
ATOM   466  O "O5'" . DT  B 1 1  ? -14.256 7.433   -10.126 1.00 44.13 ? 1   DT  B "O5'" 1 
ATOM   467  C "C5'" . DT  B 1 1  ? -13.381 7.866   -9.061  1.00 37.14 ? 1   DT  B "C5'" 1 
ATOM   468  C "C4'" . DT  B 1 1  ? -12.082 7.079   -9.104  1.00 34.84 ? 1   DT  B "C4'" 1 
ATOM   469  O "O4'" . DT  B 1 1  ? -12.335 5.662   -9.345  1.00 30.63 ? 1   DT  B "O4'" 1 
ATOM   470  C "C3'" . DT  B 1 1  ? -11.063 7.498   -10.166 1.00 34.96 ? 1   DT  B "C3'" 1 
ATOM   471  O "O3'" . DT  B 1 1  ? -9.743  7.388   -9.581  1.00 33.76 ? 1   DT  B "O3'" 1 
ATOM   472  C "C2'" . DT  B 1 1  ? -11.221 6.458   -11.287 1.00 29.92 ? 1   DT  B "C2'" 1 
ATOM   473  C "C1'" . DT  B 1 1  ? -11.549 5.214   -10.433 1.00 28.02 ? 1   DT  B "C1'" 1 
ATOM   474  N N1    . DT  B 1 1  ? -12.307 4.089   -11.147 1.00 27.35 ? 1   DT  B N1    1 
ATOM   475  C C2    . DT  B 1 1  ? -11.709 2.843   -11.175 1.00 24.74 ? 1   DT  B C2    1 
ATOM   476  O O2    . DT  B 1 1  ? -10.621 2.676   -10.665 1.00 26.32 ? 1   DT  B O2    1 
ATOM   477  N N3    . DT  B 1 1  ? -12.397 1.850   -11.836 1.00 23.16 ? 1   DT  B N3    1 
ATOM   478  C C4    . DT  B 1 1  ? -13.643 2.009   -12.470 1.00 24.96 ? 1   DT  B C4    1 
ATOM   479  O O4    . DT  B 1 1  ? -14.195 1.065   -13.057 1.00 22.35 ? 1   DT  B O4    1 
ATOM   480  C C5    . DT  B 1 1  ? -14.228 3.351   -12.401 1.00 26.44 ? 1   DT  B C5    1 
ATOM   481  C C7    . DT  B 1 1  ? -15.688 3.593   -12.741 1.00 26.39 ? 1   DT  B C7    1 
ATOM   482  C C6    . DT  B 1 1  ? -13.539 4.313   -11.749 1.00 25.80 ? 1   DT  B C6    1 
ATOM   483  P P     . DA  B 1 2  ? -8.993  8.624   -8.938  1.00 33.86 ? 2   DA  B P     1 
ATOM   484  O OP1   . DA  B 1 2  ? -9.521  9.920   -9.445  1.00 35.49 ? 2   DA  B OP1   1 
ATOM   485  O OP2   . DA  B 1 2  ? -7.523  8.288   -9.045  1.00 31.69 ? 2   DA  B OP2   1 
ATOM   486  O "O5'" . DA  B 1 2  ? -9.505  8.540   -7.408  1.00 33.93 ? 2   DA  B "O5'" 1 
ATOM   487  C "C5'" . DA  B 1 2  ? -8.760  7.731   -6.474  1.00 32.37 ? 2   DA  B "C5'" 1 
ATOM   488  C "C4'" . DA  B 1 2  ? -8.631  8.424   -5.113  1.00 29.87 ? 2   DA  B "C4'" 1 
ATOM   489  O "O4'" . DA  B 1 2  ? -7.923  9.665   -5.203  1.00 26.72 ? 2   DA  B "O4'" 1 
ATOM   490  C "C3'" . DA  B 1 2  ? -9.983  8.801   -4.572  1.00 30.89 ? 2   DA  B "C3'" 1 
ATOM   491  O "O3'" . DA  B 1 2  ? -9.890  8.617   -3.180  1.00 35.48 ? 2   DA  B "O3'" 1 
ATOM   492  C "C2'" . DA  B 1 2  ? -10.190 10.256  -5.030  1.00 26.71 ? 2   DA  B "C2'" 1 
ATOM   493  C "C1'" . DA  B 1 2  ? -8.763  10.795  -4.949  1.00 27.37 ? 2   DA  B "C1'" 1 
ATOM   494  N N9    . DA  B 1 2  ? -8.431  11.885  -5.892  1.00 26.26 ? 2   DA  B N9    1 
ATOM   495  C C8    . DA  B 1 2  ? -8.501  11.866  -7.271  1.00 26.74 ? 2   DA  B C8    1 
ATOM   496  N N7    . DA  B 1 2  ? -8.112  12.991  -7.856  1.00 26.03 ? 2   DA  B N7    1 
ATOM   497  C C5    . DA  B 1 2  ? -7.765  13.809  -6.792  1.00 22.73 ? 2   DA  B C5    1 
ATOM   498  C C6    . DA  B 1 2  ? -7.257  15.138  -6.658  1.00 20.44 ? 2   DA  B C6    1 
ATOM   499  N N6    . DA  B 1 2  ? -6.975  16.007  -7.623  1.00 23.27 ? 2   DA  B N6    1 
ATOM   500  N N1    . DA  B 1 2  ? -7.013  15.581  -5.414  1.00 19.54 ? 2   DA  B N1    1 
ATOM   501  C C2    . DA  B 1 2  ? -7.224  14.795  -4.380  1.00 16.09 ? 2   DA  B C2    1 
ATOM   502  N N3    . DA  B 1 2  ? -7.685  13.566  -4.371  1.00 21.72 ? 2   DA  B N3    1 
ATOM   503  C C4    . DA  B 1 2  ? -7.946  13.116  -5.593  1.00 22.91 ? 2   DA  B C4    1 
ATOM   504  P P     . DG  B 1 3  ? -11.116 8.037   -2.331  1.00 35.43 ? 3   DG  B P     1 
ATOM   505  O OP1   . DG  B 1 3  ? -12.380 8.368   -2.980  1.00 38.52 ? 3   DG  B OP1   1 
ATOM   506  O OP2   . DG  B 1 3  ? -10.835 8.435   -0.948  1.00 37.43 ? 3   DG  B OP2   1 
ATOM   507  O "O5'" . DG  B 1 3  ? -10.952 6.468   -2.539  1.00 33.63 ? 3   DG  B "O5'" 1 
ATOM   508  C "C5'" . DG  B 1 3  ? -9.694  5.850   -2.258  1.00 25.16 ? 3   DG  B "C5'" 1 
ATOM   509  C "C4'" . DG  B 1 3  ? -9.878  4.485   -2.818  1.00 22.42 ? 3   DG  B "C4'" 1 
ATOM   510  O "O4'" . DG  B 1 3  ? -8.756  3.674   -2.466  1.00 21.14 ? 3   DG  B "O4'" 1 
ATOM   511  C "C3'" . DG  B 1 3  ? -11.150 3.760   -2.361  1.00 22.61 ? 3   DG  B "C3'" 1 
ATOM   512  O "O3'" . DG  B 1 3  ? -11.740 3.288   -3.571  1.00 24.75 ? 3   DG  B "O3'" 1 
ATOM   513  C "C2'" . DG  B 1 3  ? -10.618 2.641   -1.484  1.00 22.16 ? 3   DG  B "C2'" 1 
ATOM   514  C "C1'" . DG  B 1 3  ? -9.238  2.400   -2.076  1.00 21.22 ? 3   DG  B "C1'" 1 
ATOM   515  N N9    . DG  B 1 3  ? -8.355  1.899   -1.022  1.00 20.80 ? 3   DG  B N9    1 
ATOM   516  C C8    . DG  B 1 3  ? -8.125  2.462   0.224   1.00 17.59 ? 3   DG  B C8    1 
ATOM   517  N N7    . DG  B 1 3  ? -7.297  1.770   0.927   1.00 16.75 ? 3   DG  B N7    1 
ATOM   518  C C5    . DG  B 1 3  ? -6.953  0.700   0.103   1.00 14.06 ? 3   DG  B C5    1 
ATOM   519  C C6    . DG  B 1 3  ? -6.097  -0.382  0.316   1.00 13.71 ? 3   DG  B C6    1 
ATOM   520  O O6    . DG  B 1 3  ? -5.425  -0.580  1.339   1.00 15.80 ? 3   DG  B O6    1 
ATOM   521  N N1    . DG  B 1 3  ? -6.029  -1.276  -0.765  1.00 13.16 ? 3   DG  B N1    1 
ATOM   522  C C2    . DG  B 1 3  ? -6.752  -1.061  -1.956  1.00 10.83 ? 3   DG  B C2    1 
ATOM   523  N N2    . DG  B 1 3  ? -6.669  -1.963  -2.926  1.00 14.74 ? 3   DG  B N2    1 
ATOM   524  N N3    . DG  B 1 3  ? -7.553  -0.042  -2.153  1.00 13.70 ? 3   DG  B N3    1 
ATOM   525  C C4    . DG  B 1 3  ? -7.588  0.792   -1.110  1.00 15.52 ? 3   DG  B C4    1 
ATOM   526  P P     . DG  B 1 4  ? -13.074 2.430   -3.729  1.00 26.23 ? 4   DG  B P     1 
ATOM   527  O OP1   . DG  B 1 4  ? -13.628 2.813   -5.047  1.00 31.23 ? 4   DG  B OP1   1 
ATOM   528  O OP2   . DG  B 1 4  ? -13.894 2.415   -2.557  1.00 22.83 ? 4   DG  B OP2   1 
ATOM   529  O "O5'" . DG  B 1 4  ? -12.573 0.937   -3.861  1.00 22.61 ? 4   DG  B "O5'" 1 
ATOM   530  C "C5'" . DG  B 1 4  ? -11.825 0.501   -4.981  1.00 22.02 ? 4   DG  B "C5'" 1 
ATOM   531  C "C4'" . DG  B 1 4  ? -11.831 -1.005  -4.975  1.00 19.09 ? 4   DG  B "C4'" 1 
ATOM   532  O "O4'" . DG  B 1 4  ? -10.788 -1.366  -4.032  1.00 18.56 ? 4   DG  B "O4'" 1 
ATOM   533  C "C3'" . DG  B 1 4  ? -13.079 -1.741  -4.494  1.00 20.47 ? 4   DG  B "C3'" 1 
ATOM   534  O "O3'" . DG  B 1 4  ? -13.346 -2.794  -5.437  1.00 19.82 ? 4   DG  B "O3'" 1 
ATOM   535  C "C2'" . DG  B 1 4  ? -12.706 -2.486  -3.162  1.00 13.66 ? 4   DG  B "C2'" 1 
ATOM   536  C "C1'" . DG  B 1 4  ? -11.180 -2.518  -3.312  1.00 14.65 ? 4   DG  B "C1'" 1 
ATOM   537  N N9    . DG  B 1 4  ? -10.465 -2.399  -2.003  1.00 10.31 ? 4   DG  B N9    1 
ATOM   538  C C8    . DG  B 1 4  ? -10.623 -1.417  -1.080  1.00 9.25  ? 4   DG  B C8    1 
ATOM   539  N N7    . DG  B 1 4  ? -9.870  -1.560  -0.004  1.00 11.43 ? 4   DG  B N7    1 
ATOM   540  C C5    . DG  B 1 4  ? -9.171  -2.761  -0.268  1.00 10.33 ? 4   DG  B C5    1 
ATOM   541  C C6    . DG  B 1 4  ? -8.204  -3.458  0.480   1.00 8.23  ? 4   DG  B C6    1 
ATOM   542  O O6    . DG  B 1 4  ? -7.826  -3.071  1.570   1.00 13.42 ? 4   DG  B O6    1 
ATOM   543  N N1    . DG  B 1 4  ? -7.676  -4.594  -0.081  1.00 9.16  ? 4   DG  B N1    1 
ATOM   544  C C2    . DG  B 1 4  ? -8.110  -4.996  -1.367  1.00 8.50  ? 4   DG  B C2    1 
ATOM   545  N N2    . DG  B 1 4  ? -7.691  -6.147  -1.855  1.00 12.11 ? 4   DG  B N2    1 
ATOM   546  N N3    . DG  B 1 4  ? -9.022  -4.398  -2.072  1.00 6.60  ? 4   DG  B N3    1 
ATOM   547  C C4    . DG  B 1 4  ? -9.532  -3.281  -1.499  1.00 10.30 ? 4   DG  B C4    1 
ATOM   548  P P     . DG  B 1 5  ? -14.645 -3.790  -5.277  1.00 19.61 ? 5   DG  B P     1 
ATOM   549  O OP1   . DG  B 1 5  ? -15.074 -3.989  -6.736  1.00 24.23 ? 5   DG  B OP1   1 
ATOM   550  O OP2   . DG  B 1 5  ? -15.589 -3.301  -4.287  1.00 18.54 ? 5   DG  B OP2   1 
ATOM   551  O "O5'" . DG  B 1 5  ? -13.999 -5.167  -4.870  1.00 18.03 ? 5   DG  B "O5'" 1 
ATOM   552  C "C5'" . DG  B 1 5  ? -12.803 -5.646  -5.439  1.00 19.55 ? 5   DG  B "C5'" 1 
ATOM   553  C "C4'" . DG  B 1 5  ? -12.542 -7.050  -4.972  1.00 21.48 ? 5   DG  B "C4'" 1 
ATOM   554  O "O4'" . DG  B 1 5  ? -11.570 -7.027  -3.861  1.00 23.80 ? 5   DG  B "O4'" 1 
ATOM   555  C "C3'" . DG  B 1 5  ? -13.711 -7.940  -4.514  1.00 23.21 ? 5   DG  B "C3'" 1 
ATOM   556  O "O3'" . DG  B 1 5  ? -13.388 -9.301  -4.936  1.00 22.31 ? 5   DG  B "O3'" 1 
ATOM   557  C "C2'" . DG  B 1 5  ? -13.721 -7.774  -2.979  1.00 20.60 ? 5   DG  B "C2'" 1 
ATOM   558  C "C1'" . DG  B 1 5  ? -12.213 -7.620  -2.707  1.00 21.45 ? 5   DG  B "C1'" 1 
ATOM   559  N N9    . DG  B 1 5  ? -11.876 -6.846  -1.482  1.00 15.14 ? 5   DG  B N9    1 
ATOM   560  C C8    . DG  B 1 5  ? -12.353 -5.605  -1.080  1.00 12.41 ? 5   DG  B C8    1 
ATOM   561  N N7    . DG  B 1 5  ? -11.810 -5.239  0.027   1.00 14.34 ? 5   DG  B N7    1 
ATOM   562  C C5    . DG  B 1 5  ? -10.933 -6.298  0.332   1.00 9.32  ? 5   DG  B C5    1 
ATOM   563  C C6    . DG  B 1 5  ? -10.048 -6.455  1.423   1.00 11.02 ? 5   DG  B C6    1 
ATOM   564  O O6    . DG  B 1 5  ? -9.943  -5.603  2.312   1.00 11.49 ? 5   DG  B O6    1 
ATOM   565  N N1    . DG  B 1 5  ? -9.286  -7.636  1.360   1.00 10.63 ? 5   DG  B N1    1 
ATOM   566  C C2    . DG  B 1 5  ? -9.365  -8.558  0.341   1.00 11.35 ? 5   DG  B C2    1 
ATOM   567  N N2    . DG  B 1 5  ? -8.622  -9.663  0.445   1.00 16.34 ? 5   DG  B N2    1 
ATOM   568  N N3    . DG  B 1 5  ? -10.201 -8.438  -0.665  1.00 10.50 ? 5   DG  B N3    1 
ATOM   569  C C4    . DG  B 1 5  ? -10.957 -7.288  -0.588  1.00 11.30 ? 5   DG  B C4    1 
ATOM   570  P P     . DT  B 1 6  ? -14.602 -10.191 -5.560  1.00 29.47 ? 6   DT  B P     1 
ATOM   571  O OP1   . DT  B 1 6  ? -15.900 -9.947  -4.879  1.00 27.40 ? 6   DT  B OP1   1 
ATOM   572  O OP2   . DT  B 1 6  ? -13.988 -11.510 -5.746  1.00 26.31 ? 6   DT  B OP2   1 
ATOM   573  O "O5'" . DT  B 1 6  ? -14.889 -9.501  -6.987  1.00 28.22 ? 6   DT  B "O5'" 1 
ATOM   574  C "C5'" . DT  B 1 6  ? -13.818 -9.419  -7.895  1.00 27.44 ? 6   DT  B "C5'" 1 
ATOM   575  C "C4'" . DT  B 1 6  ? -14.347 -8.705  -9.100  1.00 26.73 ? 6   DT  B "C4'" 1 
ATOM   576  O "O4'" . DT  B 1 6  ? -14.354 -7.301  -8.758  1.00 25.70 ? 6   DT  B "O4'" 1 
ATOM   577  C "C3'" . DT  B 1 6  ? -13.536 -8.882  -10.373 1.00 30.10 ? 6   DT  B "C3'" 1 
ATOM   578  O "O3'" . DT  B 1 6  ? -14.449 -9.336  -11.365 1.00 37.94 ? 6   DT  B "O3'" 1 
ATOM   579  C "C2'" . DT  B 1 6  ? -13.059 -7.474  -10.721 1.00 26.26 ? 6   DT  B "C2'" 1 
ATOM   580  C "C1'" . DT  B 1 6  ? -14.057 -6.595  -9.964  1.00 26.54 ? 6   DT  B "C1'" 1 
ATOM   581  N N1    . DT  B 1 6  ? -13.522 -5.265  -9.578  1.00 25.03 ? 6   DT  B N1    1 
ATOM   582  C C2    . DT  B 1 6  ? -14.335 -4.184  -9.810  1.00 23.16 ? 6   DT  B C2    1 
ATOM   583  O O2    . DT  B 1 6  ? -15.465 -4.202  -10.287 1.00 25.34 ? 6   DT  B O2    1 
ATOM   584  N N3    . DT  B 1 6  ? -13.780 -3.020  -9.386  1.00 22.81 ? 6   DT  B N3    1 
ATOM   585  C C4    . DT  B 1 6  ? -12.591 -2.799  -8.775  1.00 16.87 ? 6   DT  B C4    1 
ATOM   586  O O4    . DT  B 1 6  ? -12.292 -1.624  -8.512  1.00 21.51 ? 6   DT  B O4    1 
ATOM   587  C C5    . DT  B 1 6  ? -11.773 -3.951  -8.557  1.00 16.87 ? 6   DT  B C5    1 
ATOM   588  C C7    . DT  B 1 6  ? -10.578 -3.854  -7.641  1.00 17.05 ? 6   DT  B C7    1 
ATOM   589  C C6    . DT  B 1 6  ? -12.260 -5.141  -8.959  1.00 17.43 ? 6   DT  B C6    1 
ATOM   590  P P     . DT  B 1 7  ? -14.117 -10.614 -12.271 1.00 37.56 ? 7   DT  B P     1 
ATOM   591  O OP1   . DT  B 1 7  ? -15.422 -10.963 -12.934 1.00 38.40 ? 7   DT  B OP1   1 
ATOM   592  O OP2   . DT  B 1 7  ? -13.397 -11.593 -11.426 1.00 35.70 ? 7   DT  B OP2   1 
ATOM   593  O "O5'" . DT  B 1 7  ? -13.133 -9.972  -13.351 1.00 37.00 ? 7   DT  B "O5'" 1 
ATOM   594  C "C5'" . DT  B 1 7  ? -12.170 -10.775 -14.041 1.00 35.04 ? 7   DT  B "C5'" 1 
ATOM   595  C "C4'" . DT  B 1 7  ? -11.187 -9.850  -14.732 1.00 36.49 ? 7   DT  B "C4'" 1 
ATOM   596  O "O4'" . DT  B 1 7  ? -11.932 -8.921  -15.541 1.00 33.11 ? 7   DT  B "O4'" 1 
ATOM   597  C "C3'" . DT  B 1 7  ? -10.424 -8.919  -13.791 1.00 36.27 ? 7   DT  B "C3'" 1 
ATOM   598  O "O3'" . DT  B 1 7  ? -9.294  -9.570  -13.242 1.00 36.31 ? 7   DT  B "O3'" 1 
ATOM   599  C "C2'" . DT  B 1 7  ? -10.023 -7.766  -14.709 1.00 35.41 ? 7   DT  B "C2'" 1 
ATOM   600  C "C1'" . DT  B 1 7  ? -11.270 -7.659  -15.587 1.00 31.74 ? 7   DT  B "C1'" 1 
ATOM   601  N N1    . DT  B 1 7  ? -12.260 -6.578  -15.199 1.00 26.76 ? 7   DT  B N1    1 
ATOM   602  C C2    . DT  B 1 7  ? -11.911 -5.271  -15.437 1.00 24.50 ? 7   DT  B C2    1 
ATOM   603  O O2    . DT  B 1 7  ? -10.856 -4.965  -15.946 1.00 23.57 ? 7   DT  B O2    1 
ATOM   604  N N3    . DT  B 1 7  ? -12.846 -4.358  -15.072 1.00 22.93 ? 7   DT  B N3    1 
ATOM   605  C C4    . DT  B 1 7  ? -14.082 -4.628  -14.495 1.00 25.29 ? 7   DT  B C4    1 
ATOM   606  O O4    . DT  B 1 7  ? -14.857 -3.707  -14.201 1.00 28.89 ? 7   DT  B O4    1 
ATOM   607  C C5    . DT  B 1 7  ? -14.404 -6.014  -14.260 1.00 26.61 ? 7   DT  B C5    1 
ATOM   608  C C7    . DT  B 1 7  ? -15.572 -6.426  -13.404 1.00 23.96 ? 7   DT  B C7    1 
ATOM   609  C C6    . DT  B 1 7  ? -13.481 -6.911  -14.635 1.00 27.18 ? 7   DT  B C6    1 
ATOM   610  P P     . DA  B 1 8  ? -8.953  -9.388  -11.684 1.00 36.24 ? 8   DA  B P     1 
ATOM   611  O OP1   . DA  B 1 8  ? -7.803  -10.304 -11.419 1.00 39.03 ? 8   DA  B OP1   1 
ATOM   612  O OP2   . DA  B 1 8  ? -10.224 -9.443  -10.915 1.00 33.81 ? 8   DA  B OP2   1 
ATOM   613  O "O5'" . DA  B 1 8  ? -8.342  -7.918  -11.600 1.00 35.91 ? 8   DA  B "O5'" 1 
ATOM   614  C "C5'" . DA  B 1 8  ? -6.963  -7.609  -11.973 1.00 30.96 ? 8   DA  B "C5'" 1 
ATOM   615  C "C4'" . DA  B 1 8  ? -6.591  -6.255  -11.409 1.00 30.58 ? 8   DA  B "C4'" 1 
ATOM   616  O "O4'" . DA  B 1 8  ? -7.490  -5.236  -11.958 1.00 26.14 ? 8   DA  B "O4'" 1 
ATOM   617  C "C3'" . DA  B 1 8  ? -6.646  -6.056  -9.872  1.00 30.80 ? 8   DA  B "C3'" 1 
ATOM   618  O "O3'" . DA  B 1 8  ? -5.500  -5.191  -9.339  1.00 35.74 ? 8   DA  B "O3'" 1 
ATOM   619  C "C2'" . DA  B 1 8  ? -8.002  -5.392  -9.672  1.00 24.70 ? 8   DA  B "C2'" 1 
ATOM   620  C "C1'" . DA  B 1 8  ? -8.078  -4.482  -10.909 1.00 24.99 ? 8   DA  B "C1'" 1 
ATOM   621  N N9    . DA  B 1 8  ? -9.432  -4.142  -11.357 1.00 25.30 ? 8   DA  B N9    1 
ATOM   622  C C8    . DA  B 1 8  ? -10.440 -4.983  -11.831 1.00 25.00 ? 8   DA  B C8    1 
ATOM   623  N N7    . DA  B 1 8  ? -11.547 -4.351  -12.163 1.00 25.46 ? 8   DA  B N7    1 
ATOM   624  C C5    . DA  B 1 8  ? -11.225 -3.018  -11.889 1.00 23.52 ? 8   DA  B C5    1 
ATOM   625  C C6    . DA  B 1 8  ? -11.954 -1.821  -12.004 1.00 24.52 ? 8   DA  B C6    1 
ATOM   626  N N6    . DA  B 1 8  ? -13.209 -1.760  -12.491 1.00 23.88 ? 8   DA  B N6    1 
ATOM   627  N N1    . DA  B 1 8  ? -11.328 -0.676  -11.653 1.00 24.04 ? 8   DA  B N1    1 
ATOM   628  C C2    . DA  B 1 8  ? -10.080 -0.700  -11.175 1.00 22.73 ? 8   DA  B C2    1 
ATOM   629  N N3    . DA  B 1 8  ? -9.307  -1.758  -11.022 1.00 24.57 ? 8   DA  B N3    1 
ATOM   630  C C4    . DA  B 1 8  ? -9.947  -2.883  -11.391 1.00 24.12 ? 8   DA  B C4    1 
ATOM   631  P P     . DG  B 1 9  ? -5.285  -4.902  -7.711  1.00 36.24 ? 9   DG  B P     1 
ATOM   632  O OP1   . DG  B 1 9  ? -6.524  -5.128  -6.910  1.00 32.02 ? 9   DG  B OP1   1 
ATOM   633  O OP2   . DG  B 1 9  ? -4.687  -3.597  -7.482  1.00 33.88 ? 9   DG  B OP2   1 
ATOM   634  O "O5'" . DG  B 1 9  ? -4.105  -5.942  -7.398  1.00 34.23 ? 9   DG  B "O5'" 1 
ATOM   635  C "C5'" . DG  B 1 9  ? -3.969  -7.280  -7.810  1.00 26.56 ? 9   DG  B "C5'" 1 
ATOM   636  C "C4'" . DG  B 1 9  ? -3.554  -8.127  -6.635  1.00 22.27 ? 9   DG  B "C4'" 1 
ATOM   637  O "O4'" . DG  B 1 9  ? -3.112  -7.318  -5.467  1.00 23.60 ? 9   DG  B "O4'" 1 
ATOM   638  C "C3'" . DG  B 1 9  ? -4.641  -9.084  -6.141  1.00 23.28 ? 9   DG  B "C3'" 1 
ATOM   639  O "O3'" . DG  B 1 9  ? -3.970  -10.393 -5.933  1.00 28.50 ? 9   DG  B "O3'" 1 
ATOM   640  C "C2'" . DG  B 1 9  ? -5.085  -8.506  -4.784  1.00 16.42 ? 9   DG  B "C2'" 1 
ATOM   641  C "C1'" . DG  B 1 9  ? -3.840  -7.755  -4.291  1.00 16.20 ? 9   DG  B "C1'" 1 
ATOM   642  N N9    . DG  B 1 9  ? -4.182  -6.569  -3.506  1.00 16.02 ? 9   DG  B N9    1 
ATOM   643  C C8    . DG  B 1 9  ? -4.978  -5.478  -3.843  1.00 15.78 ? 9   DG  B C8    1 
ATOM   644  N N7    . DG  B 1 9  ? -5.051  -4.568  -2.890  1.00 15.49 ? 9   DG  B N7    1 
ATOM   645  C C5    . DG  B 1 9  ? -4.197  -5.083  -1.901  1.00 11.51 ? 9   DG  B C5    1 
ATOM   646  C C6    . DG  B 1 9  ? -3.866  -4.602  -0.601  1.00 11.56 ? 9   DG  B C6    1 
ATOM   647  O O6    . DG  B 1 9  ? -4.266  -3.534  -0.113  1.00 9.77  ? 9   DG  B O6    1 
ATOM   648  N N1    . DG  B 1 9  ? -2.974  -5.430  0.099   1.00 8.90  ? 9   DG  B N1    1 
ATOM   649  C C2    . DG  B 1 9  ? -2.501  -6.597  -0.395  1.00 12.17 ? 9   DG  B C2    1 
ATOM   650  N N2    . DG  B 1 9  ? -1.696  -7.337  0.376   1.00 8.18  ? 9   DG  B N2    1 
ATOM   651  N N3    . DG  B 1 9  ? -2.850  -7.081  -1.573  1.00 9.59  ? 9   DG  B N3    1 
ATOM   652  C C4    . DG  B 1 9  ? -3.675  -6.280  -2.261  1.00 12.24 ? 9   DG  B C4    1 
ATOM   653  P P     . DG  B 1 10 ? -4.743  -11.643 -5.330  1.00 30.27 ? 10  DG  B P     1 
ATOM   654  O OP1   . DG  B 1 10 ? -4.053  -12.840 -5.864  1.00 36.12 ? 10  DG  B OP1   1 
ATOM   655  O OP2   . DG  B 1 10 ? -6.199  -11.499 -5.337  1.00 27.76 ? 10  DG  B OP2   1 
ATOM   656  O "O5'" . DG  B 1 10 ? -4.365  -11.615 -3.760  1.00 30.26 ? 10  DG  B "O5'" 1 
ATOM   657  C "C5'" . DG  B 1 10 ? -3.009  -11.590 -3.333  1.00 21.88 ? 10  DG  B "C5'" 1 
ATOM   658  C "C4'" . DG  B 1 10 ? -3.028  -12.032 -1.882  1.00 23.05 ? 10  DG  B "C4'" 1 
ATOM   659  O "O4'" . DG  B 1 10 ? -3.274  -10.845 -1.105  1.00 18.18 ? 10  DG  B "O4'" 1 
ATOM   660  C "C3'" . DG  B 1 10 ? -4.112  -13.028 -1.463  1.00 21.71 ? 10  DG  B "C3'" 1 
ATOM   661  O "O3'" . DG  B 1 10 ? -3.454  -14.081 -0.698  1.00 23.51 ? 10  DG  B "O3'" 1 
ATOM   662  C "C2'" . DG  B 1 10 ? -5.136  -12.211 -0.698  1.00 18.21 ? 10  DG  B "C2'" 1 
ATOM   663  C "C1'" . DG  B 1 10 ? -4.237  -11.159 -0.115  1.00 17.87 ? 10  DG  B "C1'" 1 
ATOM   664  N N9    . DG  B 1 10 ? -4.857  -9.857  0.116   1.00 16.64 ? 10  DG  B N9    1 
ATOM   665  C C8    . DG  B 1 10 ? -5.654  -9.187  -0.757  1.00 13.47 ? 10  DG  B C8    1 
ATOM   666  N N7    . DG  B 1 10 ? -6.014  -8.045  -0.333  1.00 15.79 ? 10  DG  B N7    1 
ATOM   667  C C5    . DG  B 1 10 ? -5.352  -7.936  0.904   1.00 15.59 ? 10  DG  B C5    1 
ATOM   668  C C6    . DG  B 1 10 ? -5.358  -6.921  1.844   1.00 14.99 ? 10  DG  B C6    1 
ATOM   669  O O6    . DG  B 1 10 ? -5.959  -5.836  1.724   1.00 17.43 ? 10  DG  B O6    1 
ATOM   670  N N1    . DG  B 1 10 ? -4.541  -7.190  3.013   1.00 16.21 ? 10  DG  B N1    1 
ATOM   671  C C2    . DG  B 1 10 ? -3.840  -8.383  3.162   1.00 15.75 ? 10  DG  B C2    1 
ATOM   672  N N2    . DG  B 1 10 ? -3.182  -8.566  4.291   1.00 15.90 ? 10  DG  B N2    1 
ATOM   673  N N3    . DG  B 1 10 ? -3.852  -9.361  2.287   1.00 16.32 ? 10  DG  B N3    1 
ATOM   674  C C4    . DG  B 1 10 ? -4.627  -9.062  1.204   1.00 15.67 ? 10  DG  B C4    1 
ATOM   675  P P     . DG  B 1 11 ? -4.226  -15.223 0.075   1.00 24.13 ? 11  DG  B P     1 
ATOM   676  O OP1   . DG  B 1 11 ? -3.384  -16.404 -0.064  1.00 28.11 ? 11  DG  B OP1   1 
ATOM   677  O OP2   . DG  B 1 11 ? -5.647  -15.328 -0.263  1.00 24.89 ? 11  DG  B OP2   1 
ATOM   678  O "O5'" . DG  B 1 11 ? -4.151  -14.723 1.600   1.00 21.66 ? 11  DG  B "O5'" 1 
ATOM   679  C "C5'" . DG  B 1 11 ? -2.948  -14.614 2.455   1.00 19.47 ? 11  DG  B "C5'" 1 
ATOM   680  C "C4'" . DG  B 1 11 ? -3.445  -14.441 3.890   1.00 23.28 ? 11  DG  B "C4'" 1 
ATOM   681  O "O4'" . DG  B 1 11 ? -3.888  -13.052 4.082   1.00 23.75 ? 11  DG  B "O4'" 1 
ATOM   682  C "C3'" . DG  B 1 11 ? -4.669  -15.276 4.271   1.00 25.78 ? 11  DG  B "C3'" 1 
ATOM   683  O "O3'" . DG  B 1 11 ? -4.486  -15.696 5.599   1.00 31.13 ? 11  DG  B "O3'" 1 
ATOM   684  C "C2'" . DG  B 1 11 ? -5.886  -14.335 4.189   1.00 22.63 ? 11  DG  B "C2'" 1 
ATOM   685  C "C1'" . DG  B 1 11 ? -5.239  -13.008 4.542   1.00 22.54 ? 11  DG  B "C1'" 1 
ATOM   686  N N9    . DG  B 1 11 ? -5.937  -11.796 4.058   1.00 20.69 ? 11  DG  B N9    1 
ATOM   687  C C8    . DG  B 1 11 ? -6.539  -11.610 2.846   1.00 21.48 ? 11  DG  B C8    1 
ATOM   688  N N7    . DG  B 1 11 ? -7.085  -10.458 2.693   1.00 19.05 ? 11  DG  B N7    1 
ATOM   689  C C5    . DG  B 1 11 ? -6.849  -9.794  3.906   1.00 16.00 ? 11  DG  B C5    1 
ATOM   690  C C6    . DG  B 1 11 ? -7.173  -8.491  4.331   1.00 15.84 ? 11  DG  B C6    1 
ATOM   691  O O6    . DG  B 1 11 ? -7.785  -7.547  3.757   1.00 16.05 ? 11  DG  B O6    1 
ATOM   692  N N1    . DG  B 1 11 ? -6.684  -8.262  5.641   1.00 16.12 ? 11  DG  B N1    1 
ATOM   693  C C2    . DG  B 1 11 ? -5.985  -9.192  6.386   1.00 13.68 ? 11  DG  B C2    1 
ATOM   694  N N2    . DG  B 1 11 ? -5.620  -8.866  7.616   1.00 15.41 ? 11  DG  B N2    1 
ATOM   695  N N3    . DG  B 1 11 ? -5.675  -10.381 5.985   1.00 16.16 ? 11  DG  B N3    1 
ATOM   696  C C4    . DG  B 1 11 ? -6.132  -10.618 4.741   1.00 17.94 ? 11  DG  B C4    1 
ATOM   697  P P     . DT  B 1 12 ? -4.670  -17.191 6.125   1.00 33.68 ? 12  DT  B P     1 
ATOM   698  O OP1   . DT  B 1 12 ? -6.015  -17.628 5.740   1.00 33.58 ? 12  DT  B OP1   1 
ATOM   699  O OP2   . DT  B 1 12 ? -4.221  -17.194 7.540   1.00 30.51 ? 12  DT  B OP2   1 
ATOM   700  O "O5'" . DT  B 1 12 ? -3.643  -18.025 5.246   1.00 33.78 ? 12  DT  B "O5'" 1 
ATOM   701  C "C5'" . DT  B 1 12 ? -2.272  -17.941 5.592   1.00 33.83 ? 12  DT  B "C5'" 1 
ATOM   702  C "C4'" . DT  B 1 12 ? -1.485  -18.794 4.616   1.00 35.59 ? 12  DT  B "C4'" 1 
ATOM   703  O "O4'" . DT  B 1 12 ? -1.627  -18.320 3.253   1.00 35.50 ? 12  DT  B "O4'" 1 
ATOM   704  C "C3'" . DT  B 1 12 ? 0.004   -18.810 4.911   1.00 37.27 ? 12  DT  B "C3'" 1 
ATOM   705  O "O3'" . DT  B 1 12 ? 0.325   -20.197 5.010   1.00 39.33 ? 12  DT  B "O3'" 1 
ATOM   706  C "C2'" . DT  B 1 12 ? 0.683   -18.118 3.733   1.00 35.11 ? 12  DT  B "C2'" 1 
ATOM   707  C "C1'" . DT  B 1 12 ? -0.360  -18.313 2.622   1.00 33.71 ? 12  DT  B "C1'" 1 
ATOM   708  N N1    . DT  B 1 12 ? -0.301  -17.329 1.462   1.00 30.80 ? 12  DT  B N1    1 
ATOM   709  C C2    . DT  B 1 12 ? -0.498  -17.834 0.178   1.00 31.99 ? 12  DT  B C2    1 
ATOM   710  O O2    . DT  B 1 12 ? -0.753  -19.008 -0.030  1.00 31.36 ? 12  DT  B O2    1 
ATOM   711  N N3    . DT  B 1 12 ? -0.440  -16.913 -0.867  1.00 30.76 ? 12  DT  B N3    1 
ATOM   712  C C4    . DT  B 1 12 ? -0.160  -15.563 -0.712  1.00 31.23 ? 12  DT  B C4    1 
ATOM   713  O O4    . DT  B 1 12 ? -0.094  -14.769 -1.629  1.00 32.86 ? 12  DT  B O4    1 
ATOM   714  C C5    . DT  B 1 12 ? 0.030   -15.103 0.635   1.00 27.73 ? 12  DT  B C5    1 
ATOM   715  C C7    . DT  B 1 12 ? 0.212   -13.638 0.803   1.00 29.62 ? 12  DT  B C7    1 
ATOM   716  C C6    . DT  B 1 12 ? -0.028  -15.983 1.664   1.00 26.96 ? 12  DT  B C6    1 
ATOM   717  P P     . DT  B 1 13 ? 0.744   -20.788 6.433   1.00 39.84 ? 13  DT  B P     1 
ATOM   718  O OP1   . DT  B 1 13 ? 0.654   -22.277 6.185   1.00 39.91 ? 13  DT  B OP1   1 
ATOM   719  O OP2   . DT  B 1 13 ? -0.016  -20.219 7.567   1.00 40.59 ? 13  DT  B OP2   1 
ATOM   720  O "O5'" . DT  B 1 13 ? 2.257   -20.211 6.475   1.00 31.19 ? 13  DT  B "O5'" 1 
ATOM   721  C "C5'" . DT  B 1 13 ? 2.957   -19.742 7.597   1.00 31.28 ? 13  DT  B "C5'" 1 
ATOM   722  C "C4'" . DT  B 1 13 ? 4.301   -19.136 7.201   1.00 31.10 ? 13  DT  B "C4'" 1 
ATOM   723  O "O4'" . DT  B 1 13 ? 5.099   -20.025 6.321   1.00 33.71 ? 13  DT  B "O4'" 1 
ATOM   724  C "C3'" . DT  B 1 13 ? 4.165   -17.860 6.384   1.00 30.10 ? 13  DT  B "C3'" 1 
ATOM   725  O "O3'" . DT  B 1 13 ? 3.855   -16.711 7.194   1.00 32.05 ? 13  DT  B "O3'" 1 
ATOM   726  C "C2'" . DT  B 1 13 ? 5.518   -17.730 5.709   1.00 27.76 ? 13  DT  B "C2'" 1 
ATOM   727  C "C1'" . DT  B 1 13 ? 5.826   -19.200 5.389   1.00 29.79 ? 13  DT  B "C1'" 1 
ATOM   728  N N1    . DT  B 1 13 ? 5.379   -19.666 4.037   1.00 24.80 ? 13  DT  B N1    1 
ATOM   729  C C2    . DT  B 1 13 ? 6.053   -19.260 2.924   1.00 17.06 ? 13  DT  B C2    1 
ATOM   730  O O2    . DT  B 1 13 ? 7.014   -18.513 2.883   1.00 20.42 ? 13  DT  B O2    1 
ATOM   731  N N3    . DT  B 1 13 ? 5.555   -19.779 1.803   1.00 14.37 ? 13  DT  B N3    1 
ATOM   732  C C4    . DT  B 1 13 ? 4.460   -20.546 1.603   1.00 20.59 ? 13  DT  B C4    1 
ATOM   733  O O4    . DT  B 1 13 ? 4.139   -20.913 0.486   1.00 23.54 ? 13  DT  B O4    1 
ATOM   734  C C5    . DT  B 1 13 ? 3.746   -20.927 2.771   1.00 18.83 ? 13  DT  B C5    1 
ATOM   735  C C7    . DT  B 1 13 ? 2.404   -21.606 2.608   1.00 24.98 ? 13  DT  B C7    1 
ATOM   736  C C6    . DT  B 1 13 ? 4.240   -20.478 3.935   1.00 22.30 ? 13  DT  B C6    1 
ATOM   737  P P     . DA  B 1 14 ? 2.799   -15.585 6.745   1.00 33.38 ? 14  DA  B P     1 
ATOM   738  O OP1   . DA  B 1 14 ? 2.871   -14.589 7.827   1.00 36.58 ? 14  DA  B OP1   1 
ATOM   739  O OP2   . DA  B 1 14 ? 1.540   -16.253 6.364   1.00 27.49 ? 14  DA  B OP2   1 
ATOM   740  O "O5'" . DA  B 1 14 ? 3.536   -15.014 5.451   1.00 31.21 ? 14  DA  B "O5'" 1 
ATOM   741  C "C5'" . DA  B 1 14 ? 4.587   -14.070 5.610   1.00 31.14 ? 14  DA  B "C5'" 1 
ATOM   742  C "C4'" . DA  B 1 14 ? 4.887   -13.458 4.261   1.00 32.55 ? 14  DA  B "C4'" 1 
ATOM   743  O "O4'" . DA  B 1 14 ? 5.160   -14.557 3.356   1.00 29.45 ? 14  DA  B "O4'" 1 
ATOM   744  C "C3'" . DA  B 1 14 ? 3.714   -12.650 3.663   1.00 34.45 ? 14  DA  B "C3'" 1 
ATOM   745  O "O3'" . DA  B 1 14 ? 4.088   -11.329 3.215   1.00 35.94 ? 14  DA  B "O3'" 1 
ATOM   746  C "C2'" . DA  B 1 14 ? 3.261   -13.471 2.461   1.00 33.85 ? 14  DA  B "C2'" 1 
ATOM   747  C "C1'" . DA  B 1 14 ? 4.498   -14.334 2.143   1.00 27.64 ? 14  DA  B "C1'" 1 
ATOM   748  N N9    . DA  B 1 14 ? 3.958   -15.551 1.604   1.00 28.13 ? 14  DA  B N9    1 
ATOM   749  C C8    . DA  B 1 14 ? 3.527   -16.704 2.221   1.00 23.43 ? 14  DA  B C8    1 
ATOM   750  N N7    . DA  B 1 14 ? 3.024   -17.550 1.355   1.00 24.76 ? 14  DA  B N7    1 
ATOM   751  C C5    . DA  B 1 14 ? 3.129   -16.906 0.135   1.00 23.58 ? 14  DA  B C5    1 
ATOM   752  C C6    . DA  B 1 14 ? 2.818   -17.267 -1.184  1.00 25.82 ? 14  DA  B C6    1 
ATOM   753  N N6    . DA  B 1 14 ? 2.275   -18.435 -1.500  1.00 25.94 ? 14  DA  B N6    1 
ATOM   754  N N1    . DA  B 1 14 ? 3.049   -16.353 -2.166  1.00 25.50 ? 14  DA  B N1    1 
ATOM   755  C C2    . DA  B 1 14 ? 3.589   -15.178 -1.886  1.00 22.90 ? 14  DA  B C2    1 
ATOM   756  N N3    . DA  B 1 14 ? 3.950   -14.721 -0.693  1.00 26.68 ? 14  DA  B N3    1 
ATOM   757  C C4    . DA  B 1 14 ? 3.682   -15.665 0.261   1.00 25.85 ? 14  DA  B C4    1 
ATOM   758  P P     . DG  B 1 15 ? 2.974   -10.132 2.862   1.00 40.44 ? 15  DG  B P     1 
ATOM   759  O OP1   . DG  B 1 15 ? 1.524   -10.488 3.142   1.00 37.82 ? 15  DG  B OP1   1 
ATOM   760  O OP2   . DG  B 1 15 ? 3.354   -9.705  1.501   1.00 41.55 ? 15  DG  B OP2   1 
ATOM   761  O "O5'" . DG  B 1 15 ? 3.423   -8.987  3.892   1.00 36.23 ? 15  DG  B "O5'" 1 
ATOM   762  C "C5'" . DG  B 1 15 ? 3.979   -9.218  5.206   1.00 25.75 ? 15  DG  B "C5'" 1 
ATOM   763  C "C4'" . DG  B 1 15 ? 3.174   -8.413  6.184   1.00 25.57 ? 15  DG  B "C4'" 1 
ATOM   764  O "O4'" . DG  B 1 15 ? 2.405   -7.307  5.627   1.00 23.21 ? 15  DG  B "O4'" 1 
ATOM   765  C "C3'" . DG  B 1 15 ? 2.143   -9.243  6.920   1.00 21.92 ? 15  DG  B "C3'" 1 
ATOM   766  O "O3'" . DG  B 1 15 ? 2.353   -8.774  8.261   1.00 26.84 ? 15  DG  B "O3'" 1 
ATOM   767  C "C2'" . DG  B 1 15 ? 0.785   -8.768  6.399   1.00 17.60 ? 15  DG  B "C2'" 1 
ATOM   768  C "C1'" . DG  B 1 15 ? 1.079   -7.297  6.212   1.00 19.46 ? 15  DG  B "C1'" 1 
ATOM   769  N N9    . DG  B 1 15 ? 0.272   -6.762  5.143   1.00 15.84 ? 15  DG  B N9    1 
ATOM   770  C C8    . DG  B 1 15 ? 0.080   -7.326  3.893   1.00 14.47 ? 15  DG  B C8    1 
ATOM   771  N N7    . DG  B 1 15 ? -0.681  -6.606  3.108   1.00 13.75 ? 15  DG  B N7    1 
ATOM   772  C C5    . DG  B 1 15 ? -0.996  -5.486  3.867   1.00 11.17 ? 15  DG  B C5    1 
ATOM   773  C C6    . DG  B 1 15 ? -1.775  -4.349  3.594   1.00 11.92 ? 15  DG  B C6    1 
ATOM   774  O O6    . DG  B 1 15 ? -2.371  -4.106  2.571   1.00 19.99 ? 15  DG  B O6    1 
ATOM   775  N N1    . DG  B 1 15 ? -1.844  -3.412  4.639   1.00 8.63  ? 15  DG  B N1    1 
ATOM   776  C C2    . DG  B 1 15 ? -1.190  -3.670  5.837   1.00 8.92  ? 15  DG  B C2    1 
ATOM   777  N N2    . DG  B 1 15 ? -1.264  -2.824  6.839   1.00 11.47 ? 15  DG  B N2    1 
ATOM   778  N N3    . DG  B 1 15 ? -0.476  -4.721  6.130   1.00 14.82 ? 15  DG  B N3    1 
ATOM   779  C C4    . DG  B 1 15 ? -0.379  -5.565  5.106   1.00 12.15 ? 15  DG  B C4    1 
ATOM   780  P P     . DG  B 1 16 ? 1.617   -9.457  9.474   1.00 25.56 ? 16  DG  B P     1 
ATOM   781  O OP1   . DG  B 1 16 ? 2.699   -9.707  10.449  1.00 32.51 ? 16  DG  B OP1   1 
ATOM   782  O OP2   . DG  B 1 16 ? 0.732   -10.547 9.068   1.00 21.86 ? 16  DG  B OP2   1 
ATOM   783  O "O5'" . DG  B 1 16 ? 0.651   -8.284  10.015  1.00 25.72 ? 16  DG  B "O5'" 1 
ATOM   784  C "C5'" . DG  B 1 16 ? 1.053   -6.966  10.210  1.00 25.47 ? 16  DG  B "C5'" 1 
ATOM   785  C "C4'" . DG  B 1 16 ? -0.117  -6.186  10.784  1.00 25.85 ? 16  DG  B "C4'" 1 
ATOM   786  O "O4'" . DG  B 1 16 ? -0.919  -5.682  9.667   1.00 18.38 ? 16  DG  B "O4'" 1 
ATOM   787  C "C3'" . DG  B 1 16 ? -1.073  -7.022  11.636  1.00 25.61 ? 16  DG  B "C3'" 1 
ATOM   788  O "O3'" . DG  B 1 16 ? -1.363  -6.279  12.842  1.00 27.30 ? 16  DG  B "O3'" 1 
ATOM   789  C "C2'" . DG  B 1 16 ? -2.317  -7.235  10.749  1.00 19.26 ? 16  DG  B "C2'" 1 
ATOM   790  C "C1'" . DG  B 1 16 ? -2.312  -5.975  9.903   1.00 21.61 ? 16  DG  B "C1'" 1 
ATOM   791  N N9    . DG  B 1 16 ? -2.899  -6.013  8.538   1.00 15.15 ? 16  DG  B N9    1 
ATOM   792  C C8    . DG  B 1 16 ? -2.658  -6.909  7.516   1.00 12.60 ? 16  DG  B C8    1 
ATOM   793  N N7    . DG  B 1 16 ? -3.287  -6.624  6.371   1.00 10.78 ? 16  DG  B N7    1 
ATOM   794  C C5    . DG  B 1 16 ? -3.921  -5.436  6.688   1.00 11.30 ? 16  DG  B C5    1 
ATOM   795  C C6    . DG  B 1 16 ? -4.715  -4.647  5.891   1.00 12.54 ? 16  DG  B C6    1 
ATOM   796  O O6    . DG  B 1 16 ? -4.913  -4.952  4.720   1.00 17.08 ? 16  DG  B O6    1 
ATOM   797  N N1    . DG  B 1 16 ? -5.218  -3.492  6.516   1.00 10.68 ? 16  DG  B N1    1 
ATOM   798  C C2    . DG  B 1 16 ? -4.898  -3.184  7.855   1.00 12.97 ? 16  DG  B C2    1 
ATOM   799  N N2    . DG  B 1 16 ? -5.412  -2.107  8.404   1.00 10.91 ? 16  DG  B N2    1 
ATOM   800  N N3    . DG  B 1 16 ? -4.147  -3.898  8.625   1.00 10.02 ? 16  DG  B N3    1 
ATOM   801  C C4    . DG  B 1 16 ? -3.703  -5.027  8.015   1.00 12.94 ? 16  DG  B C4    1 
ATOM   802  P P     . DG  B 1 17 ? -2.537  -6.769  13.842  1.00 27.21 ? 17  DG  B P     1 
ATOM   803  O OP1   . DG  B 1 17 ? -2.149  -6.238  15.194  1.00 33.44 ? 17  DG  B OP1   1 
ATOM   804  O OP2   . DG  B 1 17 ? -2.899  -8.166  13.632  1.00 26.40 ? 17  DG  B OP2   1 
ATOM   805  O "O5'" . DG  B 1 17 ? -3.754  -5.847  13.403  1.00 26.18 ? 17  DG  B "O5'" 1 
ATOM   806  C "C5'" . DG  B 1 17 ? -3.833  -4.500  13.716  1.00 23.81 ? 17  DG  B "C5'" 1 
ATOM   807  C "C4'" . DG  B 1 17 ? -5.265  -4.110  13.859  1.00 25.08 ? 17  DG  B "C4'" 1 
ATOM   808  O "O4'" . DG  B 1 17 ? -5.816  -3.938  12.540  1.00 25.02 ? 17  DG  B "O4'" 1 
ATOM   809  C "C3'" . DG  B 1 17 ? -6.245  -5.097  14.521  1.00 26.20 ? 17  DG  B "C3'" 1 
ATOM   810  O "O3'" . DG  B 1 17 ? -7.125  -4.200  15.187  1.00 26.08 ? 17  DG  B "O3'" 1 
ATOM   811  C "C2'" . DG  B 1 17 ? -7.026  -5.803  13.373  1.00 22.04 ? 17  DG  B "C2'" 1 
ATOM   812  C "C1'" . DG  B 1 17 ? -7.031  -4.706  12.325  1.00 19.45 ? 17  DG  B "C1'" 1 
ATOM   813  N N9    . DG  B 1 17 ? -7.060  -5.160  10.923  1.00 18.96 ? 17  DG  B N9    1 
ATOM   814  C C8    . DG  B 1 17 ? -6.445  -6.286  10.416  1.00 15.88 ? 17  DG  B C8    1 
ATOM   815  N N7    . DG  B 1 17 ? -6.611  -6.469  9.132   1.00 17.52 ? 17  DG  B N7    1 
ATOM   816  C C5    . DG  B 1 17 ? -7.418  -5.405  8.743   1.00 14.85 ? 17  DG  B C5    1 
ATOM   817  C C6    . DG  B 1 17 ? -7.944  -5.073  7.482   1.00 7.45  ? 17  DG  B C6    1 
ATOM   818  O O6    . DG  B 1 17 ? -7.717  -5.698  6.489   1.00 15.33 ? 17  DG  B O6    1 
ATOM   819  N N1    . DG  B 1 17 ? -8.675  -3.907  7.431   1.00 8.30  ? 17  DG  B N1    1 
ATOM   820  C C2    . DG  B 1 17 ? -8.922  -3.166  8.596   1.00 14.21 ? 17  DG  B C2    1 
ATOM   821  N N2    . DG  B 1 17 ? -9.639  -2.056  8.561   1.00 17.60 ? 17  DG  B N2    1 
ATOM   822  N N3    . DG  B 1 17 ? -8.463  -3.458  9.776   1.00 16.28 ? 17  DG  B N3    1 
ATOM   823  C C4    . DG  B 1 17 ? -7.722  -4.597  9.831   1.00 16.57 ? 17  DG  B C4    1 
ATOM   824  P P     . DT  B 1 18 ? -7.856  -4.664  16.524  1.00 31.94 ? 18  DT  B P     1 
ATOM   825  O OP1   . DT  B 1 18 ? -7.750  -6.126  16.608  1.00 28.06 ? 18  DT  B OP1   1 
ATOM   826  O OP2   . DT  B 1 18 ? -9.057  -3.829  16.734  1.00 26.41 ? 18  DT  B OP2   1 
ATOM   827  O "O5'" . DT  B 1 18 ? -6.759  -4.095  17.572  1.00 27.48 ? 18  DT  B "O5'" 1 
ATOM   828  C "C5'" . DT  B 1 18 ? -6.689  -2.720  17.849  1.00 27.38 ? 18  DT  B "C5'" 1 
ATOM   829  C "C4'" . DT  B 1 18 ? -5.305  -2.488  18.424  1.00 32.44 ? 18  DT  B "C4'" 1 
ATOM   830  O "O4'" . DT  B 1 18 ? -5.112  -3.231  19.672  1.00 31.33 ? 18  DT  B "O4'" 1 
ATOM   831  C "C3'" . DT  B 1 18 ? -4.151  -2.883  17.486  1.00 31.67 ? 18  DT  B "C3'" 1 
ATOM   832  O "O3'" . DT  B 1 18 ? -3.212  -1.801  17.448  1.00 27.52 ? 18  DT  B "O3'" 1 
ATOM   833  C "C2'" . DT  B 1 18 ? -3.584  -4.162  18.104  1.00 33.03 ? 18  DT  B "C2'" 1 
ATOM   834  C "C1'" . DT  B 1 18 ? -4.039  -4.147  19.582  1.00 33.98 ? 18  DT  B "C1'" 1 
ATOM   835  N N1    . DT  B 1 18 ? -4.488  -5.490  20.080  1.00 35.03 ? 18  DT  B N1    1 
ATOM   836  C C2    . DT  B 1 18 ? -5.813  -5.775  20.459  1.00 39.23 ? 18  DT  B C2    1 
ATOM   837  O O2    . DT  B 1 18 ? -6.776  -5.004  20.463  1.00 45.75 ? 18  DT  B O2    1 
ATOM   838  N N3    . DT  B 1 18 ? -6.060  -7.054  20.890  1.00 39.24 ? 18  DT  B N3    1 
ATOM   839  C C4    . DT  B 1 18 ? -5.136  -8.076  20.959  1.00 39.20 ? 18  DT  B C4    1 
ATOM   840  O O4    . DT  B 1 18 ? -5.514  -9.181  21.359  1.00 39.82 ? 18  DT  B O4    1 
ATOM   841  C C5    . DT  B 1 18 ? -3.779  -7.736  20.547  1.00 36.71 ? 18  DT  B C5    1 
ATOM   842  C C7    . DT  B 1 18 ? -2.810  -8.818  20.180  1.00 40.83 ? 18  DT  B C7    1 
ATOM   843  C C6    . DT  B 1 18 ? -3.520  -6.476  20.134  1.00 35.86 ? 18  DT  B C6    1 
ATOM   844  P P     . DT  B 1 19 ? -2.563  -1.250  16.109  1.00 27.95 ? 19  DT  B P     1 
ATOM   845  O OP1   . DT  B 1 19 ? -3.543  -1.351  14.977  1.00 31.02 ? 19  DT  B OP1   1 
ATOM   846  O OP2   . DT  B 1 19 ? -1.258  -1.909  15.850  1.00 28.17 ? 19  DT  B OP2   1 
ATOM   847  O "O5'" . DT  B 1 19 ? -2.481  0.286   16.526  1.00 23.99 ? 19  DT  B "O5'" 1 
ATOM   848  C "C5'" . DT  B 1 19 ? -3.622  1.067   16.829  1.00 22.69 ? 19  DT  B "C5'" 1 
ATOM   849  C "C4'" . DT  B 1 19 ? -3.139  2.365   17.494  1.00 24.95 ? 19  DT  B "C4'" 1 
ATOM   850  O "O4'" . DT  B 1 19 ? -2.622  1.992   18.791  1.00 19.67 ? 19  DT  B "O4'" 1 
ATOM   851  C "C3'" . DT  B 1 19 ? -1.966  3.030   16.802  1.00 21.95 ? 19  DT  B "C3'" 1 
ATOM   852  O "O3'" . DT  B 1 19 ? -2.497  4.058   16.010  1.00 24.26 ? 19  DT  B "O3'" 1 
ATOM   853  C "C2'" . DT  B 1 19 ? -1.156  3.652   17.950  1.00 23.50 ? 19  DT  B "C2'" 1 
ATOM   854  C "C1'" . DT  B 1 19 ? -1.425  2.646   19.081  1.00 22.02 ? 19  DT  B "C1'" 1 
ATOM   855  N N1    . DT  B 1 19 ? -0.338  1.635   19.364  1.00 18.12 ? 19  DT  B N1    1 
ATOM   856  C C2    . DT  B 1 19 ? 0.836   2.143   19.897  1.00 19.39 ? 19  DT  B C2    1 
ATOM   857  O O2    . DT  B 1 19 ? 0.947   3.327   20.127  1.00 17.37 ? 19  DT  B O2    1 
ATOM   858  N N3    . DT  B 1 19 ? 1.855   1.247   20.126  1.00 19.15 ? 19  DT  B N3    1 
ATOM   859  C C4    . DT  B 1 19 ? 1.804   -0.118  19.915  1.00 21.60 ? 19  DT  B C4    1 
ATOM   860  O O4    . DT  B 1 19 ? 2.807   -0.867  20.145  1.00 21.80 ? 19  DT  B O4    1 
ATOM   861  C C5    . DT  B 1 19 ? 0.541   -0.562  19.329  1.00 17.09 ? 19  DT  B C5    1 
ATOM   862  C C7    . DT  B 1 19 ? 0.172   -2.005  19.286  1.00 19.40 ? 19  DT  B C7    1 
ATOM   863  C C6    . DT  B 1 19 ? -0.442  0.314   19.103  1.00 20.47 ? 19  DT  B C6    1 
ATOM   864  P P     . DA  B 1 20 ? -2.706  3.901   14.374  1.00 26.21 ? 20  DA  B P     1 
ATOM   865  O OP1   . DA  B 1 20 ? -3.039  5.284   13.958  1.00 25.14 ? 20  DA  B OP1   1 
ATOM   866  O OP2   . DA  B 1 20 ? -3.506  2.708   14.004  1.00 28.57 ? 20  DA  B OP2   1 
ATOM   867  O "O5'" . DA  B 1 20 ? -1.268  3.576   13.898  1.00 26.83 ? 20  DA  B "O5'" 1 
ATOM   868  C "C5'" . DA  B 1 20 ? -0.289  4.447   14.400  1.00 33.59 ? 20  DA  B "C5'" 1 
ATOM   869  C "C4'" . DA  B 1 20 ? 0.380   5.187   13.276  1.00 33.27 ? 20  DA  B "C4'" 1 
ATOM   870  O "O4'" . DA  B 1 20 ? 1.505   5.884   13.828  1.00 33.37 ? 20  DA  B "O4'" 1 
ATOM   871  C "C3'" . DA  B 1 20 ? 0.942   4.211   12.256  1.00 34.91 ? 20  DA  B "C3'" 1 
ATOM   872  O "O3'" . DA  B 1 20 ? 0.838   4.882   11.011  1.00 38.73 ? 20  DA  B "O3'" 1 
ATOM   873  C "C2'" . DA  B 1 20 ? 2.390   3.992   12.630  1.00 32.33 ? 20  DA  B "C2'" 1 
ATOM   874  C "C1'" . DA  B 1 20 ? 2.668   5.396   13.152  1.00 28.58 ? 20  DA  B "C1'" 1 
ATOM   875  N N9    . DA  B 1 20 ? 3.884   5.531   13.962  1.00 27.70 ? 20  DA  B N9    1 
ATOM   876  C C8    . DA  B 1 20 ? 4.754   4.513   14.305  1.00 22.50 ? 20  DA  B C8    1 
ATOM   877  N N7    . DA  B 1 20 ? 5.749   4.955   15.002  1.00 20.03 ? 20  DA  B N7    1 
ATOM   878  C C5    . DA  B 1 20 ? 5.559   6.328   15.090  1.00 23.48 ? 20  DA  B C5    1 
ATOM   879  C C6    . DA  B 1 20 ? 6.307   7.377   15.710  1.00 22.79 ? 20  DA  B C6    1 
ATOM   880  N N6    . DA  B 1 20 ? 7.437   7.139   16.340  1.00 25.17 ? 20  DA  B N6    1 
ATOM   881  N N1    . DA  B 1 20 ? 5.864   8.661   15.629  1.00 28.68 ? 20  DA  B N1    1 
ATOM   882  C C2    . DA  B 1 20 ? 4.707   8.899   14.976  1.00 26.34 ? 20  DA  B C2    1 
ATOM   883  N N3    . DA  B 1 20 ? 3.935   7.997   14.365  1.00 28.98 ? 20  DA  B N3    1 
ATOM   884  C C4    . DA  B 1 20 ? 4.409   6.716   14.466  1.00 25.56 ? 20  DA  B C4    1 
ATOM   885  P P     . DG  B 1 21 ? 0.399   4.101   9.677   1.00 36.47 ? 21  DG  B P     1 
ATOM   886  O OP1   . DG  B 1 21 ? 0.565   2.630   9.805   1.00 29.31 ? 21  DG  B OP1   1 
ATOM   887  O OP2   . DG  B 1 21 ? 1.059   4.992   8.670   1.00 39.47 ? 21  DG  B OP2   1 
ATOM   888  O "O5'" . DG  B 1 21 ? -1.178  4.420   9.576   1.00 33.96 ? 21  DG  B "O5'" 1 
ATOM   889  C "C5'" . DG  B 1 21 ? -2.086  3.692   10.330  1.00 27.68 ? 21  DG  B "C5'" 1 
ATOM   890  C "C4'" . DG  B 1 21 ? -3.447  4.043   9.796   1.00 24.79 ? 21  DG  B "C4'" 1 
ATOM   891  O "O4'" . DG  B 1 21 ? -3.591  3.603   8.410   1.00 22.62 ? 21  DG  B "O4'" 1 
ATOM   892  C "C3'" . DG  B 1 21 ? -4.577  3.379   10.593  1.00 23.95 ? 21  DG  B "C3'" 1 
ATOM   893  O "O3'" . DG  B 1 21 ? -5.569  4.356   10.567  1.00 23.60 ? 21  DG  B "O3'" 1 
ATOM   894  C "C2'" . DG  B 1 21 ? -4.923  2.118   9.807   1.00 21.30 ? 21  DG  B "C2'" 1 
ATOM   895  C "C1'" . DG  B 1 21 ? -4.582  2.588   8.352   1.00 17.69 ? 21  DG  B "C1'" 1 
ATOM   896  N N9    . DG  B 1 21 ? -4.154  1.510   7.468   1.00 14.73 ? 21  DG  B N9    1 
ATOM   897  C C8    . DG  B 1 21 ? -3.307  0.465   7.755   1.00 12.38 ? 21  DG  B C8    1 
ATOM   898  N N7    . DG  B 1 21 ? -3.134  -0.326  6.698   1.00 14.65 ? 21  DG  B N7    1 
ATOM   899  C C5    . DG  B 1 21 ? -3.937  0.237   5.709   1.00 12.66 ? 21  DG  B C5    1 
ATOM   900  C C6    . DG  B 1 21 ? -4.173  -0.179  4.373   1.00 9.51  ? 21  DG  B C6    1 
ATOM   901  O O6    . DG  B 1 21 ? -3.638  -1.182  3.958   1.00 13.43 ? 21  DG  B O6    1 
ATOM   902  N N1    . DG  B 1 21 ? -5.077  0.608   3.619   1.00 10.78 ? 21  DG  B N1    1 
ATOM   903  C C2    . DG  B 1 21 ? -5.642  1.751   4.144   1.00 12.57 ? 21  DG  B C2    1 
ATOM   904  N N2    . DG  B 1 21 ? -6.475  2.475   3.382   1.00 9.40  ? 21  DG  B N2    1 
ATOM   905  N N3    . DG  B 1 21 ? -5.443  2.145   5.419   1.00 14.89 ? 21  DG  B N3    1 
ATOM   906  C C4    . DG  B 1 21 ? -4.554  1.364   6.131   1.00 13.16 ? 21  DG  B C4    1 
ATOM   907  P P     . DG  B 1 22 ? -7.023  4.189   11.158  1.00 23.54 ? 22  DG  B P     1 
ATOM   908  O OP1   . DG  B 1 22 ? -7.404  5.516   11.632  1.00 22.01 ? 22  DG  B OP1   1 
ATOM   909  O OP2   . DG  B 1 22 ? -7.135  3.013   11.984  1.00 18.36 ? 22  DG  B OP2   1 
ATOM   910  O "O5'" . DG  B 1 22 ? -7.925  3.960   9.833   1.00 23.16 ? 22  DG  B "O5'" 1 
ATOM   911  C "C5'" . DG  B 1 22 ? -8.112  5.056   8.948   1.00 23.05 ? 22  DG  B "C5'" 1 
ATOM   912  C "C4'" . DG  B 1 22 ? -9.188  4.598   7.955   1.00 23.49 ? 22  DG  B "C4'" 1 
ATOM   913  O "O4'" . DG  B 1 22 ? -8.638  3.546   7.111   1.00 23.54 ? 22  DG  B "O4'" 1 
ATOM   914  C "C3'" . DG  B 1 22 ? -10.425 3.946   8.577   1.00 26.18 ? 22  DG  B "C3'" 1 
ATOM   915  O "O3'" . DG  B 1 22 ? -11.618 4.424   7.908   1.00 26.12 ? 22  DG  B "O3'" 1 
ATOM   916  C "C2'" . DG  B 1 22 ? -10.207 2.416   8.459   1.00 19.44 ? 22  DG  B "C2'" 1 
ATOM   917  C "C1'" . DG  B 1 22 ? -9.547  2.427   7.111   1.00 19.03 ? 22  DG  B "C1'" 1 
ATOM   918  N N9    . DG  B 1 22 ? -8.758  1.265   6.761   1.00 15.28 ? 22  DG  B N9    1 
ATOM   919  C C8    . DG  B 1 22 ? -7.873  0.589   7.561   1.00 15.30 ? 22  DG  B C8    1 
ATOM   920  N N7    . DG  B 1 22 ? -7.339  -0.415  6.938   1.00 15.56 ? 22  DG  B N7    1 
ATOM   921  C C5    . DG  B 1 22 ? -7.879  -0.385  5.692   1.00 14.16 ? 22  DG  B C5    1 
ATOM   922  C C6    . DG  B 1 22 ? -7.645  -1.216  4.585   1.00 11.57 ? 22  DG  B C6    1 
ATOM   923  O O6    . DG  B 1 22 ? -6.890  -2.138  4.609   1.00 14.73 ? 22  DG  B O6    1 
ATOM   924  N N1    . DG  B 1 22 ? -8.435  -0.931  3.469   1.00 13.96 ? 22  DG  B N1    1 
ATOM   925  C C2    . DG  B 1 22 ? -9.331  0.097   3.438   1.00 10.15 ? 22  DG  B C2    1 
ATOM   926  N N2    . DG  B 1 22 ? -10.028 0.286   2.302   1.00 11.07 ? 22  DG  B N2    1 
ATOM   927  N N3    . DG  B 1 22 ? -9.525  0.913   4.450   1.00 12.70 ? 22  DG  B N3    1 
ATOM   928  C C4    . DG  B 1 22 ? -8.790  0.615   5.552   1.00 13.66 ? 22  DG  B C4    1 
ATOM   929  P P     . DG  B 1 23 ? -13.018 4.164   8.568   1.00 28.76 ? 23  DG  B P     1 
ATOM   930  O OP1   . DG  B 1 23 ? -13.635 5.486   8.667   1.00 31.45 ? 23  DG  B OP1   1 
ATOM   931  O OP2   . DG  B 1 23 ? -13.012 3.274   9.741   1.00 25.46 ? 23  DG  B OP2   1 
ATOM   932  O "O5'" . DG  B 1 23 ? -13.710 3.315   7.425   1.00 28.69 ? 23  DG  B "O5'" 1 
ATOM   933  C "C5'" . DG  B 1 23 ? -13.599 3.780   6.048   1.00 28.07 ? 23  DG  B "C5'" 1 
ATOM   934  C "C4'" . DG  B 1 23 ? -14.435 2.838   5.178   1.00 26.11 ? 23  DG  B "C4'" 1 
ATOM   935  O "O4'" . DG  B 1 23 ? -13.586 1.780   4.687   1.00 21.96 ? 23  DG  B "O4'" 1 
ATOM   936  C "C3'" . DG  B 1 23 ? -15.584 2.135   5.875   1.00 25.90 ? 23  DG  B "C3'" 1 
ATOM   937  O "O3'" . DG  B 1 23 ? -16.729 2.131   4.985   1.00 33.75 ? 23  DG  B "O3'" 1 
ATOM   938  C "C2'" . DG  B 1 23 ? -15.017 0.738   6.199   1.00 22.95 ? 23  DG  B "C2'" 1 
ATOM   939  C "C1'" . DG  B 1 23 ? -14.110 0.528   5.000   1.00 19.56 ? 23  DG  B "C1'" 1 
ATOM   940  N N9    . DG  B 1 23 ? -12.985 -0.377  5.320   1.00 19.15 ? 23  DG  B N9    1 
ATOM   941  C C8    . DG  B 1 23 ? -12.250 -0.418  6.507   1.00 15.76 ? 23  DG  B C8    1 
ATOM   942  N N7    . DG  B 1 23 ? -11.322 -1.309  6.475   1.00 14.11 ? 23  DG  B N7    1 
ATOM   943  C C5    . DG  B 1 23 ? -11.437 -1.893  5.238   1.00 13.01 ? 23  DG  B C5    1 
ATOM   944  C C6    . DG  B 1 23 ? -10.713 -2.919  4.616   1.00 13.10 ? 23  DG  B C6    1 
ATOM   945  O O6    . DG  B 1 23 ? -9.841  -3.619  5.103   1.00 13.85 ? 23  DG  B O6    1 
ATOM   946  N N1    . DG  B 1 23 ? -11.165 -3.232  3.301   1.00 15.08 ? 23  DG  B N1    1 
ATOM   947  C C2    . DG  B 1 23 ? -12.225 -2.584  2.676   1.00 15.96 ? 23  DG  B C2    1 
ATOM   948  N N2    . DG  B 1 23 ? -12.580 -2.943  1.430   1.00 14.44 ? 23  DG  B N2    1 
ATOM   949  N N3    . DG  B 1 23 ? -12.895 -1.602  3.228   1.00 18.44 ? 23  DG  B N3    1 
ATOM   950  C C4    . DG  B 1 23 ? -12.468 -1.322  4.505   1.00 17.26 ? 23  DG  B C4    1 
HETATM 951  O O6    . NII C 2 .  ? 17.333  0.230   -6.530  1.00 40.91 ? 26  NII A O6    1 
HETATM 952  C C30   . NII C 2 .  ? 16.685  0.679   -7.717  1.00 34.07 ? 26  NII A C30   1 
HETATM 953  C C29   . NII C 2 .  ? 15.198  0.478   -7.475  1.00 32.71 ? 26  NII A C29   1 
HETATM 954  C C28   . NII C 2 .  ? 14.451  1.798   -7.270  1.00 20.95 ? 26  NII A C28   1 
HETATM 955  N N3    . NII C 2 .  ? 14.799  2.277   -5.930  1.00 21.71 ? 26  NII A N3    1 
HETATM 956  C C9    . NII C 2 .  ? 14.187  3.432   -5.528  1.00 19.29 ? 26  NII A C9    1 
HETATM 957  C C8    . NII C 2 .  ? 13.314  3.969   -6.467  1.00 15.93 ? 26  NII A C8    1 
HETATM 958  C C7    . NII C 2 .  ? 12.686  5.160   -6.086  1.00 19.21 ? 26  NII A C7    1 
HETATM 959  C C14   . NII C 2 .  ? 11.870  5.757   -6.990  1.00 19.04 ? 26  NII A C14   1 
HETATM 960  O O1    . NII C 2 .  ? 11.738  5.141   -8.029  1.00 20.48 ? 26  NII A O1    1 
HETATM 961  N N2    . NII C 2 .  ? 11.244  6.868   -6.776  1.00 18.26 ? 26  NII A N2    1 
HETATM 962  C C18   . NII C 2 .  ? 10.357  7.337   -7.843  1.00 21.13 ? 26  NII A C18   1 
HETATM 963  C C19   . NII C 2 .  ? 10.845  8.702   -8.267  1.00 31.08 ? 26  NII A C19   1 
HETATM 964  C C20   . NII C 2 .  ? 11.100  8.679   -9.768  1.00 35.11 ? 26  NII A C20   1 
HETATM 965  N N5    . NII C 2 .  ? 11.356  10.020  -10.367 1.00 37.58 ? 26  NII A N5    1 
HETATM 966  C C24   . NII C 2 .  ? 10.456  11.056  -9.808  1.00 36.66 ? 26  NII A C24   1 
HETATM 967  C C23   . NII C 2 .  ? 12.797  10.429  -10.276 1.00 32.18 ? 26  NII A C23   1 
HETATM 968  C C13   . NII C 2 .  ? 11.357  7.526   -5.633  1.00 18.92 ? 26  NII A C13   1 
HETATM 969  O O4    . NII C 2 .  ? 10.717  8.614   -5.483  1.00 17.54 ? 26  NII A O4    1 
HETATM 970  C C10   . NII C 2 .  ? 14.361  4.013   -4.265  1.00 16.13 ? 26  NII A C10   1 
HETATM 971  C C11   . NII C 2 .  ? 15.231  3.521   -3.297  1.00 19.62 ? 26  NII A C11   1 
HETATM 972  O O2    . NII C 2 .  ? 15.879  2.473   -3.539  1.00 20.38 ? 26  NII A O2    1 
HETATM 973  N N1    . NII C 2 .  ? 15.406  4.175   -2.124  1.00 18.48 ? 26  NII A N1    1 
HETATM 974  C C15   . NII C 2 .  ? 16.313  3.637   -1.086  1.00 20.88 ? 26  NII A C15   1 
HETATM 975  C C16   . NII C 2 .  ? 17.706  4.335   -1.103  1.00 29.22 ? 26  NII A C16   1 
HETATM 976  C C17   . NII C 2 .  ? 18.765  3.582   -1.934  1.00 38.31 ? 26  NII A C17   1 
HETATM 977  N N4    . NII C 2 .  ? 18.600  2.089   -1.996  1.00 46.34 ? 26  NII A N4    1 
HETATM 978  C C21   . NII C 2 .  ? 19.142  1.563   -3.274  1.00 48.88 ? 26  NII A C21   1 
HETATM 979  C C22   . NII C 2 .  ? 19.237  1.331   -0.875  1.00 46.54 ? 26  NII A C22   1 
HETATM 980  C C5    . NII C 2 .  ? 13.739  5.234   -3.975  1.00 17.55 ? 26  NII A C5    1 
HETATM 981  C C6    . NII C 2 .  ? 13.888  5.856   -2.756  1.00 16.40 ? 26  NII A C6    1 
HETATM 982  C C12   . NII C 2 .  ? 14.748  5.315   -1.842  1.00 19.56 ? 26  NII A C12   1 
HETATM 983  O O3    . NII C 2 .  ? 14.901  5.942   -0.751  1.00 20.75 ? 26  NII A O3    1 
HETATM 984  C C4    . NII C 2 .  ? 12.845  5.786   -4.880  1.00 15.30 ? 26  NII A C4    1 
HETATM 985  C C3    . NII C 2 .  ? 12.192  6.975   -4.626  1.00 16.95 ? 26  NII A C3    1 
HETATM 986  C C2    . NII C 2 .  ? 12.423  7.626   -3.432  1.00 17.05 ? 26  NII A C2    1 
HETATM 987  C C1    . NII C 2 .  ? 13.240  7.043   -2.469  1.00 18.96 ? 26  NII A C1    1 
HETATM 988  N N6    . NII C 2 .  ? 11.779  8.779   -3.161  1.00 18.47 ? 26  NII A N6    1 
HETATM 989  C C25   . NII C 2 .  ? 11.955  9.493   -1.898  1.00 20.76 ? 26  NII A C25   1 
HETATM 990  C C26   . NII C 2 .  ? 11.765  10.971  -2.325  1.00 24.82 ? 26  NII A C26   1 
HETATM 991  C C27   . NII C 2 .  ? 12.543  11.925  -1.411  1.00 29.93 ? 26  NII A C27   1 
HETATM 992  O O5    . NII C 2 .  ? 11.932  13.208  -1.412  1.00 29.37 ? 26  NII A O5    1 
HETATM 993  O O6    . NII D 2 .  ? -2.298  5.096   -1.984  1.00 33.74 ? 27  NII A O6    1 
HETATM 994  C C30   . NII D 2 .  ? -1.303  4.872   -0.974  1.00 29.10 ? 27  NII A C30   1 
HETATM 995  C C29   . NII D 2 .  ? -0.495  3.599   -1.265  1.00 25.88 ? 27  NII A C29   1 
HETATM 996  C C28   . NII D 2 .  ? -0.955  2.902   -2.535  1.00 25.10 ? 27  NII A C28   1 
HETATM 997  N N3    . NII D 2 .  ? -0.241  1.630   -2.770  1.00 25.29 ? 27  NII A N3    1 
HETATM 998  C C9    . NII D 2 .  ? 0.567   1.071   -1.873  1.00 24.94 ? 27  NII A C9    1 
HETATM 999  C C8    . NII D 2 .  ? 0.751   1.740   -0.657  1.00 23.81 ? 27  NII A C8    1 
HETATM 1000 C C7    . NII D 2 .  ? 1.599   1.193   0.297   1.00 24.72 ? 27  NII A C7    1 
HETATM 1001 C C14   . NII D 2 .  ? 1.844   1.823   1.524   1.00 26.13 ? 27  NII A C14   1 
HETATM 1002 O O1    . NII D 2 .  ? 1.334   2.906   1.938   1.00 26.28 ? 27  NII A O1    1 
HETATM 1003 N N2    . NII D 2 .  ? 2.664   1.286   2.401   1.00 25.68 ? 27  NII A N2    1 
HETATM 1004 C C18   . NII D 2 .  ? 2.732   2.122   3.593   1.00 25.74 ? 27  NII A C18   1 
HETATM 1005 C C19   . NII D 2 .  ? 3.633   1.505   4.638   1.00 33.63 ? 27  NII A C19   1 
HETATM 1006 C C20   . NII D 2 .  ? 3.897   2.536   5.730   1.00 38.22 ? 27  NII A C20   1 
HETATM 1007 N N5    . NII D 2 .  ? 2.672   2.888   6.457   1.00 40.86 ? 27  NII A N5    1 
HETATM 1008 C C24   . NII D 2 .  ? 2.957   2.612   7.882   1.00 40.87 ? 27  NII A C24   1 
HETATM 1009 C C23   . NII D 2 .  ? 2.273   4.305   6.202   1.00 39.92 ? 27  NII A C23   1 
HETATM 1010 C C13   . NII D 2 .  ? 3.301   0.121   2.206   1.00 24.78 ? 27  NII A C13   1 
HETATM 1011 O O4    . NII D 2 .  ? 4.047   -0.385  3.078   1.00 25.47 ? 27  NII A O4    1 
HETATM 1012 C C10   . NII D 2 .  ? 1.218   -0.139  -2.152  1.00 23.52 ? 27  NII A C10   1 
HETATM 1013 C C11   . NII D 2 .  ? 1.084   -0.811  -3.359  1.00 25.47 ? 27  NII A C11   1 
HETATM 1014 O O2    . NII D 2 .  ? 0.325   -0.356  -4.287  1.00 27.70 ? 27  NII A O2    1 
HETATM 1015 N N1    . NII D 2 .  ? 1.742   -1.978  -3.557  1.00 25.00 ? 27  NII A N1    1 
HETATM 1016 C C15   . NII D 2 .  ? 1.621   -2.797  -4.797  1.00 27.15 ? 27  NII A C15   1 
HETATM 1017 C C16   . NII D 2 .  ? 1.630   -1.946  -6.082  1.00 36.05 ? 27  NII A C16   1 
HETATM 1018 C C17   . NII D 2 .  ? 1.683   -2.754  -7.386  1.00 38.01 ? 27  NII A C17   1 
HETATM 1019 N N4    . NII D 2 .  ? 2.602   -2.153  -8.387  1.00 37.90 ? 27  NII A N4    1 
HETATM 1020 C C21   . NII D 2 .  ? 3.825   -2.963  -8.482  1.00 37.75 ? 27  NII A C21   1 
HETATM 1021 C C22   . NII D 2 .  ? 1.957   -2.139  -9.702  1.00 38.59 ? 27  NII A C22   1 
HETATM 1022 C C5    . NII D 2 .  ? 2.054   -0.680  -1.161  1.00 22.27 ? 27  NII A C5    1 
HETATM 1023 C C6    . NII D 2 .  ? 2.749   -1.866  -1.397  1.00 21.61 ? 27  NII A C6    1 
HETATM 1024 C C12   . NII D 2 .  ? 2.542   -2.496  -2.612  1.00 26.10 ? 27  NII A C12   1 
HETATM 1025 O O3    . NII D 2 .  ? 3.143   -3.571  -2.883  1.00 26.59 ? 27  NII A O3    1 
HETATM 1026 C C4    . NII D 2 .  ? 2.274   0.010   0.027   1.00 22.55 ? 27  NII A C4    1 
HETATM 1027 C C3    . NII D 2 .  ? 3.132   -0.540  1.010   1.00 25.19 ? 27  NII A C3    1 
HETATM 1028 C C2    . NII D 2 .  ? 3.816   -1.754  0.787   1.00 24.78 ? 27  NII A C2    1 
HETATM 1029 C C1    . NII D 2 .  ? 3.611   -2.420  -0.435  1.00 24.29 ? 27  NII A C1    1 
HETATM 1030 N N6    . NII D 2 .  ? 4.628   -2.253  1.755   1.00 25.80 ? 27  NII A N6    1 
HETATM 1031 C C25   . NII D 2 .  ? 5.346   -3.544  1.555   1.00 26.84 ? 27  NII A C25   1 
HETATM 1032 C C26   . NII D 2 .  ? 6.049   -3.802  2.904   1.00 36.97 ? 27  NII A C26   1 
HETATM 1033 C C27   . NII D 2 .  ? 6.652   -5.209  3.040   1.00 38.40 ? 27  NII A C27   1 
HETATM 1034 O O5    . NII D 2 .  ? 5.604   -6.173  3.035   1.00 45.99 ? 27  NII A O5    1 
HETATM 1035 K K     . K   E 3 .  ? 8.876   3.878   -3.078  1.00 18.31 ? 24  K   A K     1 
HETATM 1036 K K     . K   F 3 .  ? 6.021   2.117   -1.709  1.00 16.28 ? 25  K   A K     1 
HETATM 1037 O O6    . NII G 2 .  ? -7.787  -12.509 10.703  1.00 36.92 ? 26  NII B O6    1 
HETATM 1038 C C30   . NII G 2 .  ? -8.138  -11.130 10.524  1.00 35.05 ? 26  NII B C30   1 
HETATM 1039 C C29   . NII G 2 .  ? -8.465  -10.792 9.054   1.00 27.63 ? 26  NII B C29   1 
HETATM 1040 C C28   . NII G 2 .  ? -8.699  -9.275  8.881   1.00 26.25 ? 26  NII B C28   1 
HETATM 1041 N N3    . NII G 2 .  ? -9.398  -9.094  7.618   1.00 24.81 ? 26  NII B N3    1 
HETATM 1042 C C9    . NII G 2 .  ? -10.266 -8.068  7.359   1.00 23.68 ? 26  NII B C9    1 
HETATM 1043 C C8    . NII G 2 .  ? -10.564 -7.061  8.280   1.00 23.37 ? 26  NII B C8    1 
HETATM 1044 C C7    . NII G 2 .  ? -11.446 -6.060  7.899   1.00 22.90 ? 26  NII B C7    1 
HETATM 1045 C C14   . NII G 2 .  ? -11.796 -5.105  8.792   1.00 24.72 ? 26  NII B C14   1 
HETATM 1046 O O1    . NII G 2 .  ? -11.265 -5.158  9.940   1.00 26.47 ? 26  NII B O1    1 
HETATM 1047 N N2    . NII G 2 .  ? -12.679 -4.128  8.448   1.00 25.06 ? 26  NII B N2    1 
HETATM 1048 C C18   . NII G 2 .  ? -13.027 -3.111  9.471   1.00 24.88 ? 26  NII B C18   1 
HETATM 1049 C C19   . NII G 2 .  ? -14.331 -3.541  10.199  1.00 29.98 ? 26  NII B C19   1 
HETATM 1050 C C20   . NII G 2 .  ? -14.190 -4.230  11.575  1.00 37.00 ? 26  NII B C20   1 
HETATM 1051 N N5    . NII G 2 .  ? -15.335 -5.072  12.061  1.00 40.82 ? 26  NII B N5    1 
HETATM 1052 C C24   . NII G 2 .  ? -16.022 -5.846  10.995  1.00 42.70 ? 26  NII B C24   1 
HETATM 1053 C C23   . NII G 2 .  ? -14.888 -6.073  13.069  1.00 40.68 ? 26  NII B C23   1 
HETATM 1054 C C13   . NII G 2 .  ? -13.285 -4.101  7.219   1.00 25.77 ? 26  NII B C13   1 
HETATM 1055 O O4    . NII G 2 .  ? -14.137 -3.195  6.904   1.00 25.75 ? 26  NII B O4    1 
HETATM 1056 C C10   . NII G 2 .  ? -10.832 -8.026  6.092   1.00 21.26 ? 26  NII B C10   1 
HETATM 1057 C C11   . NII G 2 .  ? -10.555 -9.007  5.200   1.00 23.26 ? 26  NII B C11   1 
HETATM 1058 O O2    . NII G 2 .  ? -9.782  -9.940  5.502   1.00 24.20 ? 26  NII B O2    1 
HETATM 1059 N N1    . NII G 2 .  ? -11.111 -9.023  3.992   1.00 24.33 ? 26  NII B N1    1 
HETATM 1060 C C15   . NII G 2 .  ? -10.703 -10.155 3.161   1.00 26.15 ? 26  NII B C15   1 
HETATM 1061 C C16   . NII G 2 .  ? -11.848 -10.772 2.356   1.00 35.99 ? 26  NII B C16   1 
HETATM 1062 C C17   . NII G 2 .  ? -11.635 -12.301 2.192   1.00 40.90 ? 26  NII B C17   1 
HETATM 1063 N N4    . NII G 2 .  ? -12.825 -13.014 2.730   1.00 44.37 ? 26  NII B N4    1 
HETATM 1064 C C21   . NII G 2 .  ? -13.872 -13.228 1.703   1.00 47.64 ? 26  NII B C21   1 
HETATM 1065 C C22   . NII G 2 .  ? -12.450 -14.308 3.312   1.00 48.74 ? 26  NII B C22   1 
HETATM 1066 C C5    . NII G 2 .  ? -11.720 -7.038  5.728   1.00 19.34 ? 26  NII B C5    1 
HETATM 1067 C C6    . NII G 2 .  ? -12.315 -7.071  4.466   1.00 23.70 ? 26  NII B C6    1 
HETATM 1068 C C12   . NII G 2 .  ? -11.993 -8.100  3.597   1.00 25.04 ? 26  NII B C12   1 
HETATM 1069 O O3    . NII G 2 .  ? -12.536 -8.117  2.454   1.00 25.64 ? 26  NII B O3    1 
HETATM 1070 C C4    . NII G 2 .  ? -12.050 -6.066  6.632   1.00 21.40 ? 26  NII B C4    1 
HETATM 1071 C C3    . NII G 2 .  ? -12.970 -5.086  6.275   1.00 24.11 ? 26  NII B C3    1 
HETATM 1072 C C2    . NII G 2 .  ? -13.570 -5.117  5.007   1.00 24.62 ? 26  NII B C2    1 
HETATM 1073 C C1    . NII G 2 .  ? -13.229 -6.109  4.073   1.00 22.82 ? 26  NII B C1    1 
HETATM 1074 N N6    . NII G 2 .  ? -14.477 -4.158  4.653   1.00 26.96 ? 26  NII B N6    1 
HETATM 1075 C C25   . NII G 2 .  ? -15.082 -4.187  3.304   1.00 25.92 ? 26  NII B C25   1 
HETATM 1076 C C26   . NII G 2 .  ? -16.141 -3.085  3.294   1.00 34.33 ? 26  NII B C26   1 
HETATM 1077 C C27   . NII G 2 .  ? -17.551 -3.667  3.257   1.00 37.92 ? 26  NII B C27   1 
HETATM 1078 O O5    . NII G 2 .  ? -17.525 -5.046  3.610   1.00 41.49 ? 26  NII B O5    1 
HETATM 1079 O O6    . NII H 2 .  ? -3.866  -1.510  -6.448  1.00 34.23 ? 27  NII B O6    1 
HETATM 1080 C C30   . NII H 2 .  ? -4.261  -0.696  -5.335  1.00 31.66 ? 27  NII B C30   1 
HETATM 1081 C C29   . NII H 2 .  ? -3.099  -0.799  -4.354  1.00 30.19 ? 27  NII B C29   1 
HETATM 1082 C C28   . NII H 2 .  ? -3.479  -0.521  -2.902  1.00 30.54 ? 27  NII B C28   1 
HETATM 1083 N N3    . NII H 2 .  ? -2.561  -1.503  -2.387  1.00 30.12 ? 27  NII B N3    1 
HETATM 1084 C C9    . NII H 2 .  ? -1.915  -1.541  -1.217  1.00 30.22 ? 27  NII B C9    1 
HETATM 1085 C C8    . NII H 2 .  ? -1.087  -2.669  -1.108  1.00 29.51 ? 27  NII B C8    1 
HETATM 1086 C C7    . NII H 2 .  ? -0.368  -2.811  0.066   1.00 30.13 ? 27  NII B C7    1 
HETATM 1087 C C14   . NII H 2 .  ? 0.435   -3.883  0.227   1.00 31.25 ? 27  NII B C14   1 
HETATM 1088 O O1    . NII H 2 .  ? 0.373   -4.631  -0.793  1.00 32.00 ? 27  NII B O1    1 
HETATM 1089 N N2    . NII H 2 .  ? 1.184   -4.074  1.367   1.00 31.03 ? 27  NII B N2    1 
HETATM 1090 C C18   . NII H 2 .  ? 2.075   -5.239  1.514   1.00 30.82 ? 27  NII B C18   1 
HETATM 1091 C C19   . NII H 2 .  ? 1.867   -6.273  0.374   1.00 39.77 ? 27  NII B C19   1 
HETATM 1092 C C20   . NII H 2 .  ? 2.885   -6.070  -0.774  1.00 42.90 ? 27  NII B C20   1 
HETATM 1093 N N5    . NII H 2 .  ? 3.569   -7.299  -1.244  1.00 47.30 ? 27  NII B N5    1 
HETATM 1094 C C24   . NII H 2 .  ? 3.638   -7.360  -2.720  1.00 47.79 ? 27  NII B C24   1 
HETATM 1095 C C23   . NII H 2 .  ? 4.971   -7.351  -0.754  1.00 48.16 ? 27  NII B C23   1 
HETATM 1096 C C13   . NII H 2 .  ? 1.147   -3.184  2.392   1.00 31.05 ? 27  NII B C13   1 
HETATM 1097 O O4    . NII H 2 .  ? 1.829   -3.292  3.485   1.00 30.80 ? 27  NII B O4    1 
HETATM 1098 C C10   . NII H 2 .  ? -2.008  -0.630  -0.171  1.00 28.33 ? 27  NII B C10   1 
HETATM 1099 C C11   . NII H 2 .  ? -2.786  0.539   -0.169  1.00 30.68 ? 27  NII B C11   1 
HETATM 1100 O O2    . NII H 2 .  ? -3.501  0.830   -1.132  1.00 31.95 ? 27  NII B O2    1 
HETATM 1101 N N1    . NII H 2 .  ? -2.833  1.388   0.867   1.00 30.39 ? 27  NII B N1    1 
HETATM 1102 C C15   . NII H 2 .  ? -3.704  2.578   0.746   1.00 31.55 ? 27  NII B C15   1 
HETATM 1103 C C16   . NII H 2 .  ? -4.358  2.585   -0.634  1.00 30.71 ? 27  NII B C16   1 
HETATM 1104 C C17   . NII H 2 .  ? -5.175  3.844   -0.854  1.00 35.66 ? 27  NII B C17   1 
HETATM 1105 N N4    . NII H 2 .  ? -5.121  4.278   -2.257  1.00 39.43 ? 27  NII B N4    1 
HETATM 1106 C C21   . NII H 2 .  ? -5.762  3.304   -3.164  1.00 39.35 ? 27  NII B C21   1 
HETATM 1107 C C22   . NII H 2 .  ? -5.705  5.653   -2.408  1.00 42.15 ? 27  NII B C22   1 
HETATM 1108 C C5    . NII H 2 .  ? -1.256  -0.837  0.973   1.00 27.56 ? 27  NII B C5    1 
HETATM 1109 C C6    . NII H 2 .  ? -1.279  0.064   2.010   1.00 28.71 ? 27  NII B C6    1 
HETATM 1110 C C12   . NII H 2 .  ? -2.078  1.176   1.973   1.00 31.50 ? 27  NII B C12   1 
HETATM 1111 O O3    . NII H 2 .  ? -2.018  1.907   3.006   1.00 31.41 ? 27  NII B O3    1 
HETATM 1112 C C4    . NII H 2 .  ? -0.421  -1.903  1.092   1.00 31.40 ? 27  NII B C4    1 
HETATM 1113 C C3    . NII H 2 .  ? 0.326   -2.086  2.262   1.00 29.90 ? 27  NII B C3    1 
HETATM 1114 C C2    . NII H 2 .  ? 0.248   -1.173  3.292   1.00 29.60 ? 27  NII B C2    1 
HETATM 1115 C C1    . NII H 2 .  ? -0.562  -0.082  3.157   1.00 30.20 ? 27  NII B C1    1 
HETATM 1116 N N6    . NII H 2 .  ? 0.953   -1.341  4.428   1.00 30.97 ? 27  NII B N6    1 
HETATM 1117 C C25   . NII H 2 .  ? 0.932   -0.429  5.571   1.00 31.04 ? 27  NII B C25   1 
HETATM 1118 C C26   . NII H 2 .  ? -0.349  0.363   5.624   1.00 34.03 ? 27  NII B C26   1 
HETATM 1119 C C27   . NII H 2 .  ? -0.210  1.613   6.483   1.00 32.03 ? 27  NII B C27   1 
HETATM 1120 O O5    . NII H 2 .  ? -0.827  2.705   5.827   1.00 33.06 ? 27  NII B O5    1 
HETATM 1121 O O6    . NII I 2 .  ? 9.137   -2.685  22.381  1.00 39.07 ? 28  NII B O6    1 
HETATM 1122 C C30   . NII I 2 .  ? 8.581   -1.457  21.864  1.00 36.82 ? 28  NII B C30   1 
HETATM 1123 C C29   . NII I 2 .  ? 7.788   -1.687  20.566  1.00 34.22 ? 28  NII B C29   1 
HETATM 1124 C C28   . NII I 2 .  ? 7.945   -0.546  19.567  1.00 27.51 ? 28  NII B C28   1 
HETATM 1125 N N3    . NII I 2 .  ? 6.647   -0.323  18.867  1.00 26.38 ? 28  NII B N3    1 
HETATM 1126 C C9    . NII I 2 .  ? 6.236   0.967   18.822  1.00 24.59 ? 28  NII B C9    1 
HETATM 1127 C C8    . NII I 2 .  ? 7.022   1.937   19.459  1.00 23.71 ? 28  NII B C8    1 
HETATM 1128 C C7    . NII I 2 .  ? 6.628   3.275   19.425  1.00 23.57 ? 28  NII B C7    1 
HETATM 1129 C C14   . NII I 2 .  ? 7.403   4.276   20.035  1.00 25.90 ? 28  NII B C14   1 
HETATM 1130 O O1    . NII I 2 .  ? 8.497   3.984   20.627  1.00 26.39 ? 28  NII B O1    1 
HETATM 1131 N N2    . NII I 2 .  ? 6.975   5.583   19.993  1.00 26.65 ? 28  NII B N2    1 
HETATM 1132 C C18   . NII I 2 .  ? 7.737   6.643   20.679  1.00 26.80 ? 28  NII B C18   1 
HETATM 1133 C C19   . NII I 2 .  ? 8.822   7.262   19.807  1.00 36.11 ? 28  NII B C19   1 
HETATM 1134 C C20   . NII I 2 .  ? 9.968   7.755   20.691  1.00 36.61 ? 28  NII B C20   1 
HETATM 1135 N N5    . NII I 2 .  ? 9.662   9.046   21.338  1.00 39.29 ? 28  NII B N5    1 
HETATM 1136 C C24   . NII I 2 .  ? 10.892  9.845   21.495  1.00 38.76 ? 28  NII B C24   1 
HETATM 1137 C C23   . NII I 2 .  ? 8.648   9.841   20.608  1.00 40.42 ? 28  NII B C23   1 
HETATM 1138 C C13   . NII I 2 .  ? 5.827   5.936   19.374  1.00 26.50 ? 28  NII B C13   1 
HETATM 1139 O O4    . NII I 2 .  ? 5.472   7.158   19.391  1.00 26.70 ? 28  NII B O4    1 
HETATM 1140 C C10   . NII I 2 .  ? 5.043   1.311   18.160  1.00 25.66 ? 28  NII B C10   1 
HETATM 1141 C C11   . NII I 2 .  ? 4.217   0.332   17.516  1.00 26.37 ? 28  NII B C11   1 
HETATM 1142 O O2    . NII I 2 .  ? 4.478   -0.916  17.462  1.00 25.06 ? 28  NII B O2    1 
HETATM 1143 N N1    . NII I 2 .  ? 3.100   0.704   16.896  1.00 26.44 ? 28  NII B N1    1 
HETATM 1144 C C15   . NII I 2 .  ? 2.308   -0.375  16.252  1.00 26.14 ? 28  NII B C15   1 
HETATM 1145 C C16   . NII I 2 .  ? 2.807   -0.623  14.826  1.00 24.47 ? 28  NII B C16   1 
HETATM 1146 C C17   . NII I 2 .  ? 1.803   -1.333  13.888  1.00 24.95 ? 28  NII B C17   1 
HETATM 1147 N N4    . NII I 2 .  ? 0.356   -1.028  13.902  1.00 26.84 ? 28  NII B N4    1 
HETATM 1148 C C21   . NII I 2 .  ? -0.005  0.304   13.348  1.00 24.49 ? 28  NII B C21   1 
HETATM 1149 C C22   . NII I 2 .  ? -0.364  -2.115  13.156  1.00 27.97 ? 28  NII B C22   1 
HETATM 1150 C C5    . NII I 2 .  ? 4.655   2.645   18.146  1.00 22.91 ? 28  NII B C5    1 
HETATM 1151 C C6    . NII I 2 .  ? 3.470   2.977   17.495  1.00 24.59 ? 28  NII B C6    1 
HETATM 1152 C C12   . NII I 2 .  ? 2.698   1.987   16.892  1.00 26.03 ? 28  NII B C12   1 
HETATM 1153 O O3    . NII I 2 .  ? 1.642   2.286   16.312  1.00 25.99 ? 28  NII B O3    1 
HETATM 1154 C C4    . NII I 2 .  ? 5.439   3.631   18.756  1.00 22.24 ? 28  NII B C4    1 
HETATM 1155 C C3    . NII I 2 .  ? 5.030   4.965   18.718  1.00 23.56 ? 28  NII B C3    1 
HETATM 1156 C C2    . NII I 2 .  ? 3.834   5.309   18.072  1.00 25.27 ? 28  NII B C2    1 
HETATM 1157 C C1    . NII I 2 .  ? 3.051   4.300   17.477  1.00 26.68 ? 28  NII B C1    1 
HETATM 1158 N N6    . NII I 2 .  ? 3.317   6.574   18.001  1.00 26.11 ? 28  NII B N6    1 
HETATM 1159 C C25   . NII I 2 .  ? 2.062   6.703   17.251  1.00 26.20 ? 28  NII B C25   1 
HETATM 1160 C C26   . NII I 2 .  ? 1.142   7.699   17.919  1.00 35.22 ? 28  NII B C26   1 
HETATM 1161 C C27   . NII I 2 .  ? -0.354  7.709   17.404  1.00 41.41 ? 28  NII B C27   1 
HETATM 1162 O O5    . NII I 2 .  ? -0.587  7.089   16.100  1.00 41.49 ? 28  NII B O5    1 
HETATM 1163 O O6    . NII J 2 .  ? -5.511  -3.147  -13.783 1.00 44.06 ? 29  NII B O6    1 
HETATM 1164 C C30   . NII J 2 .  ? -5.985  -3.129  -15.152 1.00 40.68 ? 29  NII B C30   1 
HETATM 1165 C C29   . NII J 2 .  ? -7.369  -3.804  -15.308 1.00 35.26 ? 29  NII B C29   1 
HETATM 1166 C C28   . NII J 2 .  ? -8.534  -3.251  -14.472 1.00 25.52 ? 29  NII B C28   1 
HETATM 1167 N N3    . NII J 2 .  ? -8.315  -1.841  -14.136 1.00 25.81 ? 29  NII B N3    1 
HETATM 1168 C C9    . NII J 2 .  ? -9.242  -0.886  -14.402 1.00 24.15 ? 29  NII B C9    1 
HETATM 1169 C C8    . NII J 2 .  ? -10.421 -1.248  -15.033 1.00 24.01 ? 29  NII B C8    1 
HETATM 1170 C C7    . NII J 2 .  ? -11.374 -0.295  -15.358 1.00 23.06 ? 29  NII B C7    1 
HETATM 1171 C C14   . NII J 2 .  ? -12.584 -0.638  -16.017 1.00 24.34 ? 29  NII B C14   1 
HETATM 1172 O O1    . NII J 2 .  ? -12.775 -1.836  -16.335 1.00 25.24 ? 29  NII B O1    1 
HETATM 1173 N N2    . NII J 2 .  ? -13.516 0.296   -16.315 1.00 23.74 ? 29  NII B N2    1 
HETATM 1174 C C18   . NII J 2 .  ? -14.771 -0.078  -16.972 1.00 25.68 ? 29  NII B C18   1 
HETATM 1175 C C19   . NII J 2 .  ? -15.425 -0.965  -15.920 1.00 35.24 ? 29  NII B C19   1 
HETATM 1176 C C20   . NII J 2 .  ? -16.951 -0.953  -15.810 1.00 41.16 ? 29  NII B C20   1 
HETATM 1177 N N5    . NII J 2 .  ? -17.435 -0.556  -14.456 1.00 42.88 ? 29  NII B N5    1 
HETATM 1178 C C24   . NII J 2 .  ? -17.698 0.893   -14.403 1.00 44.04 ? 29  NII B C24   1 
HETATM 1179 C C23   . NII J 2 .  ? -18.723 -1.212  -14.236 1.00 45.01 ? 29  NII B C23   1 
HETATM 1180 C C13   . NII J 2 .  ? -13.318 1.591   -15.990 1.00 24.37 ? 29  NII B C13   1 
HETATM 1181 O O4    . NII J 2 .  ? -14.234 2.437   -16.248 1.00 23.64 ? 29  NII B O4    1 
HETATM 1182 C C10   . NII J 2 .  ? -9.025  0.456   -14.018 1.00 25.26 ? 29  NII B C10   1 
HETATM 1183 C C11   . NII J 2 .  ? -7.863  0.909   -13.347 1.00 23.44 ? 29  NII B C11   1 
HETATM 1184 O O2    . NII J 2 .  ? -6.983  0.090   -13.046 1.00 24.67 ? 29  NII B O2    1 
HETATM 1185 N N1    . NII J 2 .  ? -7.667  2.185   -13.035 1.00 23.79 ? 29  NII B N1    1 
HETATM 1186 C C15   . NII J 2 .  ? -6.409  2.575   -12.344 1.00 26.20 ? 29  NII B C15   1 
HETATM 1187 C C16   . NII J 2 .  ? -6.594  3.486   -11.130 1.00 38.81 ? 29  NII B C16   1 
HETATM 1188 C C17   . NII J 2 .  ? -6.697  2.698   -9.818  1.00 38.72 ? 29  NII B C17   1 
HETATM 1189 N N4    . NII J 2 .  ? -7.960  3.028   -9.117  1.00 42.88 ? 29  NII B N4    1 
HETATM 1190 C C21   . NII J 2 .  ? -8.243  2.046   -8.047  1.00 40.69 ? 29  NII B C21   1 
HETATM 1191 C C22   . NII J 2 .  ? -7.890  4.383   -8.512  1.00 43.26 ? 29  NII B C22   1 
HETATM 1192 C C5    . NII J 2 .  ? -9.996  1.399   -14.333 1.00 24.71 ? 29  NII B C5    1 
HETATM 1193 C C6    . NII J 2 .  ? -9.761  2.732   -13.997 1.00 23.70 ? 29  NII B C6    1 
HETATM 1194 C C12   . NII J 2 .  ? -8.600  3.082   -13.315 1.00 24.04 ? 29  NII B C12   1 
HETATM 1195 O O3    . NII J 2 .  ? -8.427  4.272   -12.998 1.00 25.86 ? 29  NII B O3    1 
HETATM 1196 C C4    . NII J 2 .  ? -11.161 1.021   -14.999 1.00 22.45 ? 29  NII B C4    1 
HETATM 1197 C C3    . NII J 2 .  ? -12.127 1.985   -15.318 1.00 24.24 ? 29  NII B C3    1 
HETATM 1198 C C2    . NII J 2 .  ? -11.896 3.316   -14.938 1.00 23.43 ? 29  NII B C2    1 
HETATM 1199 C C1    . NII J 2 .  ? -10.722 3.696   -14.295 1.00 23.24 ? 29  NII B C1    1 
HETATM 1200 N N6    . NII J 2 .  ? -12.814 4.265   -15.229 1.00 24.34 ? 29  NII B N6    1 
HETATM 1201 C C25   . NII J 2 .  ? -12.535 5.647   -14.863 1.00 25.91 ? 29  NII B C25   1 
HETATM 1202 C C26   . NII J 2 .  ? -13.474 6.491   -15.738 1.00 33.10 ? 29  NII B C26   1 
HETATM 1203 C C27   . NII J 2 .  ? -14.844 6.689   -15.117 1.00 36.78 ? 29  NII B C27   1 
HETATM 1204 O O5    . NII J 2 .  ? -15.842 5.953   -15.841 1.00 37.67 ? 29  NII B O5    1 
HETATM 1205 K K     . K   K 3 .  ? -7.911  -4.989  3.894   1.00 16.74 ? 24  K   B K     1 
HETATM 1206 K K     . K   L 3 .  ? -5.085  -3.137  2.402   1.00 13.22 ? 25  K   B K     1 
HETATM 1207 O O     . HOH M 4 .  ? -4.571  9.523   0.432   1.00 36.65 ? 28  HOH A O     1 
HETATM 1208 O O     . HOH M 4 .  ? 4.661   5.432   -10.225 1.00 25.91 ? 29  HOH A O     1 
HETATM 1209 O O     . HOH M 4 .  ? 6.282   10.233  -9.489  1.00 21.32 ? 30  HOH A O     1 
HETATM 1210 O O     . HOH M 4 .  ? 1.408   14.300  -3.193  1.00 29.83 ? 31  HOH A O     1 
HETATM 1211 O O     . HOH M 4 .  ? 12.642  -1.625  -8.334  1.00 31.33 ? 32  HOH A O     1 
HETATM 1212 O O     . HOH M 4 .  ? 12.583  6.178   9.703   1.00 31.93 ? 33  HOH A O     1 
HETATM 1213 O O     . HOH M 4 .  ? 9.292   3.994   7.414   1.00 34.52 ? 34  HOH A O     1 
HETATM 1214 O O     . HOH M 4 .  ? 14.299  9.800   18.887  1.00 36.52 ? 35  HOH A O     1 
HETATM 1215 O O     . HOH M 4 .  ? 14.241  10.250  0.558   1.00 36.82 ? 36  HOH A O     1 
HETATM 1216 O O     . HOH M 4 .  ? 5.564   4.431   10.256  1.00 32.30 ? 37  HOH A O     1 
HETATM 1217 O O     . HOH M 4 .  ? 3.040   15.106  -9.086  1.00 25.14 ? 38  HOH A O     1 
HETATM 1218 O O     . HOH M 4 .  ? 4.615   -0.543  -9.270  1.00 22.20 ? 39  HOH A O     1 
HETATM 1219 O O     . HOH M 4 .  ? 10.511  11.656  2.266   1.00 28.64 ? 40  HOH A O     1 
HETATM 1220 O O     . HOH M 4 .  ? 1.059   -1.066  -19.630 1.00 30.35 ? 41  HOH A O     1 
HETATM 1221 O O     . HOH M 4 .  ? 9.268   -3.554  4.487   0.50 18.57 ? 42  HOH A O     1 
HETATM 1222 O O     . HOH M 4 .  ? 4.936   -4.974  -6.596  1.00 29.80 ? 43  HOH A O     1 
HETATM 1223 O O     . HOH M 4 .  ? 12.124  -0.738  -10.492 0.50 16.24 ? 44  HOH A O     1 
HETATM 1224 O O     . HOH M 4 .  ? 3.493   -5.409  -9.524  1.00 36.62 ? 45  HOH A O     1 
HETATM 1225 O O     . HOH M 4 .  ? 0.170   7.559   -4.297  1.00 25.75 ? 46  HOH A O     1 
HETATM 1226 O O     . HOH M 4 .  ? 4.330   10.641  -1.876  1.00 33.11 ? 47  HOH A O     1 
HETATM 1227 O O     . HOH M 4 .  ? 13.671  1.924   4.306   1.00 22.70 ? 48  HOH A O     1 
HETATM 1228 O O     . HOH M 4 .  ? 12.184  -3.819  -3.276  1.00 35.59 ? 49  HOH A O     1 
HETATM 1229 O O     . HOH M 4 .  ? 11.781  -3.753  -6.782  1.00 35.92 ? 50  HOH A O     1 
HETATM 1230 O O     . HOH M 4 .  ? 13.066  1.311   -11.577 1.00 45.03 ? 51  HOH A O     1 
HETATM 1231 O O     . HOH M 4 .  ? 16.747  0.624   0.963   1.00 23.55 ? 52  HOH A O     1 
HETATM 1232 O O     . HOH M 4 .  ? 9.773   11.031  -6.529  1.00 24.75 ? 53  HOH A O     1 
HETATM 1233 O O     . HOH M 4 .  ? 3.277   7.093   5.076   1.00 23.88 ? 54  HOH A O     1 
HETATM 1234 O O     . HOH M 4 .  ? -2.048  2.920   -5.097  1.00 37.74 ? 55  HOH A O     1 
HETATM 1235 O O     . HOH M 4 .  ? 14.831  8.188   0.610   1.00 26.76 ? 56  HOH A O     1 
HETATM 1236 O O     . HOH M 4 .  ? 5.004   -0.564  5.538   1.00 27.12 ? 57  HOH A O     1 
HETATM 1237 O O     . HOH M 4 .  ? 5.303   -7.214  -6.847  1.00 34.73 ? 58  HOH A O     1 
HETATM 1238 O O     . HOH M 4 .  ? -2.845  4.511   -10.675 1.00 38.06 ? 59  HOH A O     1 
HETATM 1239 O O     . HOH M 4 .  ? 6.764   8.373   -10.658 1.00 36.05 ? 60  HOH A O     1 
HETATM 1240 O O     . HOH M 4 .  ? 3.074   18.143  -1.821  1.00 33.94 ? 61  HOH A O     1 
HETATM 1241 O O     . HOH M 4 .  ? 15.479  2.517   2.476   1.00 15.16 ? 62  HOH A O     1 
HETATM 1242 O O     . HOH M 4 .  ? 16.739  -2.435  6.096   1.00 39.36 ? 63  HOH A O     1 
HETATM 1243 O O     . HOH M 4 .  ? 13.142  1.994   9.723   0.50 14.32 ? 64  HOH A O     1 
HETATM 1244 O O     . HOH M 4 .  ? 15.931  0.295   -10.443 1.00 40.88 ? 65  HOH A O     1 
HETATM 1245 O O     . HOH M 4 .  ? 1.822   9.014   -4.023  1.00 29.59 ? 66  HOH A O     1 
HETATM 1246 O O     . HOH M 4 .  ? 5.600   15.364  -9.377  1.00 34.30 ? 67  HOH A O     1 
HETATM 1247 O O     . HOH M 4 .  ? 8.603   12.044  0.188   1.00 22.83 ? 68  HOH A O     1 
HETATM 1248 O O     . HOH M 4 .  ? 5.878   11.466  0.423   1.00 20.68 ? 69  HOH A O     1 
HETATM 1249 O O     . HOH M 4 .  ? -5.546  -2.576  -23.813 1.00 31.16 ? 70  HOH A O     1 
HETATM 1250 O O     . HOH M 4 .  ? 13.766  -5.631  -9.275  1.00 41.03 ? 71  HOH A O     1 
HETATM 1251 O O     . HOH M 4 .  ? 12.504  0.221   11.319  1.00 27.67 ? 72  HOH A O     1 
HETATM 1252 O O     . HOH M 4 .  ? -0.767  9.607   5.571   0.50 32.92 ? 73  HOH A O     1 
HETATM 1253 O O     . HOH M 4 .  ? 5.886   -2.516  9.611   1.00 37.68 ? 74  HOH A O     1 
HETATM 1254 O O     . HOH M 4 .  ? 7.615   -9.722  -7.882  1.00 38.37 ? 75  HOH A O     1 
HETATM 1255 O O     . HOH M 4 .  ? 1.798   -2.699  -14.951 1.00 40.92 ? 76  HOH A O     1 
HETATM 1256 O O     . HOH M 4 .  ? 12.345  4.043   4.421   1.00 31.29 ? 77  HOH A O     1 
HETATM 1257 O O     . HOH M 4 .  ? 6.880   3.360   7.775   1.00 35.44 ? 78  HOH A O     1 
HETATM 1258 O O     . HOH M 4 .  ? 8.570   6.156   -11.485 1.00 24.57 ? 79  HOH A O     1 
HETATM 1259 O O     . HOH M 4 .  ? 15.385  12.187  15.575  1.00 34.35 ? 80  HOH A O     1 
HETATM 1260 O O     . HOH M 4 .  ? 1.049   -0.347  -17.197 1.00 55.25 ? 81  HOH A O     1 
HETATM 1261 O O     . HOH M 4 .  ? 11.276  -6.363  -1.562  1.00 36.35 ? 82  HOH A O     1 
HETATM 1262 O O     . HOH M 4 .  ? -1.609  6.896   -13.974 1.00 41.91 ? 83  HOH A O     1 
HETATM 1263 O O     . HOH M 4 .  ? -0.462  -4.342  -13.583 1.00 51.35 ? 84  HOH A O     1 
HETATM 1264 O O     . HOH M 4 .  ? 9.360   6.679   -15.114 1.00 43.95 ? 85  HOH A O     1 
HETATM 1265 O O     . HOH M 4 .  ? 11.153  14.629  4.775   1.00 38.85 ? 86  HOH A O     1 
HETATM 1266 O O     . HOH M 4 .  ? 15.708  5.830   5.915   1.00 60.21 ? 87  HOH A O     1 
HETATM 1267 O O     . HOH M 4 .  ? 19.886  -3.903  -0.914  1.00 45.56 ? 88  HOH A O     1 
HETATM 1268 O O     . HOH M 4 .  ? 1.520   10.433  6.946   1.00 49.96 ? 89  HOH A O     1 
HETATM 1269 O O     . HOH M 4 .  ? 9.889   -1.410  -16.190 1.00 41.99 ? 90  HOH A O     1 
HETATM 1270 O O     . HOH M 4 .  ? 11.511  0.409   14.723  1.00 38.13 ? 91  HOH A O     1 
HETATM 1271 O O     . HOH M 4 .  ? 5.750   16.330  -1.405  1.00 52.79 ? 92  HOH A O     1 
HETATM 1272 O O     . HOH M 4 .  ? 15.231  -5.273  5.625   1.00 38.34 ? 93  HOH A O     1 
HETATM 1273 O O     . HOH M 4 .  ? 6.946   2.365   -22.400 1.00 57.12 ? 94  HOH A O     1 
HETATM 1274 O O     . HOH M 4 .  ? 12.038  3.124   -15.635 1.00 34.16 ? 95  HOH A O     1 
HETATM 1275 O O     . HOH M 4 .  ? -7.797  -4.240  -25.172 1.00 48.17 ? 96  HOH A O     1 
HETATM 1276 O O     . HOH M 4 .  ? -2.944  12.109  2.870   1.00 63.95 ? 97  HOH A O     1 
HETATM 1277 O O     . HOH M 4 .  ? 0.145   18.902  2.516   1.00 56.34 ? 98  HOH A O     1 
HETATM 1278 O O     . HOH M 4 .  ? 7.537   10.213  -13.482 1.00 49.77 ? 99  HOH A O     1 
HETATM 1279 O O     . HOH M 4 .  ? -5.517  11.253  -9.764  1.00 49.58 ? 100 HOH A O     1 
HETATM 1280 O O     . HOH M 4 .  ? 18.748  8.699   9.624   1.00 38.69 ? 101 HOH A O     1 
HETATM 1281 O O     . HOH M 4 .  ? 18.497  8.916   20.273  1.00 45.80 ? 102 HOH A O     1 
HETATM 1282 O O     . HOH M 4 .  ? 12.019  -9.777  -6.913  1.00 45.94 ? 103 HOH A O     1 
HETATM 1283 O O     . HOH M 4 .  ? 14.875  0.898   -13.884 1.00 40.91 ? 104 HOH A O     1 
HETATM 1284 O O     . HOH M 4 .  ? 8.783   5.825   5.584   1.00 32.83 ? 105 HOH A O     1 
HETATM 1285 O O     . HOH M 4 .  ? 16.743  6.189   11.477  1.00 39.17 ? 106 HOH A O     1 
HETATM 1286 O O     . HOH M 4 .  ? 2.917   10.077  -12.471 1.00 39.03 ? 107 HOH A O     1 
HETATM 1287 O O     . HOH M 4 .  ? 8.379   -14.326 0.679   0.50 44.39 ? 108 HOH A O     1 
HETATM 1288 O O     . HOH N 4 .  ? 5.630   -10.738 4.766   1.00 33.27 ? 30  HOH B O     1 
HETATM 1289 O O     . HOH N 4 .  ? -7.863  -13.797 0.728   1.00 24.98 ? 31  HOH B O     1 
HETATM 1290 O O     . HOH N 4 .  ? -10.575 -7.876  -8.515  1.00 21.53 ? 32  HOH B O     1 
HETATM 1291 O O     . HOH N 4 .  ? -1.849  -10.153 8.034   1.00 27.34 ? 33  HOH B O     1 
HETATM 1292 O O     . HOH N 4 .  ? -7.790  -2.570  -5.405  1.00 24.50 ? 34  HOH B O     1 
HETATM 1293 O O     . HOH N 4 .  ? -2.493  -2.540  10.589  1.00 25.38 ? 35  HOH B O     1 
HETATM 1294 O O     . HOH N 4 .  ? -7.916  -10.273 -2.814  1.00 32.61 ? 36  HOH B O     1 
HETATM 1295 O O     . HOH N 4 .  ? -8.506  -16.991 6.204   1.00 38.18 ? 37  HOH B O     1 
HETATM 1296 O O     . HOH N 4 .  ? -9.345  -14.770 2.940   1.00 43.19 ? 38  HOH B O     1 
HETATM 1297 O O     . HOH N 4 .  ? -12.468 1.617   1.824   1.00 29.78 ? 39  HOH B O     1 
HETATM 1298 O O     . HOH N 4 .  ? -3.792  -6.896  -10.248 1.00 43.34 ? 40  HOH B O     1 
HETATM 1299 O O     . HOH N 4 .  ? 0.558   -12.108 4.661   1.00 21.01 ? 41  HOH B O     1 
HETATM 1300 O O     . HOH N 4 .  ? -9.123  -7.891  -3.973  1.00 28.71 ? 42  HOH B O     1 
HETATM 1301 O O     . HOH N 4 .  ? -7.695  1.063   -4.863  1.00 26.96 ? 43  HOH B O     1 
HETATM 1302 O O     . HOH N 4 .  ? -13.071 6.955   -5.483  0.50 32.56 ? 44  HOH B O     1 
HETATM 1303 O O     . HOH N 4 .  ? -0.624  -8.710  -3.025  1.00 34.97 ? 45  HOH B O     1 
HETATM 1304 O O     . HOH N 4 .  ? 6.605   11.130  16.242  1.00 37.95 ? 46  HOH B O     1 
HETATM 1305 O O     . HOH N 4 .  ? -16.284 3.669   -17.620 1.00 45.09 ? 47  HOH B O     1 
HETATM 1306 O O     . HOH N 4 .  ? -0.370  -2.310  9.408   1.00 25.89 ? 48  HOH B O     1 
HETATM 1307 O O     . HOH N 4 .  ? -1.835  -4.523  -5.597  0.50 15.93 ? 49  HOH B O     1 
HETATM 1308 O O     . HOH N 4 .  ? -13.359 0.375   -0.662  1.00 23.03 ? 50  HOH B O     1 
HETATM 1309 O O     . HOH N 4 .  ? -10.653 -0.328  10.786  1.00 26.90 ? 51  HOH B O     1 
HETATM 1310 O O     . HOH N 4 .  ? -2.222  -10.980 5.654   1.00 25.21 ? 52  HOH B O     1 
HETATM 1311 O O     . HOH N 4 .  ? -11.612 4.114   -6.943  1.00 54.64 ? 53  HOH B O     1 
HETATM 1312 O O     . HOH N 4 .  ? -4.321  -10.273 9.726   1.00 14.62 ? 54  HOH B O     1 
HETATM 1313 O O     . HOH N 4 .  ? -7.882  4.897   4.247   1.00 31.47 ? 56  HOH B O     1 
HETATM 1314 O O     . HOH N 4 .  ? -10.951 3.006   4.101   1.00 56.47 ? 57  HOH B O     1 
HETATM 1315 O O     . HOH N 4 .  ? -13.017 0.602   9.255   1.00 24.45 ? 58  HOH B O     1 
HETATM 1316 O O     . HOH N 4 .  ? -6.043  -1.414  11.203  1.00 23.36 ? 59  HOH B O     1 
HETATM 1317 O O     . HOH N 4 .  ? -1.214  -0.401  -7.103  1.00 30.49 ? 60  HOH B O     1 
HETATM 1318 O O     . HOH N 4 .  ? -4.051  -18.455 2.148   1.00 30.64 ? 61  HOH B O     1 
HETATM 1319 O O     . HOH N 4 .  ? -15.200 -0.469  -9.818  0.50 19.49 ? 62  HOH B O     1 
HETATM 1320 O O     . HOH N 4 .  ? -12.205 -10.765 -1.476  1.00 39.33 ? 63  HOH B O     1 
HETATM 1321 O O     . HOH N 4 .  ? -9.223  -9.919  -6.373  1.00 57.61 ? 64  HOH B O     1 
HETATM 1322 O O     . HOH N 4 .  ? -8.019  -6.623  -6.223  1.00 27.64 ? 65  HOH B O     1 
HETATM 1323 O O     . HOH N 4 .  ? -6.861  -1.466  -9.296  1.00 31.20 ? 66  HOH B O     1 
HETATM 1324 O O     . HOH N 4 .  ? -14.832 -1.645  -0.288  1.00 21.94 ? 67  HOH B O     1 
HETATM 1325 O O     . HOH N 4 .  ? -7.278  5.895   1.229   0.50 22.94 ? 68  HOH B O     1 
HETATM 1326 O O     . HOH N 4 .  ? -0.257  -10.277 -0.557  1.00 34.37 ? 69  HOH B O     1 
HETATM 1327 O O     . HOH N 4 .  ? -1.381  -10.484 1.718   1.00 27.22 ? 70  HOH B O     1 
HETATM 1328 O O     . HOH N 4 .  ? -10.508 0.351   -8.038  1.00 33.26 ? 71  HOH B O     1 
HETATM 1329 O O     . HOH N 4 .  ? 0.545   -6.785  -3.837  1.00 38.29 ? 72  HOH B O     1 
HETATM 1330 O O     . HOH N 4 .  ? -8.994  -12.531 5.072   1.00 31.56 ? 73  HOH B O     1 
HETATM 1331 O O     . HOH N 4 .  ? -5.186  -8.844  12.255  1.00 34.64 ? 74  HOH B O     1 
HETATM 1332 O O     . HOH N 4 .  ? -16.833 -0.227  -4.429  1.00 35.24 ? 75  HOH B O     1 
HETATM 1333 O O     . HOH N 4 .  ? -6.696  -15.236 -2.947  1.00 37.93 ? 76  HOH B O     1 
HETATM 1334 O O     . HOH N 4 .  ? -6.037  15.738  -10.870 1.00 47.96 ? 77  HOH B O     1 
HETATM 1335 O O     . HOH N 4 .  ? -16.597 -9.698  -2.313  1.00 30.22 ? 78  HOH B O     1 
HETATM 1336 O O     . HOH N 4 .  ? -3.514  -3.723  -11.283 1.00 38.04 ? 79  HOH B O     1 
HETATM 1337 O O     . HOH N 4 .  ? -16.387 -6.413  -7.413  1.00 35.29 ? 80  HOH B O     1 
HETATM 1338 O O     . HOH N 4 .  ? -8.829  -11.880 -1.269  1.00 24.67 ? 81  HOH B O     1 
HETATM 1339 O O     . HOH N 4 .  ? -8.729  -1.421  14.350  1.00 27.98 ? 82  HOH B O     1 
HETATM 1340 O O     . HOH N 4 .  ? -1.157  -11.643 11.907  1.00 42.64 ? 83  HOH B O     1 
HETATM 1341 O O     . HOH N 4 .  ? -6.648  -8.154  16.287  1.00 37.69 ? 84  HOH B O     1 
HETATM 1342 O O     . HOH N 4 .  ? 5.332   -11.666 8.095   1.00 35.69 ? 85  HOH B O     1 
HETATM 1343 O O     . HOH N 4 .  ? -3.619  7.035   11.821  1.00 32.70 ? 86  HOH B O     1 
HETATM 1344 O O     . HOH N 4 .  ? -0.479  -4.374  15.877  1.00 35.28 ? 87  HOH B O     1 
HETATM 1345 O O     . HOH N 4 .  ? -3.442  0.351   12.643  1.00 39.39 ? 88  HOH B O     1 
HETATM 1346 O O     . HOH N 4 .  ? -1.019  -4.347  -8.588  1.00 42.45 ? 89  HOH B O     1 
HETATM 1347 O O     . HOH N 4 .  ? 0.676   -23.137 9.317   1.00 55.86 ? 90  HOH B O     1 
HETATM 1348 O O     . HOH N 4 .  ? -8.268  11.808  -1.441  1.00 40.85 ? 91  HOH B O     1 
HETATM 1349 O O     . HOH N 4 .  ? -18.226 -0.544  3.977   1.00 60.99 ? 92  HOH B O     1 
HETATM 1350 O O     . HOH N 4 .  ? -14.266 4.938   -0.686  1.00 44.80 ? 93  HOH B O     1 
HETATM 1351 O O     . HOH N 4 .  ? -9.178  -10.431 21.511  1.00 43.05 ? 94  HOH B O     1 
HETATM 1352 O O     . HOH N 4 .  ? -11.207 -12.125 -9.524  1.00 46.14 ? 95  HOH B O     1 
HETATM 1353 O O     . HOH N 4 .  ? -17.220 3.623   8.758   1.00 57.35 ? 96  HOH B O     1 
HETATM 1354 O O     . HOH N 4 .  ? -5.979  5.898   5.878   1.00 43.60 ? 97  HOH B O     1 
HETATM 1355 O O     . HOH N 4 .  ? -6.421  -0.300  15.103  1.00 27.07 ? 98  HOH B O     1 
HETATM 1356 O O     . HOH N 4 .  ? -4.552  -12.653 8.202   1.00 47.78 ? 99  HOH B O     1 
HETATM 1357 O O     . HOH N 4 .  ? -11.576 -12.762 -2.646  1.00 56.11 ? 100 HOH B O     1 
HETATM 1358 O O     . HOH N 4 .  ? -7.093  7.125   -11.858 1.00 42.54 ? 101 HOH B O     1 
HETATM 1359 O O     . HOH N 4 .  ? -4.631  -15.561 -4.620  1.00 54.11 ? 102 HOH B O     1 
HETATM 1360 O O     . HOH N 4 .  ? 3.495   7.640   21.847  1.00 41.06 ? 103 HOH B O     1 
HETATM 1361 O O     . HOH N 4 .  ? -4.876  -11.118 22.265  1.00 49.54 ? 104 HOH B O     1 
HETATM 1362 O O     . HOH N 4 .  ? 4.303   -6.709  9.150   1.00 52.37 ? 105 HOH B O     1 
HETATM 1363 O O     . HOH N 4 .  ? -3.118  -7.325  -12.562 1.00 43.36 ? 106 HOH B O     1 
HETATM 1364 O O     . HOH N 4 .  ? 1.567   -9.346  13.140  1.00 49.87 ? 107 HOH B O     1 
# 
loop_
_pdbx_poly_seq_scheme.asym_id 
_pdbx_poly_seq_scheme.entity_id 
_pdbx_poly_seq_scheme.seq_id 
_pdbx_poly_seq_scheme.mon_id 
_pdbx_poly_seq_scheme.ndb_seq_num 
_pdbx_poly_seq_scheme.pdb_seq_num 
_pdbx_poly_seq_scheme.auth_seq_num 
_pdbx_poly_seq_scheme.pdb_mon_id 
_pdbx_poly_seq_scheme.auth_mon_id 
_pdbx_poly_seq_scheme.pdb_strand_id 
_pdbx_poly_seq_scheme.pdb_ins_code 
_pdbx_poly_seq_scheme.hetero 
A 1 1  DT 1  1  ?  ?  ? A . n 
A 1 2  DA 2  2  2  DA A A . n 
A 1 3  DG 3  3  3  DG G A . n 
A 1 4  DG 4  4  4  DG G A . n 
A 1 5  DG 5  5  5  DG G A . n 
A 1 6  DT 6  6  6  DT T A . n 
A 1 7  DT 7  7  7  DT T A . n 
A 1 8  DA 8  8  8  DA A A . n 
A 1 9  DG 9  9  9  DG G A . n 
A 1 10 DG 10 10 10 DG G A . n 
A 1 11 DG 11 11 11 DG G A . n 
A 1 12 DT 12 12 12 DT T A . n 
A 1 13 DT 13 13 13 DT T A . n 
A 1 14 DA 14 14 14 DA A A . n 
A 1 15 DG 15 15 15 DG G A . n 
A 1 16 DG 16 16 16 DG G A . n 
A 1 17 DG 17 17 17 DG G A . n 
A 1 18 DT 18 18 18 DT T A . n 
A 1 19 DT 19 19 19 DT T A . n 
A 1 20 DA 20 20 20 DA A A . n 
A 1 21 DG 21 21 21 DG G A . n 
A 1 22 DG 22 22 22 DG G A . n 
A 1 23 DG 23 23 23 DG G A . n 
B 1 1  DT 1  1  1  DT T B . n 
B 1 2  DA 2  2  2  DA A B . n 
B 1 3  DG 3  3  3  DG G B . n 
B 1 4  DG 4  4  4  DG G B . n 
B 1 5  DG 5  5  5  DG G B . n 
B 1 6  DT 6  6  6  DT T B . n 
B 1 7  DT 7  7  7  DT T B . n 
B 1 8  DA 8  8  8  DA A B . n 
B 1 9  DG 9  9  9  DG G B . n 
B 1 10 DG 10 10 10 DG G B . n 
B 1 11 DG 11 11 11 DG G B . n 
B 1 12 DT 12 12 12 DT T B . n 
B 1 13 DT 13 13 13 DT T B . n 
B 1 14 DA 14 14 14 DA A B . n 
B 1 15 DG 15 15 15 DG G B . n 
B 1 16 DG 16 16 16 DG G B . n 
B 1 17 DG 17 17 17 DG G B . n 
B 1 18 DT 18 18 18 DT T B . n 
B 1 19 DT 19 19 19 DT T B . n 
B 1 20 DA 20 20 20 DA A B . n 
B 1 21 DG 21 21 21 DG G B . n 
B 1 22 DG 22 22 22 DG G B . n 
B 1 23 DG 23 23 23 DG G B . n 
# 
loop_
_pdbx_nonpoly_scheme.asym_id 
_pdbx_nonpoly_scheme.entity_id 
_pdbx_nonpoly_scheme.mon_id 
_pdbx_nonpoly_scheme.ndb_seq_num 
_pdbx_nonpoly_scheme.pdb_seq_num 
_pdbx_nonpoly_scheme.auth_seq_num 
_pdbx_nonpoly_scheme.pdb_mon_id 
_pdbx_nonpoly_scheme.auth_mon_id 
_pdbx_nonpoly_scheme.pdb_strand_id 
_pdbx_nonpoly_scheme.pdb_ins_code 
C 2 NII 1  26  1   NII P10 A . 
D 2 NII 1  27  2   NII P10 A . 
E 3 K   1  24  1   K   K   A . 
F 3 K   1  25  2   K   K   A . 
G 2 NII 1  26  3   NII P10 B . 
H 2 NII 1  27  4   NII P10 B . 
I 2 NII 1  28  5   NII P10 B . 
J 2 NII 1  29  6   NII P10 B . 
K 3 K   1  24  1   K   K   B . 
L 3 K   1  25  2   K   K   B . 
M 4 HOH 1  28  1   HOH HOH A . 
M 4 HOH 2  29  3   HOH HOH A . 
M 4 HOH 3  30  7   HOH HOH A . 
M 4 HOH 4  31  8   HOH HOH A . 
M 4 HOH 5  32  9   HOH HOH A . 
M 4 HOH 6  33  11  HOH HOH A . 
M 4 HOH 7  34  12  HOH HOH A . 
M 4 HOH 8  35  14  HOH HOH A . 
M 4 HOH 9  36  21  HOH HOH A . 
M 4 HOH 10 37  22  HOH HOH A . 
M 4 HOH 11 38  25  HOH HOH A . 
M 4 HOH 12 39  26  HOH HOH A . 
M 4 HOH 13 40  28  HOH HOH A . 
M 4 HOH 14 41  30  HOH HOH A . 
M 4 HOH 15 42  33  HOH HOH A . 
M 4 HOH 16 43  38  HOH HOH A . 
M 4 HOH 17 44  39  HOH HOH A . 
M 4 HOH 18 45  41  HOH HOH A . 
M 4 HOH 19 46  45  HOH HOH A . 
M 4 HOH 20 47  48  HOH HOH A . 
M 4 HOH 21 48  49  HOH HOH A . 
M 4 HOH 22 49  50  HOH HOH A . 
M 4 HOH 23 50  51  HOH HOH A . 
M 4 HOH 24 51  52  HOH HOH A . 
M 4 HOH 25 52  53  HOH HOH A . 
M 4 HOH 26 53  55  HOH HOH A . 
M 4 HOH 27 54  57  HOH HOH A . 
M 4 HOH 28 55  58  HOH HOH A . 
M 4 HOH 29 56  59  HOH HOH A . 
M 4 HOH 30 57  60  HOH HOH A . 
M 4 HOH 31 58  61  HOH HOH A . 
M 4 HOH 32 59  73  HOH HOH A . 
M 4 HOH 33 60  74  HOH HOH A . 
M 4 HOH 34 61  75  HOH HOH A . 
M 4 HOH 35 62  76  HOH HOH A . 
M 4 HOH 36 63  79  HOH HOH A . 
M 4 HOH 37 64  80  HOH HOH A . 
M 4 HOH 38 65  81  HOH HOH A . 
M 4 HOH 39 66  82  HOH HOH A . 
M 4 HOH 40 67  83  HOH HOH A . 
M 4 HOH 41 68  84  HOH HOH A . 
M 4 HOH 42 69  85  HOH HOH A . 
M 4 HOH 43 70  87  HOH HOH A . 
M 4 HOH 44 71  90  HOH HOH A . 
M 4 HOH 45 72  94  HOH HOH A . 
M 4 HOH 46 73  95  HOH HOH A . 
M 4 HOH 47 74  96  HOH HOH A . 
M 4 HOH 48 75  97  HOH HOH A . 
M 4 HOH 49 76  99  HOH HOH A . 
M 4 HOH 50 77  100 HOH HOH A . 
M 4 HOH 51 78  101 HOH HOH A . 
M 4 HOH 52 79  103 HOH HOH A . 
M 4 HOH 53 80  105 HOH HOH A . 
M 4 HOH 54 81  109 HOH HOH A . 
M 4 HOH 55 82  110 HOH HOH A . 
M 4 HOH 56 83  117 HOH HOH A . 
M 4 HOH 57 84  119 HOH HOH A . 
M 4 HOH 58 85  121 HOH HOH A . 
M 4 HOH 59 86  122 HOH HOH A . 
M 4 HOH 60 87  123 HOH HOH A . 
M 4 HOH 61 88  125 HOH HOH A . 
M 4 HOH 62 89  127 HOH HOH A . 
M 4 HOH 63 90  128 HOH HOH A . 
M 4 HOH 64 91  129 HOH HOH A . 
M 4 HOH 65 92  130 HOH HOH A . 
M 4 HOH 66 93  132 HOH HOH A . 
M 4 HOH 67 94  133 HOH HOH A . 
M 4 HOH 68 95  136 HOH HOH A . 
M 4 HOH 69 96  137 HOH HOH A . 
M 4 HOH 70 97  138 HOH HOH A . 
M 4 HOH 71 98  141 HOH HOH A . 
M 4 HOH 72 99  142 HOH HOH A . 
M 4 HOH 73 100 143 HOH HOH A . 
M 4 HOH 74 101 144 HOH HOH A . 
M 4 HOH 75 102 146 HOH HOH A . 
M 4 HOH 76 103 150 HOH HOH A . 
M 4 HOH 77 104 151 HOH HOH A . 
M 4 HOH 78 105 155 HOH HOH A . 
M 4 HOH 79 106 156 HOH HOH A . 
M 4 HOH 80 107 157 HOH HOH A . 
M 4 HOH 81 108 44  HOH HOH A . 
N 4 HOH 1  30  2   HOH HOH B . 
N 4 HOH 2  31  4   HOH HOH B . 
N 4 HOH 3  32  5   HOH HOH B . 
N 4 HOH 4  33  6   HOH HOH B . 
N 4 HOH 5  34  10  HOH HOH B . 
N 4 HOH 6  35  13  HOH HOH B . 
N 4 HOH 7  36  15  HOH HOH B . 
N 4 HOH 8  37  16  HOH HOH B . 
N 4 HOH 9  38  17  HOH HOH B . 
N 4 HOH 10 39  18  HOH HOH B . 
N 4 HOH 11 40  19  HOH HOH B . 
N 4 HOH 12 41  20  HOH HOH B . 
N 4 HOH 13 42  23  HOH HOH B . 
N 4 HOH 14 43  24  HOH HOH B . 
N 4 HOH 15 44  27  HOH HOH B . 
N 4 HOH 16 45  29  HOH HOH B . 
N 4 HOH 17 46  31  HOH HOH B . 
N 4 HOH 18 47  32  HOH HOH B . 
N 4 HOH 19 48  34  HOH HOH B . 
N 4 HOH 20 49  35  HOH HOH B . 
N 4 HOH 21 50  36  HOH HOH B . 
N 4 HOH 22 51  37  HOH HOH B . 
N 4 HOH 23 52  40  HOH HOH B . 
N 4 HOH 24 53  42  HOH HOH B . 
N 4 HOH 25 54  43  HOH HOH B . 
N 4 HOH 26 56  46  HOH HOH B . 
N 4 HOH 27 57  47  HOH HOH B . 
N 4 HOH 28 58  54  HOH HOH B . 
N 4 HOH 29 59  56  HOH HOH B . 
N 4 HOH 30 60  62  HOH HOH B . 
N 4 HOH 31 61  63  HOH HOH B . 
N 4 HOH 32 62  64  HOH HOH B . 
N 4 HOH 33 63  65  HOH HOH B . 
N 4 HOH 34 64  66  HOH HOH B . 
N 4 HOH 35 65  67  HOH HOH B . 
N 4 HOH 36 66  68  HOH HOH B . 
N 4 HOH 37 67  69  HOH HOH B . 
N 4 HOH 38 68  70  HOH HOH B . 
N 4 HOH 39 69  71  HOH HOH B . 
N 4 HOH 40 70  72  HOH HOH B . 
N 4 HOH 41 71  77  HOH HOH B . 
N 4 HOH 42 72  78  HOH HOH B . 
N 4 HOH 43 73  86  HOH HOH B . 
N 4 HOH 44 74  88  HOH HOH B . 
N 4 HOH 45 75  89  HOH HOH B . 
N 4 HOH 46 76  91  HOH HOH B . 
N 4 HOH 47 77  92  HOH HOH B . 
N 4 HOH 48 78  93  HOH HOH B . 
N 4 HOH 49 79  98  HOH HOH B . 
N 4 HOH 50 80  102 HOH HOH B . 
N 4 HOH 51 81  104 HOH HOH B . 
N 4 HOH 52 82  106 HOH HOH B . 
N 4 HOH 53 83  107 HOH HOH B . 
N 4 HOH 54 84  108 HOH HOH B . 
N 4 HOH 55 85  111 HOH HOH B . 
N 4 HOH 56 86  112 HOH HOH B . 
N 4 HOH 57 87  113 HOH HOH B . 
N 4 HOH 58 88  114 HOH HOH B . 
N 4 HOH 59 89  115 HOH HOH B . 
N 4 HOH 60 90  116 HOH HOH B . 
N 4 HOH 61 91  118 HOH HOH B . 
N 4 HOH 62 92  120 HOH HOH B . 
N 4 HOH 63 93  124 HOH HOH B . 
N 4 HOH 64 94  126 HOH HOH B . 
N 4 HOH 65 95  131 HOH HOH B . 
N 4 HOH 66 96  134 HOH HOH B . 
N 4 HOH 67 97  135 HOH HOH B . 
N 4 HOH 68 98  139 HOH HOH B . 
N 4 HOH 69 99  140 HOH HOH B . 
N 4 HOH 70 100 145 HOH HOH B . 
N 4 HOH 71 101 147 HOH HOH B . 
N 4 HOH 72 102 148 HOH HOH B . 
N 4 HOH 73 103 149 HOH HOH B . 
N 4 HOH 74 104 152 HOH HOH B . 
N 4 HOH 75 105 153 HOH HOH B . 
N 4 HOH 76 106 154 HOH HOH B . 
N 4 HOH 77 107 158 HOH HOH B . 
# 
_struct_site_keywords.site_id   1 
_struct_site_keywords.text      INTERCALATION 
# 
loop_
_pdbx_struct_assembly.id 
_pdbx_struct_assembly.details 
_pdbx_struct_assembly.method_details 
_pdbx_struct_assembly.oligomeric_details 
_pdbx_struct_assembly.oligomeric_count 
1 author_and_software_defined_assembly PISA monomeric 1 
2 author_and_software_defined_assembly PISA monomeric 1 
# 
loop_
_pdbx_struct_assembly_gen.assembly_id 
_pdbx_struct_assembly_gen.oper_expression 
_pdbx_struct_assembly_gen.asym_id_list 
1 1 A,C,D,E,F,M     
2 1 B,G,H,I,J,K,L,N 
# 
_pdbx_struct_oper_list.id                   1 
_pdbx_struct_oper_list.type                 'identity operation' 
_pdbx_struct_oper_list.name                 1_555 
_pdbx_struct_oper_list.symmetry_operation   x,y,z 
_pdbx_struct_oper_list.matrix[1][1]         1.0000000000 
_pdbx_struct_oper_list.matrix[1][2]         0.0000000000 
_pdbx_struct_oper_list.matrix[1][3]         0.0000000000 
_pdbx_struct_oper_list.vector[1]            0.0000000000 
_pdbx_struct_oper_list.matrix[2][1]         0.0000000000 
_pdbx_struct_oper_list.matrix[2][2]         1.0000000000 
_pdbx_struct_oper_list.matrix[2][3]         0.0000000000 
_pdbx_struct_oper_list.vector[2]            0.0000000000 
_pdbx_struct_oper_list.matrix[3][1]         0.0000000000 
_pdbx_struct_oper_list.matrix[3][2]         0.0000000000 
_pdbx_struct_oper_list.matrix[3][3]         1.0000000000 
_pdbx_struct_oper_list.vector[3]            0.0000000000 
# 
loop_
_pdbx_struct_conn_angle.id 
_pdbx_struct_conn_angle.ptnr1_label_atom_id 
_pdbx_struct_conn_angle.ptnr1_label_alt_id 
_pdbx_struct_conn_angle.ptnr1_label_asym_id 
_pdbx_struct_conn_angle.ptnr1_label_comp_id 
_pdbx_struct_conn_angle.ptnr1_label_seq_id 
_pdbx_struct_conn_angle.ptnr1_auth_atom_id 
_pdbx_struct_conn_angle.ptnr1_auth_asym_id 
_pdbx_struct_conn_angle.ptnr1_auth_comp_id 
_pdbx_struct_conn_angle.ptnr1_auth_seq_id 
_pdbx_struct_conn_angle.ptnr1_PDB_ins_code 
_pdbx_struct_conn_angle.ptnr1_symmetry 
_pdbx_struct_conn_angle.ptnr2_label_atom_id 
_pdbx_struct_conn_angle.ptnr2_label_alt_id 
_pdbx_struct_conn_angle.ptnr2_label_asym_id 
_pdbx_struct_conn_angle.ptnr2_label_comp_id 
_pdbx_struct_conn_angle.ptnr2_label_seq_id 
_pdbx_struct_conn_angle.ptnr2_auth_atom_id 
_pdbx_struct_conn_angle.ptnr2_auth_asym_id 
_pdbx_struct_conn_angle.ptnr2_auth_comp_id 
_pdbx_struct_conn_angle.ptnr2_auth_seq_id 
_pdbx_struct_conn_angle.ptnr2_PDB_ins_code 
_pdbx_struct_conn_angle.ptnr2_symmetry 
_pdbx_struct_conn_angle.ptnr3_label_atom_id 
_pdbx_struct_conn_angle.ptnr3_label_alt_id 
_pdbx_struct_conn_angle.ptnr3_label_asym_id 
_pdbx_struct_conn_angle.ptnr3_label_comp_id 
_pdbx_struct_conn_angle.ptnr3_label_seq_id 
_pdbx_struct_conn_angle.ptnr3_auth_atom_id 
_pdbx_struct_conn_angle.ptnr3_auth_asym_id 
_pdbx_struct_conn_angle.ptnr3_auth_comp_id 
_pdbx_struct_conn_angle.ptnr3_auth_seq_id 
_pdbx_struct_conn_angle.ptnr3_PDB_ins_code 
_pdbx_struct_conn_angle.ptnr3_symmetry 
_pdbx_struct_conn_angle.value 
_pdbx_struct_conn_angle.value_esd 
1  O6 ? A DG 3  ? A DG 3  ? 1_555 K ? F K . ? A K 25 ? 1_555 O6 ? A DG 4  ? A DG 4  ? 1_555 76.2  ? 
2  O6 ? A DG 3  ? A DG 3  ? 1_555 K ? F K . ? A K 25 ? 1_555 O6 ? A DG 9  ? A DG 9  ? 1_555 73.5  ? 
3  O6 ? A DG 4  ? A DG 4  ? 1_555 K ? F K . ? A K 25 ? 1_555 O6 ? A DG 9  ? A DG 9  ? 1_555 85.9  ? 
4  O6 ? A DG 3  ? A DG 3  ? 1_555 K ? F K . ? A K 25 ? 1_555 O6 ? A DG 10 ? A DG 10 ? 1_555 135.4 ? 
5  O6 ? A DG 4  ? A DG 4  ? 1_555 K ? F K . ? A K 25 ? 1_555 O6 ? A DG 10 ? A DG 10 ? 1_555 69.5  ? 
6  O6 ? A DG 9  ? A DG 9  ? 1_555 K ? F K . ? A K 25 ? 1_555 O6 ? A DG 10 ? A DG 10 ? 1_555 76.4  ? 
7  O6 ? A DG 3  ? A DG 3  ? 1_555 K ? F K . ? A K 25 ? 1_555 O6 ? A DG 15 ? A DG 15 ? 1_555 119.5 ? 
8  O6 ? A DG 4  ? A DG 4  ? 1_555 K ? F K . ? A K 25 ? 1_555 O6 ? A DG 15 ? A DG 15 ? 1_555 152.4 ? 
9  O6 ? A DG 9  ? A DG 9  ? 1_555 K ? F K . ? A K 25 ? 1_555 O6 ? A DG 15 ? A DG 15 ? 1_555 78.2  ? 
10 O6 ? A DG 10 ? A DG 10 ? 1_555 K ? F K . ? A K 25 ? 1_555 O6 ? A DG 15 ? A DG 15 ? 1_555 84.9  ? 
11 O6 ? A DG 3  ? A DG 3  ? 1_555 K ? F K . ? A K 25 ? 1_555 O6 ? A DG 16 ? A DG 16 ? 1_555 151.4 ? 
12 O6 ? A DG 4  ? A DG 4  ? 1_555 K ? F K . ? A K 25 ? 1_555 O6 ? A DG 16 ? A DG 16 ? 1_555 102.1 ? 
13 O6 ? A DG 9  ? A DG 9  ? 1_555 K ? F K . ? A K 25 ? 1_555 O6 ? A DG 16 ? A DG 16 ? 1_555 135.1 ? 
14 O6 ? A DG 10 ? A DG 10 ? 1_555 K ? F K . ? A K 25 ? 1_555 O6 ? A DG 16 ? A DG 16 ? 1_555 65.9  ? 
15 O6 ? A DG 15 ? A DG 15 ? 1_555 K ? F K . ? A K 25 ? 1_555 O6 ? A DG 16 ? A DG 16 ? 1_555 75.1  ? 
16 O6 ? A DG 3  ? A DG 3  ? 1_555 K ? F K . ? A K 25 ? 1_555 O6 ? A DG 21 ? A DG 21 ? 1_555 73.4  ? 
17 O6 ? A DG 4  ? A DG 4  ? 1_555 K ? F K . ? A K 25 ? 1_555 O6 ? A DG 21 ? A DG 21 ? 1_555 130.2 ? 
18 O6 ? A DG 9  ? A DG 9  ? 1_555 K ? F K . ? A K 25 ? 1_555 O6 ? A DG 21 ? A DG 21 ? 1_555 120.7 ? 
19 O6 ? A DG 10 ? A DG 10 ? 1_555 K ? F K . ? A K 25 ? 1_555 O6 ? A DG 21 ? A DG 21 ? 1_555 151.2 ? 
20 O6 ? A DG 15 ? A DG 15 ? 1_555 K ? F K . ? A K 25 ? 1_555 O6 ? A DG 21 ? A DG 21 ? 1_555 77.3  ? 
21 O6 ? A DG 16 ? A DG 16 ? 1_555 K ? F K . ? A K 25 ? 1_555 O6 ? A DG 21 ? A DG 21 ? 1_555 87.5  ? 
22 O6 ? A DG 3  ? A DG 3  ? 1_555 K ? F K . ? A K 25 ? 1_555 O6 ? A DG 22 ? A DG 22 ? 1_555 85.8  ? 
23 O6 ? A DG 4  ? A DG 4  ? 1_555 K ? F K . ? A K 25 ? 1_555 O6 ? A DG 22 ? A DG 22 ? 1_555 65.3  ? 
24 O6 ? A DG 9  ? A DG 9  ? 1_555 K ? F K . ? A K 25 ? 1_555 O6 ? A DG 22 ? A DG 22 ? 1_555 148.0 ? 
25 O6 ? A DG 10 ? A DG 10 ? 1_555 K ? F K . ? A K 25 ? 1_555 O6 ? A DG 22 ? A DG 22 ? 1_555 104.0 ? 
26 O6 ? A DG 15 ? A DG 15 ? 1_555 K ? F K . ? A K 25 ? 1_555 O6 ? A DG 22 ? A DG 22 ? 1_555 133.7 ? 
27 O6 ? A DG 16 ? A DG 16 ? 1_555 K ? F K . ? A K 25 ? 1_555 O6 ? A DG 22 ? A DG 22 ? 1_555 68.2  ? 
28 O6 ? A DG 21 ? A DG 21 ? 1_555 K ? F K . ? A K 25 ? 1_555 O6 ? A DG 22 ? A DG 22 ? 1_555 74.0  ? 
29 O6 ? A DG 4  ? A DG 4  ? 1_555 K ? E K . ? A K 24 ? 1_555 O6 ? A DG 5  ? A DG 5  ? 1_555 69.5  ? 
30 O6 ? A DG 4  ? A DG 4  ? 1_555 K ? E K . ? A K 24 ? 1_555 O6 ? A DG 10 ? A DG 10 ? 1_555 70.9  ? 
31 O6 ? A DG 5  ? A DG 5  ? 1_555 K ? E K . ? A K 24 ? 1_555 O6 ? A DG 10 ? A DG 10 ? 1_555 92.1  ? 
32 O6 ? A DG 4  ? A DG 4  ? 1_555 K ? E K . ? A K 24 ? 1_555 O6 ? A DG 11 ? A DG 11 ? 1_555 126.2 ? 
33 O6 ? A DG 5  ? A DG 5  ? 1_555 K ? E K . ? A K 24 ? 1_555 O6 ? A DG 11 ? A DG 11 ? 1_555 74.5  ? 
34 O6 ? A DG 10 ? A DG 10 ? 1_555 K ? E K . ? A K 24 ? 1_555 O6 ? A DG 11 ? A DG 11 ? 1_555 71.9  ? 
35 O6 ? A DG 4  ? A DG 4  ? 1_555 K ? E K . ? A K 24 ? 1_555 O6 ? A DG 16 ? A DG 16 ? 1_555 106.3 ? 
36 O6 ? A DG 5  ? A DG 5  ? 1_555 K ? E K . ? A K 24 ? 1_555 O6 ? A DG 16 ? A DG 16 ? 1_555 158.9 ? 
37 O6 ? A DG 10 ? A DG 10 ? 1_555 K ? E K . ? A K 24 ? 1_555 O6 ? A DG 16 ? A DG 16 ? 1_555 67.4  ? 
38 O6 ? A DG 11 ? A DG 11 ? 1_555 K ? E K . ? A K 24 ? 1_555 O6 ? A DG 16 ? A DG 16 ? 1_555 93.4  ? 
39 O6 ? A DG 4  ? A DG 4  ? 1_555 K ? E K . ? A K 24 ? 1_555 O6 ? A DG 17 ? A DG 17 ? 1_555 157.1 ? 
40 O6 ? A DG 5  ? A DG 5  ? 1_555 K ? E K . ? A K 24 ? 1_555 O6 ? A DG 17 ? A DG 17 ? 1_555 124.4 ? 
41 O6 ? A DG 10 ? A DG 10 ? 1_555 K ? E K . ? A K 24 ? 1_555 O6 ? A DG 17 ? A DG 17 ? 1_555 122.0 ? 
42 O6 ? A DG 11 ? A DG 11 ? 1_555 K ? E K . ? A K 24 ? 1_555 O6 ? A DG 17 ? A DG 17 ? 1_555 76.7  ? 
43 O6 ? A DG 16 ? A DG 16 ? 1_555 K ? E K . ? A K 24 ? 1_555 O6 ? A DG 17 ? A DG 17 ? 1_555 67.3  ? 
44 O6 ? A DG 4  ? A DG 4  ? 1_555 K ? E K . ? A K 24 ? 1_555 O6 ? A DG 22 ? A DG 22 ? 1_555 66.5  ? 
45 O6 ? A DG 5  ? A DG 5  ? 1_555 K ? E K . ? A K 24 ? 1_555 O6 ? A DG 22 ? A DG 22 ? 1_555 123.3 ? 
46 O6 ? A DG 10 ? A DG 10 ? 1_555 K ? E K . ? A K 24 ? 1_555 O6 ? A DG 22 ? A DG 22 ? 1_555 105.2 ? 
47 O6 ? A DG 11 ? A DG 11 ? 1_555 K ? E K . ? A K 24 ? 1_555 O6 ? A DG 22 ? A DG 22 ? 1_555 162.1 ? 
48 O6 ? A DG 16 ? A DG 16 ? 1_555 K ? E K . ? A K 24 ? 1_555 O6 ? A DG 22 ? A DG 22 ? 1_555 69.7  ? 
49 O6 ? A DG 17 ? A DG 17 ? 1_555 K ? E K . ? A K 24 ? 1_555 O6 ? A DG 22 ? A DG 22 ? 1_555 90.9  ? 
50 O6 ? A DG 4  ? A DG 4  ? 1_555 K ? E K . ? A K 24 ? 1_555 O6 ? A DG 23 ? A DG 23 ? 1_555 90.2  ? 
51 O6 ? A DG 5  ? A DG 5  ? 1_555 K ? E K . ? A K 24 ? 1_555 O6 ? A DG 23 ? A DG 23 ? 1_555 73.6  ? 
52 O6 ? A DG 10 ? A DG 10 ? 1_555 K ? E K . ? A K 24 ? 1_555 O6 ? A DG 23 ? A DG 23 ? 1_555 159.6 ? 
53 O6 ? A DG 11 ? A DG 11 ? 1_555 K ? E K . ? A K 24 ? 1_555 O6 ? A DG 23 ? A DG 23 ? 1_555 116.4 ? 
54 O6 ? A DG 16 ? A DG 16 ? 1_555 K ? E K . ? A K 24 ? 1_555 O6 ? A DG 23 ? A DG 23 ? 1_555 127.5 ? 
55 O6 ? A DG 17 ? A DG 17 ? 1_555 K ? E K . ? A K 24 ? 1_555 O6 ? A DG 23 ? A DG 23 ? 1_555 78.3  ? 
56 O6 ? A DG 22 ? A DG 22 ? 1_555 K ? E K . ? A K 24 ? 1_555 O6 ? A DG 23 ? A DG 23 ? 1_555 72.6  ? 
57 O6 ? B DG 3  ? B DG 3  ? 1_555 K ? L K . ? B K 25 ? 1_555 O6 ? B DG 4  ? B DG 4  ? 1_555 75.6  ? 
58 O6 ? B DG 3  ? B DG 3  ? 1_555 K ? L K . ? B K 25 ? 1_555 O6 ? B DG 9  ? B DG 9  ? 1_555 79.4  ? 
59 O6 ? B DG 4  ? B DG 4  ? 1_555 K ? L K . ? B K 25 ? 1_555 O6 ? B DG 9  ? B DG 9  ? 1_555 91.3  ? 
60 O6 ? B DG 3  ? B DG 3  ? 1_555 K ? L K . ? B K 25 ? 1_555 O6 ? B DG 10 ? B DG 10 ? 1_555 136.3 ? 
61 O6 ? B DG 4  ? B DG 4  ? 1_555 K ? L K . ? B K 25 ? 1_555 O6 ? B DG 10 ? B DG 10 ? 1_555 70.6  ? 
62 O6 ? B DG 9  ? B DG 9  ? 1_555 K ? L K . ? B K 25 ? 1_555 O6 ? B DG 10 ? B DG 10 ? 1_555 74.7  ? 
63 O6 ? B DG 3  ? B DG 3  ? 1_555 K ? L K . ? B K 25 ? 1_555 O6 ? B DG 15 ? B DG 15 ? 1_555 116.4 ? 
64 O6 ? B DG 4  ? B DG 4  ? 1_555 K ? L K . ? B K 25 ? 1_555 O6 ? B DG 15 ? B DG 15 ? 1_555 157.5 ? 
65 O6 ? B DG 9  ? B DG 9  ? 1_555 K ? L K . ? B K 25 ? 1_555 O6 ? B DG 15 ? B DG 15 ? 1_555 73.6  ? 
66 O6 ? B DG 10 ? B DG 10 ? 1_555 K ? L K . ? B K 25 ? 1_555 O6 ? B DG 15 ? B DG 15 ? 1_555 89.1  ? 
67 O6 ? B DG 3  ? B DG 3  ? 1_555 K ? L K . ? B K 25 ? 1_555 O6 ? B DG 16 ? B DG 16 ? 1_555 150.5 ? 
68 O6 ? B DG 4  ? B DG 4  ? 1_555 K ? L K . ? B K 25 ? 1_555 O6 ? B DG 16 ? B DG 16 ? 1_555 107.3 ? 
69 O6 ? B DG 9  ? B DG 9  ? 1_555 K ? L K . ? B K 25 ? 1_555 O6 ? B DG 16 ? B DG 16 ? 1_555 129.0 ? 
70 O6 ? B DG 10 ? B DG 10 ? 1_555 K ? L K . ? B K 25 ? 1_555 O6 ? B DG 16 ? B DG 16 ? 1_555 68.3  ? 
71 O6 ? B DG 15 ? B DG 15 ? 1_555 K ? L K . ? B K 25 ? 1_555 O6 ? B DG 16 ? B DG 16 ? 1_555 72.1  ? 
72 O6 ? B DG 3  ? B DG 3  ? 1_555 K ? L K . ? B K 25 ? 1_555 O6 ? B DG 21 ? B DG 21 ? 1_555 69.3  ? 
73 O6 ? B DG 4  ? B DG 4  ? 1_555 K ? L K . ? B K 25 ? 1_555 O6 ? B DG 21 ? B DG 21 ? 1_555 128.3 ? 
74 O6 ? B DG 9  ? B DG 9  ? 1_555 K ? L K . ? B K 25 ? 1_555 O6 ? B DG 21 ? B DG 21 ? 1_555 117.0 ? 
75 O6 ? B DG 10 ? B DG 10 ? 1_555 K ? L K . ? B K 25 ? 1_555 O6 ? B DG 21 ? B DG 21 ? 1_555 154.4 ? 
76 O6 ? B DG 15 ? B DG 15 ? 1_555 K ? L K . ? B K 25 ? 1_555 O6 ? B DG 21 ? B DG 21 ? 1_555 74.0  ? 
77 O6 ? B DG 16 ? B DG 16 ? 1_555 K ? L K . ? B K 25 ? 1_555 O6 ? B DG 21 ? B DG 21 ? 1_555 87.9  ? 
78 O6 ? B DG 5  ? B DG 5  ? 1_555 K ? K K . ? B K 24 ? 1_555 O6 ? B DG 11 ? B DG 11 ? 1_555 76.9  ? 
79 O6 ? B DG 5  ? B DG 5  ? 1_555 K ? K K . ? B K 24 ? 1_555 O6 ? B DG 17 ? B DG 17 ? 1_555 124.7 ? 
80 O6 ? B DG 11 ? B DG 11 ? 1_555 K ? K K . ? B K 24 ? 1_555 O6 ? B DG 17 ? B DG 17 ? 1_555 77.6  ? 
81 O6 ? B DG 5  ? B DG 5  ? 1_555 K ? K K . ? B K 24 ? 1_555 O6 ? B DG 23 ? B DG 23 ? 1_555 80.4  ? 
82 O6 ? B DG 11 ? B DG 11 ? 1_555 K ? K K . ? B K 24 ? 1_555 O6 ? B DG 23 ? B DG 23 ? 1_555 125.0 ? 
83 O6 ? B DG 17 ? B DG 17 ? 1_555 K ? K K . ? B K 24 ? 1_555 O6 ? B DG 23 ? B DG 23 ? 1_555 75.5  ? 
# 
loop_
_pdbx_audit_revision_history.ordinal 
_pdbx_audit_revision_history.data_content_type 
_pdbx_audit_revision_history.major_revision 
_pdbx_audit_revision_history.minor_revision 
_pdbx_audit_revision_history.revision_date 
1 'Structure model' 1 0 2008-09-23 
2 'Structure model' 1 1 2011-07-13 
3 'Structure model' 1 2 2023-11-01 
# 
_pdbx_audit_revision_details.ordinal             1 
_pdbx_audit_revision_details.revision_ordinal    1 
_pdbx_audit_revision_details.data_content_type   'Structure model' 
_pdbx_audit_revision_details.provider            repository 
_pdbx_audit_revision_details.type                'Initial release' 
_pdbx_audit_revision_details.description         ? 
_pdbx_audit_revision_details.details             ? 
# 
loop_
_pdbx_audit_revision_group.ordinal 
_pdbx_audit_revision_group.revision_ordinal 
_pdbx_audit_revision_group.data_content_type 
_pdbx_audit_revision_group.group 
1 2 'Structure model' 'Version format compliance' 
2 3 'Structure model' 'Data collection'           
3 3 'Structure model' 'Database references'       
4 3 'Structure model' 'Derived calculations'      
5 3 'Structure model' 'Refinement description'    
# 
loop_
_pdbx_audit_revision_category.ordinal 
_pdbx_audit_revision_category.revision_ordinal 
_pdbx_audit_revision_category.data_content_type 
_pdbx_audit_revision_category.category 
1 3 'Structure model' chem_comp_atom                
2 3 'Structure model' chem_comp_bond                
3 3 'Structure model' database_2                    
4 3 'Structure model' pdbx_initial_refinement_model 
5 3 'Structure model' struct_conn                   
6 3 'Structure model' struct_site                   
# 
loop_
_pdbx_audit_revision_item.ordinal 
_pdbx_audit_revision_item.revision_ordinal 
_pdbx_audit_revision_item.data_content_type 
_pdbx_audit_revision_item.item 
1 3 'Structure model' '_database_2.pdbx_DOI'                
2 3 'Structure model' '_database_2.pdbx_database_accession' 
3 3 'Structure model' '_struct_conn.pdbx_dist_value'        
4 3 'Structure model' '_struct_conn.ptnr2_auth_seq_id'      
5 3 'Structure model' '_struct_conn.ptnr2_label_asym_id'    
6 3 'Structure model' '_struct_site.pdbx_auth_asym_id'      
7 3 'Structure model' '_struct_site.pdbx_auth_comp_id'      
8 3 'Structure model' '_struct_site.pdbx_auth_seq_id'       
# 
loop_
_software.name 
_software.classification 
_software.version 
_software.citation_id 
_software.pdbx_ordinal 
REFMAC refinement        5.2.0019 ? 1 
ADSC   'data collection' Quantum  ? 2 
d*TREK 'data reduction'  .        ? 3 
d*TREK 'data scaling'    .        ? 4 
PHASER phasing           .        ? 5 
# 
_pdbx_validate_close_contact.id               1 
_pdbx_validate_close_contact.PDB_model_num    1 
_pdbx_validate_close_contact.auth_atom_id_1   O 
_pdbx_validate_close_contact.auth_asym_id_1   A 
_pdbx_validate_close_contact.auth_comp_id_1   HOH 
_pdbx_validate_close_contact.auth_seq_id_1    36 
_pdbx_validate_close_contact.PDB_ins_code_1   ? 
_pdbx_validate_close_contact.label_alt_id_1   ? 
_pdbx_validate_close_contact.auth_atom_id_2   O 
_pdbx_validate_close_contact.auth_asym_id_2   A 
_pdbx_validate_close_contact.auth_comp_id_2   HOH 
_pdbx_validate_close_contact.auth_seq_id_2    56 
_pdbx_validate_close_contact.PDB_ins_code_2   ? 
_pdbx_validate_close_contact.label_alt_id_2   ? 
_pdbx_validate_close_contact.dist             2.15 
# 
loop_
_pdbx_validate_rmsd_bond.id 
_pdbx_validate_rmsd_bond.PDB_model_num 
_pdbx_validate_rmsd_bond.auth_atom_id_1 
_pdbx_validate_rmsd_bond.auth_asym_id_1 
_pdbx_validate_rmsd_bond.auth_comp_id_1 
_pdbx_validate_rmsd_bond.auth_seq_id_1 
_pdbx_validate_rmsd_bond.PDB_ins_code_1 
_pdbx_validate_rmsd_bond.label_alt_id_1 
_pdbx_validate_rmsd_bond.auth_atom_id_2 
_pdbx_validate_rmsd_bond.auth_asym_id_2 
_pdbx_validate_rmsd_bond.auth_comp_id_2 
_pdbx_validate_rmsd_bond.auth_seq_id_2 
_pdbx_validate_rmsd_bond.PDB_ins_code_2 
_pdbx_validate_rmsd_bond.label_alt_id_2 
_pdbx_validate_rmsd_bond.bond_value 
_pdbx_validate_rmsd_bond.bond_target_value 
_pdbx_validate_rmsd_bond.bond_deviation 
_pdbx_validate_rmsd_bond.bond_standard_deviation 
_pdbx_validate_rmsd_bond.linker_flag 
1 1 C6    A DG 10 ? ? N1    A DG 10 ? ? 1.332 1.391 -0.059 0.007 N 
2 1 C6    A DG 10 ? ? O6    A DG 10 ? ? 1.167 1.237 -0.070 0.009 N 
3 1 C5    A DG 23 ? ? N7    A DG 23 ? ? 1.432 1.388 0.044  0.006 N 
4 1 "O3'" B DA 8  ? ? "C3'" B DA 8  ? ? 1.532 1.435 0.097  0.013 N 
5 1 C6    B DG 10 ? ? N1    B DG 10 ? ? 1.452 1.391 0.061  0.007 N 
# 
loop_
_pdbx_validate_rmsd_angle.id 
_pdbx_validate_rmsd_angle.PDB_model_num 
_pdbx_validate_rmsd_angle.auth_atom_id_1 
_pdbx_validate_rmsd_angle.auth_asym_id_1 
_pdbx_validate_rmsd_angle.auth_comp_id_1 
_pdbx_validate_rmsd_angle.auth_seq_id_1 
_pdbx_validate_rmsd_angle.PDB_ins_code_1 
_pdbx_validate_rmsd_angle.label_alt_id_1 
_pdbx_validate_rmsd_angle.auth_atom_id_2 
_pdbx_validate_rmsd_angle.auth_asym_id_2 
_pdbx_validate_rmsd_angle.auth_comp_id_2 
_pdbx_validate_rmsd_angle.auth_seq_id_2 
_pdbx_validate_rmsd_angle.PDB_ins_code_2 
_pdbx_validate_rmsd_angle.label_alt_id_2 
_pdbx_validate_rmsd_angle.auth_atom_id_3 
_pdbx_validate_rmsd_angle.auth_asym_id_3 
_pdbx_validate_rmsd_angle.auth_comp_id_3 
_pdbx_validate_rmsd_angle.auth_seq_id_3 
_pdbx_validate_rmsd_angle.PDB_ins_code_3 
_pdbx_validate_rmsd_angle.label_alt_id_3 
_pdbx_validate_rmsd_angle.angle_value 
_pdbx_validate_rmsd_angle.angle_target_value 
_pdbx_validate_rmsd_angle.angle_deviation 
_pdbx_validate_rmsd_angle.angle_standard_deviation 
_pdbx_validate_rmsd_angle.linker_flag 
1  1 "O4'" A DA 2  ? ? "C4'" A DA 2  ? ? "C3'" A DA 2  ? ? 100.10 104.50 -4.40  0.40 N 
2  1 "O4'" A DA 2  ? ? "C1'" A DA 2  ? ? N9    A DA 2  ? ? 110.37 108.30 2.07   0.30 N 
3  1 "O5'" A DG 3  ? ? "C5'" A DG 3  ? ? "C4'" A DG 3  ? ? 99.15  109.40 -10.25 0.80 N 
4  1 "O4'" A DG 3  ? ? "C1'" A DG 3  ? ? N9    A DG 3  ? ? 103.75 108.00 -4.25  0.70 N 
5  1 N3    A DG 3  ? ? C2    A DG 3  ? ? N2    A DG 3  ? ? 115.36 119.90 -4.54  0.70 N 
6  1 C4    A DG 4  ? ? C5    A DG 4  ? ? C6    A DG 4  ? ? 114.43 118.80 -4.37  0.60 N 
7  1 C5    A DG 4  ? ? C6    A DG 4  ? ? N1    A DG 4  ? ? 115.30 111.50 3.80   0.50 N 
8  1 N9    A DG 4  ? ? C4    A DG 4  ? ? C5    A DG 4  ? ? 102.74 105.40 -2.66  0.40 N 
9  1 N1    A DG 4  ? ? C6    A DG 4  ? ? O6    A DG 4  ? ? 115.96 119.90 -3.94  0.60 N 
10 1 "O4'" A DT 6  ? ? "C1'" A DT 6  ? ? N1    A DT 6  ? ? 113.20 108.30 4.90   0.30 N 
11 1 C4    A DT 7  ? ? C5    A DT 7  ? ? C7    A DT 7  ? ? 123.09 119.00 4.09   0.60 N 
12 1 "O4'" A DG 9  ? ? "C1'" A DG 9  ? ? N9    A DG 9  ? ? 111.20 108.30 2.90   0.30 N 
13 1 C2    A DG 9  ? ? N3    A DG 9  ? ? C4    A DG 9  ? ? 115.47 111.90 3.57   0.50 N 
14 1 N3    A DG 9  ? ? C4    A DG 9  ? ? C5    A DG 9  ? ? 125.18 128.60 -3.42  0.50 N 
15 1 N1    A DG 9  ? ? C2    A DG 9  ? ? N2    A DG 9  ? ? 122.44 116.20 6.24   0.90 N 
16 1 N3    A DG 9  ? ? C2    A DG 9  ? ? N2    A DG 9  ? ? 114.29 119.90 -5.61  0.70 N 
17 1 N1    A DG 9  ? ? C6    A DG 9  ? ? O6    A DG 9  ? ? 126.52 119.90 6.62   0.60 N 
18 1 C5    A DG 9  ? ? C6    A DG 9  ? ? O6    A DG 9  ? ? 119.98 128.60 -8.62  0.60 N 
19 1 "O4'" A DG 10 ? ? "C1'" A DG 10 ? ? N9    A DG 10 ? ? 103.71 108.00 -4.29  0.70 N 
20 1 C5    A DG 10 ? ? C6    A DG 10 ? ? N1    A DG 10 ? ? 114.59 111.50 3.09   0.50 N 
21 1 C5    A DG 10 ? ? C6    A DG 10 ? ? O6    A DG 10 ? ? 124.30 128.60 -4.30  0.60 N 
22 1 C5    A DG 11 ? ? C6    A DG 11 ? ? O6    A DG 11 ? ? 124.40 128.60 -4.20  0.60 N 
23 1 "O4'" A DT 12 ? ? "C1'" A DT 12 ? ? N1    A DT 12 ? ? 110.19 108.30 1.89   0.30 N 
24 1 N1    A DT 12 ? ? C2    A DT 12 ? ? O2    A DT 12 ? ? 118.08 123.10 -5.02  0.80 N 
25 1 C6    A DT 12 ? ? C5    A DT 12 ? ? C7    A DT 12 ? ? 117.18 122.90 -5.72  0.60 N 
26 1 C4    A DT 13 ? ? C5    A DT 13 ? ? C7    A DT 13 ? ? 124.19 119.00 5.19   0.60 N 
27 1 C6    A DT 13 ? ? C5    A DT 13 ? ? C7    A DT 13 ? ? 117.90 122.90 -5.00  0.60 N 
28 1 N1    A DA 14 ? ? C2    A DA 14 ? ? N3    A DA 14 ? ? 124.86 129.30 -4.44  0.50 N 
29 1 C4    A DA 14 ? ? C5    A DA 14 ? ? C6    A DA 14 ? ? 113.79 117.00 -3.21  0.50 N 
30 1 C8    A DA 14 ? ? N9    A DA 14 ? ? C4    A DA 14 ? ? 108.22 105.80 2.42   0.40 N 
31 1 "O5'" A DG 15 ? ? "C5'" A DG 15 ? ? "C4'" A DG 15 ? ? 101.25 109.40 -8.15  0.80 N 
32 1 C4    A DG 15 ? ? C5    A DG 15 ? ? N7    A DG 15 ? ? 114.16 110.80 3.36   0.40 N 
33 1 N9    A DG 15 ? ? C4    A DG 15 ? ? C5    A DG 15 ? ? 102.86 105.40 -2.54  0.40 N 
34 1 N3    A DT 18 ? ? C2    A DT 18 ? ? O2    A DT 18 ? ? 118.68 122.30 -3.62  0.60 N 
35 1 "O4'" A DT 19 ? ? "C1'" A DT 19 ? ? N1    A DT 19 ? ? 113.03 108.30 4.73   0.30 N 
36 1 "O4'" A DG 21 ? ? "C4'" A DG 21 ? ? "C3'" A DG 21 ? ? 109.94 106.00 3.94   0.60 N 
37 1 "O4'" A DG 21 ? ? "C1'" A DG 21 ? ? N9    A DG 21 ? ? 111.62 108.30 3.32   0.30 N 
38 1 C5    A DG 21 ? ? C6    A DG 21 ? ? O6    A DG 21 ? ? 122.63 128.60 -5.97  0.60 N 
39 1 "C3'" A DG 21 ? ? "O3'" A DG 21 ? ? P     A DG 22 ? ? 127.82 119.70 8.12   1.20 Y 
40 1 C2    A DG 22 ? ? N3    A DG 22 ? ? C4    A DG 22 ? ? 116.42 111.90 4.52   0.50 N 
41 1 C5    A DG 22 ? ? C6    A DG 22 ? ? N1    A DG 22 ? ? 117.41 111.50 5.91   0.50 N 
42 1 C4    A DG 22 ? ? C5    A DG 22 ? ? N7    A DG 22 ? ? 113.28 110.80 2.48   0.40 N 
43 1 C5    A DG 22 ? ? C6    A DG 22 ? ? O6    A DG 22 ? ? 122.84 128.60 -5.76  0.60 N 
44 1 "O4'" A DG 23 ? ? "C1'" A DG 23 ? ? N9    A DG 23 ? ? 111.69 108.30 3.39   0.30 N 
45 1 C5    A DG 23 ? ? C6    A DG 23 ? ? N1    A DG 23 ? ? 114.51 111.50 3.01   0.50 N 
46 1 C6    B DT 1  ? ? C5    B DT 1  ? ? C7    B DT 1  ? ? 118.97 122.90 -3.93  0.60 N 
47 1 N1    B DA 2  ? ? C6    B DA 2  ? ? N6    B DA 2  ? ? 114.78 118.60 -3.82  0.60 N 
48 1 "O5'" B DG 3  ? ? "C5'" B DG 3  ? ? "C4'" B DG 3  ? ? 102.38 109.40 -7.02  0.80 N 
49 1 "C3'" B DG 3  ? ? "O3'" B DG 3  ? ? P     B DG 4  ? ? 127.46 119.70 7.76   1.20 Y 
50 1 C6    B DG 4  ? ? N1    B DG 4  ? ? C2    B DG 4  ? ? 119.26 125.10 -5.84  0.60 N 
51 1 C5    B DG 4  ? ? C6    B DG 4  ? ? N1    B DG 4  ? ? 117.21 111.50 5.71   0.50 N 
52 1 N3    B DG 4  ? ? C2    B DG 4  ? ? N2    B DG 4  ? ? 115.10 119.90 -4.80  0.70 N 
53 1 C5    B DG 4  ? ? C6    B DG 4  ? ? O6    B DG 4  ? ? 122.12 128.60 -6.48  0.60 N 
54 1 C8    B DG 5  ? ? N9    B DG 5  ? ? C4    B DG 5  ? ? 109.47 106.40 3.07   0.40 N 
55 1 N9    B DG 5  ? ? C4    B DG 5  ? ? C5    B DG 5  ? ? 102.80 105.40 -2.60  0.40 N 
56 1 N1    B DG 5  ? ? C6    B DG 5  ? ? O6    B DG 5  ? ? 124.43 119.90 4.53   0.60 N 
57 1 C5    B DG 5  ? ? C6    B DG 5  ? ? O6    B DG 5  ? ? 122.12 128.60 -6.48  0.60 N 
58 1 "O4'" B DG 10 ? ? "C1'" B DG 10 ? ? N9    B DG 10 ? ? 101.61 108.00 -6.39  0.70 N 
59 1 C8    B DG 10 ? ? N9    B DG 10 ? ? C4    B DG 10 ? ? 108.83 106.40 2.43   0.40 N 
60 1 N9    B DG 10 ? ? C4    B DG 10 ? ? C5    B DG 10 ? ? 102.38 105.40 -3.02  0.40 N 
61 1 "O4'" B DG 11 ? ? "C1'" B DG 11 ? ? N9    B DG 11 ? ? 111.52 108.30 3.22   0.30 N 
62 1 "O4'" B DT 12 ? ? "C1'" B DT 12 ? ? N1    B DT 12 ? ? 112.16 108.30 3.86   0.30 N 
63 1 N3    B DT 12 ? ? C4    B DT 12 ? ? O4    B DT 12 ? ? 124.23 119.90 4.33   0.60 N 
64 1 C5    B DT 12 ? ? C4    B DT 12 ? ? O4    B DT 12 ? ? 119.41 124.90 -5.49  0.70 N 
65 1 "O4'" B DA 14 ? ? "C1'" B DA 14 ? ? N9    B DA 14 ? ? 111.61 108.30 3.31   0.30 N 
66 1 "O4'" B DG 15 ? ? "C1'" B DG 15 ? ? N9    B DG 15 ? ? 102.42 108.00 -5.58  0.70 N 
67 1 C6    B DG 15 ? ? N1    B DG 15 ? ? C2    B DG 15 ? ? 119.58 125.10 -5.52  0.60 N 
68 1 C5    B DG 15 ? ? C6    B DG 15 ? ? N1    B DG 15 ? ? 115.04 111.50 3.54   0.50 N 
69 1 N3    B DG 15 ? ? C2    B DG 15 ? ? N2    B DG 15 ? ? 112.28 119.90 -7.62  0.70 N 
70 1 "O4'" B DG 16 ? ? "C1'" B DG 16 ? ? N9    B DG 16 ? ? 103.72 108.00 -4.28  0.70 N 
71 1 C6    B DG 16 ? ? N1    B DG 16 ? ? C2    B DG 16 ? ? 121.28 125.10 -3.82  0.60 N 
72 1 C5    B DG 16 ? ? C6    B DG 16 ? ? N1    B DG 16 ? ? 114.87 111.50 3.37   0.50 N 
73 1 C4    B DG 16 ? ? C5    B DG 16 ? ? N7    B DG 16 ? ? 113.29 110.80 2.49   0.40 N 
74 1 N3    B DG 16 ? ? C2    B DG 16 ? ? N2    B DG 16 ? ? 115.58 119.90 -4.32  0.70 N 
75 1 N1    B DG 16 ? ? C6    B DG 16 ? ? O6    B DG 16 ? ? 124.80 119.90 4.90   0.60 N 
76 1 C5    B DG 16 ? ? C6    B DG 16 ? ? O6    B DG 16 ? ? 120.30 128.60 -8.30  0.60 N 
77 1 C6    B DG 17 ? ? N1    B DG 17 ? ? C2    B DG 17 ? ? 120.69 125.10 -4.41  0.60 N 
78 1 N3    B DG 17 ? ? C4    B DG 17 ? ? C5    B DG 17 ? ? 125.07 128.60 -3.53  0.50 N 
79 1 C5    B DG 17 ? ? C6    B DG 17 ? ? N1    B DG 17 ? ? 115.54 111.50 4.04   0.50 N 
80 1 N3    B DG 17 ? ? C2    B DG 17 ? ? N2    B DG 17 ? ? 113.86 119.90 -6.04  0.70 N 
81 1 C5    B DG 17 ? ? C6    B DG 17 ? ? O6    B DG 17 ? ? 123.40 128.60 -5.20  0.60 N 
82 1 N3    B DT 18 ? ? C2    B DT 18 ? ? O2    B DT 18 ? ? 116.19 122.30 -6.11  0.60 N 
83 1 C6    B DT 18 ? ? C5    B DT 18 ? ? C7    B DT 18 ? ? 118.36 122.90 -4.54  0.60 N 
84 1 C6    B DT 19 ? ? C5    B DT 19 ? ? C7    B DT 19 ? ? 116.58 122.90 -6.32  0.60 N 
85 1 "C3'" B DA 20 ? ? "C2'" B DA 20 ? ? "C1'" B DA 20 ? ? 97.23  102.40 -5.17  0.80 N 
86 1 "O4'" B DA 20 ? ? "C1'" B DA 20 ? ? N9    B DA 20 ? ? 112.39 108.30 4.09   0.30 N 
87 1 "O4'" B DG 21 ? ? "C1'" B DG 21 ? ? N9    B DG 21 ? ? 110.42 108.30 2.12   0.30 N 
88 1 C6    B DG 21 ? ? N1    B DG 21 ? ? C2    B DG 21 ? ? 121.31 125.10 -3.79  0.60 N 
89 1 C5    B DG 21 ? ? C6    B DG 21 ? ? N1    B DG 21 ? ? 116.38 111.50 4.88   0.50 N 
90 1 N1    B DG 21 ? ? C6    B DG 21 ? ? O6    B DG 21 ? ? 124.10 119.90 4.20   0.60 N 
91 1 C5    B DG 21 ? ? C6    B DG 21 ? ? O6    B DG 21 ? ? 119.48 128.60 -9.12  0.60 N 
92 1 "C3'" B DG 22 ? ? "C2'" B DG 22 ? ? "C1'" B DG 22 ? ? 97.04  102.40 -5.36  0.80 N 
93 1 C5    B DG 22 ? ? C6    B DG 22 ? ? O6    B DG 22 ? ? 123.20 128.60 -5.40  0.60 N 
# 
loop_
_pdbx_unobs_or_zero_occ_atoms.id 
_pdbx_unobs_or_zero_occ_atoms.PDB_model_num 
_pdbx_unobs_or_zero_occ_atoms.polymer_flag 
_pdbx_unobs_or_zero_occ_atoms.occupancy_flag 
_pdbx_unobs_or_zero_occ_atoms.auth_asym_id 
_pdbx_unobs_or_zero_occ_atoms.auth_comp_id 
_pdbx_unobs_or_zero_occ_atoms.auth_seq_id 
_pdbx_unobs_or_zero_occ_atoms.PDB_ins_code 
_pdbx_unobs_or_zero_occ_atoms.auth_atom_id 
_pdbx_unobs_or_zero_occ_atoms.label_alt_id 
_pdbx_unobs_or_zero_occ_atoms.label_asym_id 
_pdbx_unobs_or_zero_occ_atoms.label_comp_id 
_pdbx_unobs_or_zero_occ_atoms.label_seq_id 
_pdbx_unobs_or_zero_occ_atoms.label_atom_id 
1 1 Y 1 A DA 2 ? P   ? A DA 2 P   
2 1 Y 1 A DA 2 ? OP1 ? A DA 2 OP1 
3 1 Y 1 A DA 2 ? OP2 ? A DA 2 OP2 
# 
_pdbx_unobs_or_zero_occ_residues.id               1 
_pdbx_unobs_or_zero_occ_residues.PDB_model_num    1 
_pdbx_unobs_or_zero_occ_residues.polymer_flag     Y 
_pdbx_unobs_or_zero_occ_residues.occupancy_flag   1 
_pdbx_unobs_or_zero_occ_residues.auth_asym_id     A 
_pdbx_unobs_or_zero_occ_residues.auth_comp_id     DT 
_pdbx_unobs_or_zero_occ_residues.auth_seq_id      1 
_pdbx_unobs_or_zero_occ_residues.PDB_ins_code     ? 
_pdbx_unobs_or_zero_occ_residues.label_asym_id    A 
_pdbx_unobs_or_zero_occ_residues.label_comp_id    DT 
_pdbx_unobs_or_zero_occ_residues.label_seq_id     1 
# 
loop_
_chem_comp_atom.comp_id 
_chem_comp_atom.atom_id 
_chem_comp_atom.type_symbol 
_chem_comp_atom.pdbx_aromatic_flag 
_chem_comp_atom.pdbx_stereo_config 
_chem_comp_atom.pdbx_ordinal 
DA  OP3    O N N 1   
DA  P      P N N 2   
DA  OP1    O N N 3   
DA  OP2    O N N 4   
DA  "O5'"  O N N 5   
DA  "C5'"  C N N 6   
DA  "C4'"  C N R 7   
DA  "O4'"  O N N 8   
DA  "C3'"  C N S 9   
DA  "O3'"  O N N 10  
DA  "C2'"  C N N 11  
DA  "C1'"  C N R 12  
DA  N9     N Y N 13  
DA  C8     C Y N 14  
DA  N7     N Y N 15  
DA  C5     C Y N 16  
DA  C6     C Y N 17  
DA  N6     N N N 18  
DA  N1     N Y N 19  
DA  C2     C Y N 20  
DA  N3     N Y N 21  
DA  C4     C Y N 22  
DA  HOP3   H N N 23  
DA  HOP2   H N N 24  
DA  "H5'"  H N N 25  
DA  "H5''" H N N 26  
DA  "H4'"  H N N 27  
DA  "H3'"  H N N 28  
DA  "HO3'" H N N 29  
DA  "H2'"  H N N 30  
DA  "H2''" H N N 31  
DA  "H1'"  H N N 32  
DA  H8     H N N 33  
DA  H61    H N N 34  
DA  H62    H N N 35  
DA  H2     H N N 36  
DG  OP3    O N N 37  
DG  P      P N N 38  
DG  OP1    O N N 39  
DG  OP2    O N N 40  
DG  "O5'"  O N N 41  
DG  "C5'"  C N N 42  
DG  "C4'"  C N R 43  
DG  "O4'"  O N N 44  
DG  "C3'"  C N S 45  
DG  "O3'"  O N N 46  
DG  "C2'"  C N N 47  
DG  "C1'"  C N R 48  
DG  N9     N Y N 49  
DG  C8     C Y N 50  
DG  N7     N Y N 51  
DG  C5     C Y N 52  
DG  C6     C N N 53  
DG  O6     O N N 54  
DG  N1     N N N 55  
DG  C2     C N N 56  
DG  N2     N N N 57  
DG  N3     N N N 58  
DG  C4     C Y N 59  
DG  HOP3   H N N 60  
DG  HOP2   H N N 61  
DG  "H5'"  H N N 62  
DG  "H5''" H N N 63  
DG  "H4'"  H N N 64  
DG  "H3'"  H N N 65  
DG  "HO3'" H N N 66  
DG  "H2'"  H N N 67  
DG  "H2''" H N N 68  
DG  "H1'"  H N N 69  
DG  H8     H N N 70  
DG  H1     H N N 71  
DG  H21    H N N 72  
DG  H22    H N N 73  
DT  OP3    O N N 74  
DT  P      P N N 75  
DT  OP1    O N N 76  
DT  OP2    O N N 77  
DT  "O5'"  O N N 78  
DT  "C5'"  C N N 79  
DT  "C4'"  C N R 80  
DT  "O4'"  O N N 81  
DT  "C3'"  C N S 82  
DT  "O3'"  O N N 83  
DT  "C2'"  C N N 84  
DT  "C1'"  C N R 85  
DT  N1     N N N 86  
DT  C2     C N N 87  
DT  O2     O N N 88  
DT  N3     N N N 89  
DT  C4     C N N 90  
DT  O4     O N N 91  
DT  C5     C N N 92  
DT  C7     C N N 93  
DT  C6     C N N 94  
DT  HOP3   H N N 95  
DT  HOP2   H N N 96  
DT  "H5'"  H N N 97  
DT  "H5''" H N N 98  
DT  "H4'"  H N N 99  
DT  "H3'"  H N N 100 
DT  "HO3'" H N N 101 
DT  "H2'"  H N N 102 
DT  "H2''" H N N 103 
DT  "H1'"  H N N 104 
DT  H3     H N N 105 
DT  H71    H N N 106 
DT  H72    H N N 107 
DT  H73    H N N 108 
DT  H6     H N N 109 
HOH O      O N N 110 
HOH H1     H N N 111 
HOH H2     H N N 112 
K   K      K N N 113 
NII O6     O N N 114 
NII C30    C N N 115 
NII C29    C N N 116 
NII C28    C N N 117 
NII N3     N N N 118 
NII C9     C Y N 119 
NII C8     C Y N 120 
NII C7     C Y N 121 
NII C14    C N N 122 
NII O1     O N N 123 
NII N2     N N N 124 
NII C18    C N N 125 
NII C19    C N N 126 
NII C20    C N N 127 
NII N5     N N N 128 
NII C24    C N N 129 
NII C23    C N N 130 
NII C13    C N N 131 
NII O4     O N N 132 
NII C10    C Y N 133 
NII C11    C N N 134 
NII O2     O N N 135 
NII N1     N N N 136 
NII C15    C N N 137 
NII C16    C N N 138 
NII C17    C N N 139 
NII N4     N N N 140 
NII C21    C N N 141 
NII C22    C N N 142 
NII C5     C Y N 143 
NII C6     C Y N 144 
NII C12    C N N 145 
NII O3     O N N 146 
NII C4     C Y N 147 
NII C3     C Y N 148 
NII C2     C Y N 149 
NII C1     C Y N 150 
NII N6     N N N 151 
NII C25    C N N 152 
NII C26    C N N 153 
NII C27    C N N 154 
NII O5     O N N 155 
NII HO6    H N N 156 
NII H30    H N N 157 
NII H30A   H N N 158 
NII H29    H N N 159 
NII H29A   H N N 160 
NII H28    H N N 161 
NII H28A   H N N 162 
NII HN3    H N N 163 
NII H8     H N N 164 
NII H18    H N N 165 
NII H18A   H N N 166 
NII H19    H N N 167 
NII H19A   H N N 168 
NII H20    H N N 169 
NII H20A   H N N 170 
NII H24    H N N 171 
NII H24A   H N N 172 
NII H24B   H N N 173 
NII H23    H N N 174 
NII H23A   H N N 175 
NII H23B   H N N 176 
NII H15    H N N 177 
NII H15A   H N N 178 
NII H16    H N N 179 
NII H16A   H N N 180 
NII H17    H N N 181 
NII H17A   H N N 182 
NII H21    H N N 183 
NII H21A   H N N 184 
NII H21B   H N N 185 
NII H22    H N N 186 
NII H22A   H N N 187 
NII H22B   H N N 188 
NII H1     H N N 189 
NII HN6    H N N 190 
NII H25    H N N 191 
NII H25A   H N N 192 
NII H26    H N N 193 
NII H26A   H N N 194 
NII H27    H N N 195 
NII H27A   H N N 196 
NII HO5    H N N 197 
# 
loop_
_chem_comp_bond.comp_id 
_chem_comp_bond.atom_id_1 
_chem_comp_bond.atom_id_2 
_chem_comp_bond.value_order 
_chem_comp_bond.pdbx_aromatic_flag 
_chem_comp_bond.pdbx_stereo_config 
_chem_comp_bond.pdbx_ordinal 
DA  OP3   P      sing N N 1   
DA  OP3   HOP3   sing N N 2   
DA  P     OP1    doub N N 3   
DA  P     OP2    sing N N 4   
DA  P     "O5'"  sing N N 5   
DA  OP2   HOP2   sing N N 6   
DA  "O5'" "C5'"  sing N N 7   
DA  "C5'" "C4'"  sing N N 8   
DA  "C5'" "H5'"  sing N N 9   
DA  "C5'" "H5''" sing N N 10  
DA  "C4'" "O4'"  sing N N 11  
DA  "C4'" "C3'"  sing N N 12  
DA  "C4'" "H4'"  sing N N 13  
DA  "O4'" "C1'"  sing N N 14  
DA  "C3'" "O3'"  sing N N 15  
DA  "C3'" "C2'"  sing N N 16  
DA  "C3'" "H3'"  sing N N 17  
DA  "O3'" "HO3'" sing N N 18  
DA  "C2'" "C1'"  sing N N 19  
DA  "C2'" "H2'"  sing N N 20  
DA  "C2'" "H2''" sing N N 21  
DA  "C1'" N9     sing N N 22  
DA  "C1'" "H1'"  sing N N 23  
DA  N9    C8     sing Y N 24  
DA  N9    C4     sing Y N 25  
DA  C8    N7     doub Y N 26  
DA  C8    H8     sing N N 27  
DA  N7    C5     sing Y N 28  
DA  C5    C6     sing Y N 29  
DA  C5    C4     doub Y N 30  
DA  C6    N6     sing N N 31  
DA  C6    N1     doub Y N 32  
DA  N6    H61    sing N N 33  
DA  N6    H62    sing N N 34  
DA  N1    C2     sing Y N 35  
DA  C2    N3     doub Y N 36  
DA  C2    H2     sing N N 37  
DA  N3    C4     sing Y N 38  
DG  OP3   P      sing N N 39  
DG  OP3   HOP3   sing N N 40  
DG  P     OP1    doub N N 41  
DG  P     OP2    sing N N 42  
DG  P     "O5'"  sing N N 43  
DG  OP2   HOP2   sing N N 44  
DG  "O5'" "C5'"  sing N N 45  
DG  "C5'" "C4'"  sing N N 46  
DG  "C5'" "H5'"  sing N N 47  
DG  "C5'" "H5''" sing N N 48  
DG  "C4'" "O4'"  sing N N 49  
DG  "C4'" "C3'"  sing N N 50  
DG  "C4'" "H4'"  sing N N 51  
DG  "O4'" "C1'"  sing N N 52  
DG  "C3'" "O3'"  sing N N 53  
DG  "C3'" "C2'"  sing N N 54  
DG  "C3'" "H3'"  sing N N 55  
DG  "O3'" "HO3'" sing N N 56  
DG  "C2'" "C1'"  sing N N 57  
DG  "C2'" "H2'"  sing N N 58  
DG  "C2'" "H2''" sing N N 59  
DG  "C1'" N9     sing N N 60  
DG  "C1'" "H1'"  sing N N 61  
DG  N9    C8     sing Y N 62  
DG  N9    C4     sing Y N 63  
DG  C8    N7     doub Y N 64  
DG  C8    H8     sing N N 65  
DG  N7    C5     sing Y N 66  
DG  C5    C6     sing N N 67  
DG  C5    C4     doub Y N 68  
DG  C6    O6     doub N N 69  
DG  C6    N1     sing N N 70  
DG  N1    C2     sing N N 71  
DG  N1    H1     sing N N 72  
DG  C2    N2     sing N N 73  
DG  C2    N3     doub N N 74  
DG  N2    H21    sing N N 75  
DG  N2    H22    sing N N 76  
DG  N3    C4     sing N N 77  
DT  OP3   P      sing N N 78  
DT  OP3   HOP3   sing N N 79  
DT  P     OP1    doub N N 80  
DT  P     OP2    sing N N 81  
DT  P     "O5'"  sing N N 82  
DT  OP2   HOP2   sing N N 83  
DT  "O5'" "C5'"  sing N N 84  
DT  "C5'" "C4'"  sing N N 85  
DT  "C5'" "H5'"  sing N N 86  
DT  "C5'" "H5''" sing N N 87  
DT  "C4'" "O4'"  sing N N 88  
DT  "C4'" "C3'"  sing N N 89  
DT  "C4'" "H4'"  sing N N 90  
DT  "O4'" "C1'"  sing N N 91  
DT  "C3'" "O3'"  sing N N 92  
DT  "C3'" "C2'"  sing N N 93  
DT  "C3'" "H3'"  sing N N 94  
DT  "O3'" "HO3'" sing N N 95  
DT  "C2'" "C1'"  sing N N 96  
DT  "C2'" "H2'"  sing N N 97  
DT  "C2'" "H2''" sing N N 98  
DT  "C1'" N1     sing N N 99  
DT  "C1'" "H1'"  sing N N 100 
DT  N1    C2     sing N N 101 
DT  N1    C6     sing N N 102 
DT  C2    O2     doub N N 103 
DT  C2    N3     sing N N 104 
DT  N3    C4     sing N N 105 
DT  N3    H3     sing N N 106 
DT  C4    O4     doub N N 107 
DT  C4    C5     sing N N 108 
DT  C5    C7     sing N N 109 
DT  C5    C6     doub N N 110 
DT  C7    H71    sing N N 111 
DT  C7    H72    sing N N 112 
DT  C7    H73    sing N N 113 
DT  C6    H6     sing N N 114 
HOH O     H1     sing N N 115 
HOH O     H2     sing N N 116 
NII O6    C30    sing N N 117 
NII C30   C29    sing N N 118 
NII C29   C28    sing N N 119 
NII C28   N3     sing N N 120 
NII N3    C9     sing N N 121 
NII C9    C8     sing Y N 122 
NII C9    C10    doub Y N 123 
NII C8    C7     doub Y N 124 
NII C7    C14    sing N N 125 
NII C7    C4     sing Y N 126 
NII C14   O1     doub N N 127 
NII C14   N2     sing N N 128 
NII N2    C18    sing N N 129 
NII N2    C13    sing N N 130 
NII C18   C19    sing N N 131 
NII C19   C20    sing N N 132 
NII C20   N5     sing N N 133 
NII N5    C24    sing N N 134 
NII N5    C23    sing N N 135 
NII C13   O4     doub N N 136 
NII C13   C3     sing N N 137 
NII C10   C11    sing N N 138 
NII C10   C5     sing Y N 139 
NII C11   O2     doub N N 140 
NII C11   N1     sing N N 141 
NII N1    C15    sing N N 142 
NII N1    C12    sing N N 143 
NII C15   C16    sing N N 144 
NII C16   C17    sing N N 145 
NII C17   N4     sing N N 146 
NII N4    C21    sing N N 147 
NII N4    C22    sing N N 148 
NII C5    C6     doub Y N 149 
NII C5    C4     sing Y N 150 
NII C6    C12    sing N N 151 
NII C6    C1     sing Y N 152 
NII C12   O3     doub N N 153 
NII C4    C3     doub Y N 154 
NII C3    C2     sing Y N 155 
NII C2    C1     doub Y N 156 
NII C2    N6     sing N N 157 
NII N6    C25    sing N N 158 
NII C25   C26    sing N N 159 
NII C26   C27    sing N N 160 
NII C27   O5     sing N N 161 
NII O6    HO6    sing N N 162 
NII C30   H30    sing N N 163 
NII C30   H30A   sing N N 164 
NII C29   H29    sing N N 165 
NII C29   H29A   sing N N 166 
NII C28   H28    sing N N 167 
NII C28   H28A   sing N N 168 
NII N3    HN3    sing N N 169 
NII C8    H8     sing N N 170 
NII C18   H18    sing N N 171 
NII C18   H18A   sing N N 172 
NII C19   H19    sing N N 173 
NII C19   H19A   sing N N 174 
NII C20   H20    sing N N 175 
NII C20   H20A   sing N N 176 
NII C24   H24    sing N N 177 
NII C24   H24A   sing N N 178 
NII C24   H24B   sing N N 179 
NII C23   H23    sing N N 180 
NII C23   H23A   sing N N 181 
NII C23   H23B   sing N N 182 
NII C15   H15    sing N N 183 
NII C15   H15A   sing N N 184 
NII C16   H16    sing N N 185 
NII C16   H16A   sing N N 186 
NII C17   H17    sing N N 187 
NII C17   H17A   sing N N 188 
NII C21   H21    sing N N 189 
NII C21   H21A   sing N N 190 
NII C21   H21B   sing N N 191 
NII C22   H22    sing N N 192 
NII C22   H22A   sing N N 193 
NII C22   H22B   sing N N 194 
NII C1    H1     sing N N 195 
NII N6    HN6    sing N N 196 
NII C25   H25    sing N N 197 
NII C25   H25A   sing N N 198 
NII C26   H26    sing N N 199 
NII C26   H26A   sing N N 200 
NII C27   H27    sing N N 201 
NII C27   H27A   sing N N 202 
NII O5    HO5    sing N N 203 
# 
loop_
_ndb_struct_conf_na.entry_id 
_ndb_struct_conf_na.feature 
3CDM 'double helix'    
3CDM 'quadruple helix' 
# 
loop_
_ndb_struct_na_base_pair.model_number 
_ndb_struct_na_base_pair.i_label_asym_id 
_ndb_struct_na_base_pair.i_label_comp_id 
_ndb_struct_na_base_pair.i_label_seq_id 
_ndb_struct_na_base_pair.i_symmetry 
_ndb_struct_na_base_pair.j_label_asym_id 
_ndb_struct_na_base_pair.j_label_comp_id 
_ndb_struct_na_base_pair.j_label_seq_id 
_ndb_struct_na_base_pair.j_symmetry 
_ndb_struct_na_base_pair.shear 
_ndb_struct_na_base_pair.stretch 
_ndb_struct_na_base_pair.stagger 
_ndb_struct_na_base_pair.buckle 
_ndb_struct_na_base_pair.propeller 
_ndb_struct_na_base_pair.opening 
_ndb_struct_na_base_pair.pair_number 
_ndb_struct_na_base_pair.pair_name 
_ndb_struct_na_base_pair.i_auth_asym_id 
_ndb_struct_na_base_pair.i_auth_seq_id 
_ndb_struct_na_base_pair.i_PDB_ins_code 
_ndb_struct_na_base_pair.j_auth_asym_id 
_ndb_struct_na_base_pair.j_auth_seq_id 
_ndb_struct_na_base_pair.j_PDB_ins_code 
_ndb_struct_na_base_pair.hbond_type_28 
_ndb_struct_na_base_pair.hbond_type_12 
1 A DA 2  1_555 B DT 13 1_555 -0.062 -0.040 -0.457 -34.497 -15.662 4.748    1  A_DA2:DT13_B  A 2  ? B 13 ? 20 1 
1 A DG 9  1_555 A DG 15 1_555 1.666  3.277  -0.010 0.597   -3.321  -92.203  2  A_DG9:DG15_A  A 9  ? A 15 ? 6  ? 
1 A DG 10 1_555 A DG 4  1_555 -1.670 -3.557 0.000  -3.014  6.596   87.996   3  A_DG10:DG4_A  A 10 ? A 4  ? 6  ? 
1 A DG 16 1_555 A DG 22 1_555 1.494  3.579  0.093  2.778   -2.154  -88.756  4  A_DG16:DG22_A A 16 ? A 22 ? 6  ? 
1 A DG 3  1_555 A DG 21 1_555 -1.639 -3.294 -0.124 -4.041  2.332   92.692   5  A_DG3:DG21_A  A 3  ? A 21 ? 6  ? 
1 A DT 13 1_555 B DA 2  1_555 -0.110 0.121  -0.161 28.795  -11.557 4.592    6  A_DT13:DA2_B  A 13 ? B 2  ? 20 1 
1 A DT 19 1_555 B DA 20 1_555 1.514  -1.860 -0.537 -15.818 -59.019 -123.507 7  A_DT19:DA20_B A 19 ? B 20 ? ?  ? 
1 B DT 1  1_555 B DA 8  1_555 -0.071 -0.170 0.365  -5.016  -9.956  3.159    8  B_DT1:DA8_B   B 1  ? B 8  ? 20 1 
1 B DG 15 1_555 B DG 21 1_555 1.758  3.593  -0.116 2.470   -5.435  -87.866  9  B_DG15:DG21_B B 15 ? B 21 ? 6  ? 
1 B DG 16 1_555 B DG 22 1_555 1.476  3.566  -0.065 4.302   -6.151  -89.452  10 B_DG16:DG22_B B 16 ? B 22 ? 6  ? 
1 B DG 17 1_555 B DG 23 1_555 1.662  3.199  -0.179 9.812   -13.479 -89.141  11 B_DG17:DG23_B B 17 ? B 23 ? 6  ? 
1 B DG 11 1_555 B DG 5  1_555 -1.511 -3.428 0.086  -7.277  11.215  90.863   12 B_DG11:DG5_B  B 11 ? B 5  ? 6  ? 
1 B DG 10 1_555 B DG 4  1_555 -1.619 -3.509 0.148  -1.767  8.676   88.944   13 B_DG10:DG4_B  B 10 ? B 4  ? 6  ? 
1 B DG 9  1_555 B DG 3  1_555 -1.789 -3.480 0.047  -1.090  3.587   89.939   14 B_DG9:DG3_B   B 9  ? B 3  ? 6  ? 
# 
loop_
_ndb_struct_na_base_pair_step.model_number 
_ndb_struct_na_base_pair_step.i_label_asym_id_1 
_ndb_struct_na_base_pair_step.i_label_comp_id_1 
_ndb_struct_na_base_pair_step.i_label_seq_id_1 
_ndb_struct_na_base_pair_step.i_symmetry_1 
_ndb_struct_na_base_pair_step.j_label_asym_id_1 
_ndb_struct_na_base_pair_step.j_label_comp_id_1 
_ndb_struct_na_base_pair_step.j_label_seq_id_1 
_ndb_struct_na_base_pair_step.j_symmetry_1 
_ndb_struct_na_base_pair_step.i_label_asym_id_2 
_ndb_struct_na_base_pair_step.i_label_comp_id_2 
_ndb_struct_na_base_pair_step.i_label_seq_id_2 
_ndb_struct_na_base_pair_step.i_symmetry_2 
_ndb_struct_na_base_pair_step.j_label_asym_id_2 
_ndb_struct_na_base_pair_step.j_label_comp_id_2 
_ndb_struct_na_base_pair_step.j_label_seq_id_2 
_ndb_struct_na_base_pair_step.j_symmetry_2 
_ndb_struct_na_base_pair_step.shift 
_ndb_struct_na_base_pair_step.slide 
_ndb_struct_na_base_pair_step.rise 
_ndb_struct_na_base_pair_step.tilt 
_ndb_struct_na_base_pair_step.roll 
_ndb_struct_na_base_pair_step.twist 
_ndb_struct_na_base_pair_step.x_displacement 
_ndb_struct_na_base_pair_step.y_displacement 
_ndb_struct_na_base_pair_step.helical_rise 
_ndb_struct_na_base_pair_step.inclination 
_ndb_struct_na_base_pair_step.tip 
_ndb_struct_na_base_pair_step.helical_twist 
_ndb_struct_na_base_pair_step.step_number 
_ndb_struct_na_base_pair_step.step_name 
_ndb_struct_na_base_pair_step.i_auth_asym_id_1 
_ndb_struct_na_base_pair_step.i_auth_seq_id_1 
_ndb_struct_na_base_pair_step.i_PDB_ins_code_1 
_ndb_struct_na_base_pair_step.j_auth_asym_id_1 
_ndb_struct_na_base_pair_step.j_auth_seq_id_1 
_ndb_struct_na_base_pair_step.j_PDB_ins_code_1 
_ndb_struct_na_base_pair_step.i_auth_asym_id_2 
_ndb_struct_na_base_pair_step.i_auth_seq_id_2 
_ndb_struct_na_base_pair_step.i_PDB_ins_code_2 
_ndb_struct_na_base_pair_step.j_auth_asym_id_2 
_ndb_struct_na_base_pair_step.j_auth_seq_id_2 
_ndb_struct_na_base_pair_step.j_PDB_ins_code_2 
1 A DG 9  1_555 A DG 15 1_555 A DG 10 1_555 A DG 4  1_555 0.706  1.680  3.238  2.966  0.131  -61.317  -1.652 0.829 3.201  -0.128 
2.906  -61.382  1 AA_DG9DG10:DG4DG15_AA   A 9  ? A 15 ? A 10 ? A 4  ? 
1 A DG 10 1_555 A DG 4  1_555 A DG 16 1_555 A DG 22 1_555 1.500  3.440  -0.046 6.105  -4.216 -179.708 -1.720 0.750 -0.046 2.108  
3.053  -179.708 2 AA_DG10DG16:DG22DG4_AA  A 10 ? A 4  ? A 16 ? A 22 ? 
1 A DG 16 1_555 A DG 22 1_555 A DG 3  1_555 A DG 21 1_555 -0.704 -1.735 -3.222 -5.182 -0.578 60.610   -1.741 0.938 -3.143 -0.571 
5.125  60.812   3 AA_DG16DG3:DG21DG22_AA  A 16 ? A 22 ? A 3  ? A 21 ? 
1 B DG 15 1_555 B DG 21 1_555 B DG 16 1_555 B DG 22 1_555 -0.689 -0.697 3.309  -0.973 3.124  26.037   -2.380 1.254 3.228  6.898  
2.148  26.238   4 BB_DG15DG16:DG22DG21_BB B 15 ? B 21 ? B 16 ? B 22 ? 
1 B DG 16 1_555 B DG 22 1_555 B DG 17 1_555 B DG 23 1_555 -0.497 -0.472 3.164  1.192  3.719  30.018   -1.623 1.182 3.063  7.142  
-2.290 30.265   5 BB_DG16DG17:DG23DG22_BB B 16 ? B 22 ? B 17 ? B 23 ? 
1 B DG 17 1_555 B DG 23 1_555 B DG 11 1_555 B DG 5  1_555 -1.721 -3.466 0.100  -9.873 11.324 177.908  -1.734 0.861 0.096  5.663  
4.937  177.926  6 BB_DG17DG11:DG5DG23_BB  B 17 ? B 23 ? B 11 ? B 5  ? 
1 B DG 11 1_555 B DG 5  1_555 B DG 10 1_555 B DG 4  1_555 0.594  0.529  -3.216 0.115  -3.669 -26.275  -2.095 1.266 -3.117 8.021  
0.252  -26.526  7 BB_DG11DG10:DG4DG5_BB   B 11 ? B 5  ? B 10 ? B 4  ? 
1 B DG 10 1_555 B DG 4  1_555 B DG 9  1_555 B DG 3  1_555 0.564  0.878  -3.167 -2.156 -2.782 -28.508  -2.364 1.596 -3.020 5.623  
-4.357 -28.720  8 BB_DG10DG9:DG3DG4_BB    B 10 ? B 4  ? B 9  ? B 3  ? 
# 
loop_
_pdbx_entity_nonpoly.entity_id 
_pdbx_entity_nonpoly.name 
_pdbx_entity_nonpoly.comp_id 
2 '2,7-bis[3-(dimethylamino)propyl]-4,9-bis[(3-hydroxypropyl)amino]benzo[lmn][3,8]phenanthroline-1,3,6,8(2H,7H)-tetrone' NII 
3 'POTASSIUM ION'                                                                                                        K   
4 water                                                                                                                  HOH 
# 
_pdbx_initial_refinement_model.id               1 
_pdbx_initial_refinement_model.entity_id_list   ? 
_pdbx_initial_refinement_model.type             'experimental model' 
_pdbx_initial_refinement_model.source_name      PDB 
_pdbx_initial_refinement_model.accession_code   1KF1 
_pdbx_initial_refinement_model.details          'PDB ENTRY 1KF1' 
# 
